data_2BS7
# 
_entry.id   2BS7 
# 
_audit_conform.dict_name       mmcif_pdbx.dic 
_audit_conform.dict_version    5.382 
_audit_conform.dict_location   http://mmcif.pdb.org/dictionaries/ascii/mmcif_pdbx.dic 
# 
loop_
_database_2.database_id 
_database_2.database_code 
_database_2.pdbx_database_accession 
_database_2.pdbx_DOI 
PDB   2BS7         pdb_00002bs7 10.2210/pdb2bs7/pdb 
PDBE  EBI-24072    ?            ?                   
WWPDB D_1290024072 ?            ?                   
# 
_pdbx_database_related.db_name        PDB 
_pdbx_database_related.db_id          2BS7 
_pdbx_database_related.content_type   unspecified 
_pdbx_database_related.details        'CRYSTAL STRUCTURE OF F17B-G IN COMPLEX WITH N-ACETYL-D-GLUCOSAMINE' 
# 
_pdbx_database_status.status_code                     REL 
_pdbx_database_status.entry_id                        2BS7 
_pdbx_database_status.deposit_site                    PDBE 
_pdbx_database_status.process_site                    PDBE 
_pdbx_database_status.SG_entry                        . 
_pdbx_database_status.recvd_initial_deposition_date   2005-05-18 
_pdbx_database_status.pdb_format_compatible           Y 
_pdbx_database_status.status_code_sf                  REL 
_pdbx_database_status.status_code_mr                  ? 
_pdbx_database_status.status_code_cs                  ? 
_pdbx_database_status.methods_development_category    ? 
_pdbx_database_status.status_code_nmr_data            ? 
# 
loop_
_audit_author.name 
_audit_author.pdbx_ordinal 
'Buts, L.'      1 
'Wellens, A.'   2 
'Van Molle, I.' 3 
'Wyns, L.'      4 
'Loris, R.'     5 
'Lahmann, M.'   6 
'Oscarson, S.'  7 
'De Greve, H.'  8 
'Bouckaert, J.' 9 
# 
_citation.id                        primary 
_citation.title                     'Impact of Natural Variation in Bacterial F17G Adhesins on Crystallization Behaviour.' 
_citation.journal_abbrev            'Acta Crystallogr.,Sect.D' 
_citation.journal_volume            61 
_citation.page_first                1149 
_citation.page_last                 ? 
_citation.year                      2005 
_citation.journal_id_ASTM           ABCRE6 
_citation.country                   DK 
_citation.journal_id_ISSN           0907-4449 
_citation.journal_id_CSD            0766 
_citation.book_publisher            ? 
_citation.pdbx_database_id_PubMed   16041081 
_citation.pdbx_database_id_DOI      10.1107/S0907444905017038 
# 
loop_
_citation_author.citation_id 
_citation_author.name 
_citation_author.ordinal 
_citation_author.identifier_ORCID 
primary 'Buts, L.'      1 ? 
primary 'Wellens, A.'   2 ? 
primary 'Van Molle, I.' 3 ? 
primary 'Wyns, L.'      4 ? 
primary 'Loris, R.'     5 ? 
primary 'Lahmann, M.'   6 ? 
primary 'Oscarson, S.'  7 ? 
primary 'De Greve, H.'  8 ? 
primary 'Bouckaert, J.' 9 ? 
# 
_cell.entry_id           2BS7 
_cell.length_a           86.698 
_cell.length_b           86.698 
_cell.length_c           57.043 
_cell.angle_alpha        90.00 
_cell.angle_beta         90.00 
_cell.angle_gamma        120.00 
_cell.Z_PDB              6 
_cell.pdbx_unique_axis   ? 
# 
_symmetry.entry_id                         2BS7 
_symmetry.space_group_name_H-M             'P 62' 
_symmetry.pdbx_full_space_group_name_H-M   ? 
_symmetry.cell_setting                     ? 
_symmetry.Int_Tables_number                171 
# 
loop_
_entity.id 
_entity.type 
_entity.src_method 
_entity.pdbx_description 
_entity.formula_weight 
_entity.pdbx_number_of_molecules 
_entity.pdbx_ec 
_entity.pdbx_mutation 
_entity.pdbx_fragment 
_entity.details 
1 polymer  man 'F17BG LECTIN'                                                                            18880.805 1   ? ? 
'LECTIN DOMAIN, RESIDUES 23-198' ? 
2 branched man '2-acetamido-2-deoxy-beta-D-glucopyranose-(1-4)-2-acetamido-2-deoxy-beta-D-glucopyranose' 424.401   1   ? ? ? ? 
3 water    nat water                                                                                     18.015    116 ? ? ? ? 
# 
_entity_poly.entity_id                      1 
_entity_poly.type                           'polypeptide(L)' 
_entity_poly.nstd_linkage                   no 
_entity_poly.nstd_monomer                   no 
_entity_poly.pdbx_seq_one_letter_code       
;VVSFIGSTENDVGPSQGSYSSTHAMDNLPFVYNTGYNIGYQNANVWRIGGGFCVGLDGKVDLPVVGSLDGQSIYGLTEEV
GLLIWMGDTNYSRGTAMSGNSWENVFSGWSVGNYLSTQGLSVHVRPVILKRNSSAQYSVQKTSIGSIRMRPYNGSSAGSV
QTTVNFSLNPFTLNDT
;
_entity_poly.pdbx_seq_one_letter_code_can   
;VVSFIGSTENDVGPSQGSYSSTHAMDNLPFVYNTGYNIGYQNANVWRIGGGFCVGLDGKVDLPVVGSLDGQSIYGLTEEV
GLLIWMGDTNYSRGTAMSGNSWENVFSGWSVGNYLSTQGLSVHVRPVILKRNSSAQYSVQKTSIGSIRMRPYNGSSAGSV
QTTVNFSLNPFTLNDT
;
_entity_poly.pdbx_strand_id                 1 
_entity_poly.pdbx_target_identifier         ? 
# 
loop_
_entity_poly_seq.entity_id 
_entity_poly_seq.num 
_entity_poly_seq.mon_id 
_entity_poly_seq.hetero 
1 1   VAL n 
1 2   VAL n 
1 3   SER n 
1 4   PHE n 
1 5   ILE n 
1 6   GLY n 
1 7   SER n 
1 8   THR n 
1 9   GLU n 
1 10  ASN n 
1 11  ASP n 
1 12  VAL n 
1 13  GLY n 
1 14  PRO n 
1 15  SER n 
1 16  GLN n 
1 17  GLY n 
1 18  SER n 
1 19  TYR n 
1 20  SER n 
1 21  SER n 
1 22  THR n 
1 23  HIS n 
1 24  ALA n 
1 25  MET n 
1 26  ASP n 
1 27  ASN n 
1 28  LEU n 
1 29  PRO n 
1 30  PHE n 
1 31  VAL n 
1 32  TYR n 
1 33  ASN n 
1 34  THR n 
1 35  GLY n 
1 36  TYR n 
1 37  ASN n 
1 38  ILE n 
1 39  GLY n 
1 40  TYR n 
1 41  GLN n 
1 42  ASN n 
1 43  ALA n 
1 44  ASN n 
1 45  VAL n 
1 46  TRP n 
1 47  ARG n 
1 48  ILE n 
1 49  GLY n 
1 50  GLY n 
1 51  GLY n 
1 52  PHE n 
1 53  CYS n 
1 54  VAL n 
1 55  GLY n 
1 56  LEU n 
1 57  ASP n 
1 58  GLY n 
1 59  LYS n 
1 60  VAL n 
1 61  ASP n 
1 62  LEU n 
1 63  PRO n 
1 64  VAL n 
1 65  VAL n 
1 66  GLY n 
1 67  SER n 
1 68  LEU n 
1 69  ASP n 
1 70  GLY n 
1 71  GLN n 
1 72  SER n 
1 73  ILE n 
1 74  TYR n 
1 75  GLY n 
1 76  LEU n 
1 77  THR n 
1 78  GLU n 
1 79  GLU n 
1 80  VAL n 
1 81  GLY n 
1 82  LEU n 
1 83  LEU n 
1 84  ILE n 
1 85  TRP n 
1 86  MET n 
1 87  GLY n 
1 88  ASP n 
1 89  THR n 
1 90  ASN n 
1 91  TYR n 
1 92  SER n 
1 93  ARG n 
1 94  GLY n 
1 95  THR n 
1 96  ALA n 
1 97  MET n 
1 98  SER n 
1 99  GLY n 
1 100 ASN n 
1 101 SER n 
1 102 TRP n 
1 103 GLU n 
1 104 ASN n 
1 105 VAL n 
1 106 PHE n 
1 107 SER n 
1 108 GLY n 
1 109 TRP n 
1 110 SER n 
1 111 VAL n 
1 112 GLY n 
1 113 ASN n 
1 114 TYR n 
1 115 LEU n 
1 116 SER n 
1 117 THR n 
1 118 GLN n 
1 119 GLY n 
1 120 LEU n 
1 121 SER n 
1 122 VAL n 
1 123 HIS n 
1 124 VAL n 
1 125 ARG n 
1 126 PRO n 
1 127 VAL n 
1 128 ILE n 
1 129 LEU n 
1 130 LYS n 
1 131 ARG n 
1 132 ASN n 
1 133 SER n 
1 134 SER n 
1 135 ALA n 
1 136 GLN n 
1 137 TYR n 
1 138 SER n 
1 139 VAL n 
1 140 GLN n 
1 141 LYS n 
1 142 THR n 
1 143 SER n 
1 144 ILE n 
1 145 GLY n 
1 146 SER n 
1 147 ILE n 
1 148 ARG n 
1 149 MET n 
1 150 ARG n 
1 151 PRO n 
1 152 TYR n 
1 153 ASN n 
1 154 GLY n 
1 155 SER n 
1 156 SER n 
1 157 ALA n 
1 158 GLY n 
1 159 SER n 
1 160 VAL n 
1 161 GLN n 
1 162 THR n 
1 163 THR n 
1 164 VAL n 
1 165 ASN n 
1 166 PHE n 
1 167 SER n 
1 168 LEU n 
1 169 ASN n 
1 170 PRO n 
1 171 PHE n 
1 172 THR n 
1 173 LEU n 
1 174 ASN n 
1 175 ASP n 
1 176 THR n 
# 
_entity_src_gen.entity_id                          1 
_entity_src_gen.pdbx_src_id                        1 
_entity_src_gen.pdbx_alt_source_flag               sample 
_entity_src_gen.pdbx_seq_type                      ? 
_entity_src_gen.pdbx_beg_seq_num                   ? 
_entity_src_gen.pdbx_end_seq_num                   ? 
_entity_src_gen.gene_src_common_name               ? 
_entity_src_gen.gene_src_genus                     ? 
_entity_src_gen.pdbx_gene_src_gene                 ? 
_entity_src_gen.gene_src_species                   ? 
_entity_src_gen.gene_src_strain                    ? 
_entity_src_gen.gene_src_tissue                    ? 
_entity_src_gen.gene_src_tissue_fraction           ? 
_entity_src_gen.gene_src_details                   ? 
_entity_src_gen.pdbx_gene_src_fragment             ? 
_entity_src_gen.pdbx_gene_src_scientific_name      'ESCHERICHIA COLI' 
_entity_src_gen.pdbx_gene_src_ncbi_taxonomy_id     562 
_entity_src_gen.pdbx_gene_src_variant              'VARIANT B' 
_entity_src_gen.pdbx_gene_src_cell_line            ? 
_entity_src_gen.pdbx_gene_src_atcc                 ? 
_entity_src_gen.pdbx_gene_src_organ                ? 
_entity_src_gen.pdbx_gene_src_organelle            ? 
_entity_src_gen.pdbx_gene_src_cell                 ? 
_entity_src_gen.pdbx_gene_src_cellular_location    ? 
_entity_src_gen.host_org_common_name               ? 
_entity_src_gen.pdbx_host_org_scientific_name      'ESCHERICHIA COLI' 
_entity_src_gen.pdbx_host_org_ncbi_taxonomy_id     469008 
_entity_src_gen.host_org_genus                     ? 
_entity_src_gen.pdbx_host_org_gene                 ? 
_entity_src_gen.pdbx_host_org_organ                ? 
_entity_src_gen.host_org_species                   ? 
_entity_src_gen.pdbx_host_org_tissue               ? 
_entity_src_gen.pdbx_host_org_tissue_fraction      ? 
_entity_src_gen.pdbx_host_org_strain               'BL21(DE3)' 
_entity_src_gen.pdbx_host_org_variant              C43 
_entity_src_gen.pdbx_host_org_cell_line            ? 
_entity_src_gen.pdbx_host_org_atcc                 ? 
_entity_src_gen.pdbx_host_org_culture_collection   ? 
_entity_src_gen.pdbx_host_org_cell                 ? 
_entity_src_gen.pdbx_host_org_organelle            ? 
_entity_src_gen.pdbx_host_org_cellular_location    ? 
_entity_src_gen.pdbx_host_org_vector_type          ? 
_entity_src_gen.pdbx_host_org_vector               ? 
_entity_src_gen.host_org_details                   ? 
_entity_src_gen.expression_system_id               ? 
_entity_src_gen.plasmid_name                       PBAD 
_entity_src_gen.plasmid_details                    ? 
_entity_src_gen.pdbx_description                   'F17-POSITIVE ISOLATE E. COLI STRAIN' 
# 
_struct_ref.id                         1 
_struct_ref.db_name                    UNP 
_struct_ref.db_code                    Q47200_ECOLI 
_struct_ref.entity_id                  1 
_struct_ref.pdbx_seq_one_letter_code   ? 
_struct_ref.pdbx_align_begin           ? 
_struct_ref.pdbx_db_accession          Q47200 
_struct_ref.pdbx_db_isoform            ? 
# 
loop_
_struct_ref_seq.align_id 
_struct_ref_seq.ref_id 
_struct_ref_seq.pdbx_PDB_id_code 
_struct_ref_seq.pdbx_strand_id 
_struct_ref_seq.seq_align_beg 
_struct_ref_seq.pdbx_seq_align_beg_ins_code 
_struct_ref_seq.seq_align_end 
_struct_ref_seq.pdbx_seq_align_end_ins_code 
_struct_ref_seq.pdbx_db_accession 
_struct_ref_seq.db_align_beg 
_struct_ref_seq.pdbx_db_align_beg_ins_code 
_struct_ref_seq.db_align_end 
_struct_ref_seq.pdbx_db_align_end_ins_code 
_struct_ref_seq.pdbx_auth_seq_align_beg 
_struct_ref_seq.pdbx_auth_seq_align_end 
1 1 2BS7 1 1   ? 112 ? Q47200 23  ? 133 ? 1   112 
2 1 2BS7 1 113 ? 176 ? Q47200 134 ? 198 ? 114 177 
# 
loop_
_chem_comp.id 
_chem_comp.type 
_chem_comp.mon_nstd_flag 
_chem_comp.name 
_chem_comp.pdbx_synonyms 
_chem_comp.formula 
_chem_comp.formula_weight 
ALA 'L-peptide linking'          y ALANINE                                  ? 'C3 H7 N O2'     89.093  
ARG 'L-peptide linking'          y ARGININE                                 ? 'C6 H15 N4 O2 1' 175.209 
ASN 'L-peptide linking'          y ASPARAGINE                               ? 'C4 H8 N2 O3'    132.118 
ASP 'L-peptide linking'          y 'ASPARTIC ACID'                          ? 'C4 H7 N O4'     133.103 
CYS 'L-peptide linking'          y CYSTEINE                                 ? 'C3 H7 N O2 S'   121.158 
GLN 'L-peptide linking'          y GLUTAMINE                                ? 'C5 H10 N2 O3'   146.144 
GLU 'L-peptide linking'          y 'GLUTAMIC ACID'                          ? 'C5 H9 N O4'     147.129 
GLY 'peptide linking'            y GLYCINE                                  ? 'C2 H5 N O2'     75.067  
HIS 'L-peptide linking'          y HISTIDINE                                ? 'C6 H10 N3 O2 1' 156.162 
HOH non-polymer                  . WATER                                    ? 'H2 O'           18.015  
ILE 'L-peptide linking'          y ISOLEUCINE                               ? 'C6 H13 N O2'    131.173 
LEU 'L-peptide linking'          y LEUCINE                                  ? 'C6 H13 N O2'    131.173 
LYS 'L-peptide linking'          y LYSINE                                   ? 'C6 H15 N2 O2 1' 147.195 
MET 'L-peptide linking'          y METHIONINE                               ? 'C5 H11 N O2 S'  149.211 
NAG 'D-saccharide, beta linking' . 2-acetamido-2-deoxy-beta-D-glucopyranose 
;N-acetyl-beta-D-glucosamine; 2-acetamido-2-deoxy-beta-D-glucose; 2-acetamido-2-deoxy-D-glucose; 2-acetamido-2-deoxy-glucose; N-ACETYL-D-GLUCOSAMINE
;
'C8 H15 N O6'    221.208 
PHE 'L-peptide linking'          y PHENYLALANINE                            ? 'C9 H11 N O2'    165.189 
PRO 'L-peptide linking'          y PROLINE                                  ? 'C5 H9 N O2'     115.130 
SER 'L-peptide linking'          y SERINE                                   ? 'C3 H7 N O3'     105.093 
THR 'L-peptide linking'          y THREONINE                                ? 'C4 H9 N O3'     119.119 
TRP 'L-peptide linking'          y TRYPTOPHAN                               ? 'C11 H12 N2 O2'  204.225 
TYR 'L-peptide linking'          y TYROSINE                                 ? 'C9 H11 N O3'    181.189 
VAL 'L-peptide linking'          y VALINE                                   ? 'C5 H11 N O2'    117.146 
# 
_exptl.entry_id          2BS7 
_exptl.method            'X-RAY DIFFRACTION' 
_exptl.crystals_number   1 
# 
_exptl_crystal.id                    1 
_exptl_crystal.density_meas          ? 
_exptl_crystal.density_Matthews      3.4 
_exptl_crystal.density_percent_sol   65 
_exptl_crystal.description           ? 
# 
_exptl_crystal_grow.crystal_id      1 
_exptl_crystal_grow.method          'VAPOR DIFFUSION, HANGING DROP' 
_exptl_crystal_grow.temp            ? 
_exptl_crystal_grow.temp_details    ? 
_exptl_crystal_grow.pH              8.50 
_exptl_crystal_grow.pdbx_pH_range   ? 
_exptl_crystal_grow.pdbx_details    
'HANGING DROP: 1 MICROLITER OF 1.2 M LI2SO4, 10 MM NICL2, 100 MM TRIS PH 8.5 PLUS 1 MICROLITER 16 MG/ML F17BG' 
# 
_diffrn.id                     1 
_diffrn.ambient_temp           100.0 
_diffrn.ambient_temp_details   ? 
_diffrn.crystal_id             1 
# 
_diffrn_detector.diffrn_id              1 
_diffrn_detector.detector               CCD 
_diffrn_detector.type                   MARRESEARCH 
_diffrn_detector.pdbx_collection_date   2003-02-20 
_diffrn_detector.details                'BENT MIRROR' 
# 
_diffrn_radiation.diffrn_id                        1 
_diffrn_radiation.wavelength_id                    1 
_diffrn_radiation.pdbx_monochromatic_or_laue_m_l   M 
_diffrn_radiation.monochromator                    'TRIANGULAR MONOCHROMATOR' 
_diffrn_radiation.pdbx_diffrn_protocol             'SINGLE WAVELENGTH' 
_diffrn_radiation.pdbx_scattering_type             x-ray 
# 
_diffrn_radiation_wavelength.id           1 
_diffrn_radiation_wavelength.wavelength   0.8 
_diffrn_radiation_wavelength.wt           1.0 
# 
_diffrn_source.diffrn_id                   1 
_diffrn_source.source                      SYNCHROTRON 
_diffrn_source.type                        'EMBL/DESY, HAMBURG BEAMLINE X13' 
_diffrn_source.pdbx_synchrotron_site       'EMBL/DESY, HAMBURG' 
_diffrn_source.pdbx_synchrotron_beamline   X13 
_diffrn_source.pdbx_wavelength             0.8 
_diffrn_source.pdbx_wavelength_list        ? 
# 
_reflns.pdbx_diffrn_id               1 
_reflns.pdbx_ordinal                 1 
_reflns.entry_id                     2BS7 
_reflns.observed_criterion_sigma_I   0.000 
_reflns.observed_criterion_sigma_F   ? 
_reflns.d_resolution_low             35.000 
_reflns.d_resolution_high            2.100 
_reflns.number_obs                   8000 
_reflns.number_all                   ? 
_reflns.percent_possible_obs         99.6 
_reflns.pdbx_Rmerge_I_obs            0.04000 
_reflns.pdbx_Rsym_value              ? 
_reflns.pdbx_netI_over_sigmaI        29.0000 
_reflns.B_iso_Wilson_estimate        35.9 
_reflns.pdbx_redundancy              9.300 
# 
_reflns_shell.pdbx_diffrn_id         1 
_reflns_shell.pdbx_ordinal           1 
_reflns_shell.d_res_high             2.10 
_reflns_shell.d_res_low              2.18 
_reflns_shell.percent_possible_all   99.8 
_reflns_shell.Rmerge_I_obs           0.41000 
_reflns_shell.pdbx_Rsym_value        ? 
_reflns_shell.meanI_over_sigI_obs    5.500 
_reflns_shell.pdbx_redundancy        6.40 
# 
_refine.pdbx_refine_id                           'X-RAY DIFFRACTION' 
_refine.entry_id                                 2BS7 
_refine.pdbx_diffrn_id                           1 
_refine.pdbx_TLS_residual_ADP_flag               ? 
_refine.ls_number_reflns_obs                     14326 
_refine.ls_number_reflns_all                     ? 
_refine.pdbx_ls_sigma_I                          ? 
_refine.pdbx_ls_sigma_F                          0.0 
_refine.pdbx_data_cutoff_high_absF               1204868.92 
_refine.pdbx_data_cutoff_low_absF                ? 
_refine.pdbx_data_cutoff_high_rms_absF           ? 
_refine.ls_d_res_low                             34.51 
_refine.ls_d_res_high                            2.10 
_refine.ls_percent_reflns_obs                    99.6 
_refine.ls_R_factor_obs                          0.216 
_refine.ls_R_factor_all                          ? 
_refine.ls_R_factor_R_work                       0.216 
_refine.ls_R_factor_R_free                       0.268 
_refine.ls_R_factor_R_free_error                 0.007 
_refine.ls_R_factor_R_free_error_details         ? 
_refine.ls_percent_reflns_R_free                 10.2 
_refine.ls_number_reflns_R_free                  1458 
_refine.ls_number_parameters                     ? 
_refine.ls_number_restraints                     ? 
_refine.occupancy_min                            ? 
_refine.occupancy_max                            ? 
_refine.correlation_coeff_Fo_to_Fc               ? 
_refine.correlation_coeff_Fo_to_Fc_free          ? 
_refine.B_iso_mean                               51.02 
_refine.aniso_B[1][1]                            1.01 
_refine.aniso_B[2][2]                            1.01 
_refine.aniso_B[3][3]                            -2.02 
_refine.aniso_B[1][2]                            9.18 
_refine.aniso_B[1][3]                            0.00 
_refine.aniso_B[2][3]                            0.00 
_refine.solvent_model_details                    'CNS BULK SOLVENT MODEL USED' 
_refine.solvent_model_param_ksol                 0.363831 
_refine.solvent_model_param_bsol                 70.3784 
_refine.pdbx_solvent_vdw_probe_radii             ? 
_refine.pdbx_solvent_ion_probe_radii             ? 
_refine.pdbx_solvent_shrinkage_radii             ? 
_refine.pdbx_ls_cross_valid_method               THROUGHOUT 
_refine.details                                  ? 
_refine.pdbx_starting_model                      'PDB ENTRY 1O9W' 
_refine.pdbx_method_to_determine_struct          'MOLECULAR REPLACEMENT' 
_refine.pdbx_isotropic_thermal_model             ? 
_refine.pdbx_stereochemistry_target_values       'MAXIMUM LIKELIHOOD' 
_refine.pdbx_stereochem_target_val_spec_case     ? 
_refine.pdbx_R_Free_selection_details            RANDOM 
_refine.pdbx_overall_ESU_R                       ? 
_refine.pdbx_overall_ESU_R_Free                  ? 
_refine.overall_SU_ML                            ? 
_refine.pdbx_overall_phase_error                 ? 
_refine.overall_SU_B                             ? 
_refine.overall_SU_R_Cruickshank_DPI             ? 
_refine.pdbx_overall_SU_R_free_Cruickshank_DPI   ? 
_refine.pdbx_overall_SU_R_Blow_DPI               ? 
_refine.pdbx_overall_SU_R_free_Blow_DPI          ? 
# 
_refine_analyze.pdbx_refine_id                  'X-RAY DIFFRACTION' 
_refine_analyze.entry_id                        2BS7 
_refine_analyze.Luzzati_coordinate_error_obs    0.27 
_refine_analyze.Luzzati_sigma_a_obs             0.17 
_refine_analyze.Luzzati_d_res_low_obs           5.00 
_refine_analyze.Luzzati_coordinate_error_free   0.34 
_refine_analyze.Luzzati_sigma_a_free            0.22 
_refine_analyze.Luzzati_d_res_low_free          ? 
_refine_analyze.number_disordered_residues      ? 
_refine_analyze.occupancy_sum_hydrogen          ? 
_refine_analyze.occupancy_sum_non_hydrogen      ? 
# 
_refine_hist.pdbx_refine_id                   'X-RAY DIFFRACTION' 
_refine_hist.cycle_id                         LAST 
_refine_hist.pdbx_number_atoms_protein        1329 
_refine_hist.pdbx_number_atoms_nucleic_acid   0 
_refine_hist.pdbx_number_atoms_ligand         29 
_refine_hist.number_atoms_solvent             116 
_refine_hist.number_atoms_total               1474 
_refine_hist.d_res_high                       2.10 
_refine_hist.d_res_low                        34.51 
# 
loop_
_refine_ls_restr.type 
_refine_ls_restr.dev_ideal 
_refine_ls_restr.dev_ideal_target 
_refine_ls_restr.weight 
_refine_ls_restr.number 
_refine_ls_restr.pdbx_refine_id 
_refine_ls_restr.pdbx_restraint_function 
c_bond_d                0.013 ? ? ? 'X-RAY DIFFRACTION' ? 
c_bond_d_na             ?     ? ? ? 'X-RAY DIFFRACTION' ? 
c_bond_d_prot           ?     ? ? ? 'X-RAY DIFFRACTION' ? 
c_angle_d               ?     ? ? ? 'X-RAY DIFFRACTION' ? 
c_angle_d_na            ?     ? ? ? 'X-RAY DIFFRACTION' ? 
c_angle_d_prot          ?     ? ? ? 'X-RAY DIFFRACTION' ? 
c_angle_deg             1.7   ? ? ? 'X-RAY DIFFRACTION' ? 
c_angle_deg_na          ?     ? ? ? 'X-RAY DIFFRACTION' ? 
c_angle_deg_prot        ?     ? ? ? 'X-RAY DIFFRACTION' ? 
c_dihedral_angle_d      ?     ? ? ? 'X-RAY DIFFRACTION' ? 
c_dihedral_angle_d_na   ?     ? ? ? 'X-RAY DIFFRACTION' ? 
c_dihedral_angle_d_prot ?     ? ? ? 'X-RAY DIFFRACTION' ? 
c_improper_angle_d      ?     ? ? ? 'X-RAY DIFFRACTION' ? 
c_improper_angle_d_na   ?     ? ? ? 'X-RAY DIFFRACTION' ? 
c_improper_angle_d_prot ?     ? ? ? 'X-RAY DIFFRACTION' ? 
c_mcbond_it             ?     ? ? ? 'X-RAY DIFFRACTION' ? 
c_mcangle_it            ?     ? ? ? 'X-RAY DIFFRACTION' ? 
c_scbond_it             ?     ? ? ? 'X-RAY DIFFRACTION' ? 
c_scangle_it            ?     ? ? ? 'X-RAY DIFFRACTION' ? 
# 
_refine_ls_shell.pdbx_refine_id                   'X-RAY DIFFRACTION' 
_refine_ls_shell.pdbx_total_number_of_bins_used   10 
_refine_ls_shell.d_res_high                       2.10 
_refine_ls_shell.d_res_low                        35 
_refine_ls_shell.number_reflns_R_work             ? 
_refine_ls_shell.R_factor_R_work                  ? 
_refine_ls_shell.percent_reflns_obs               99.6 
_refine_ls_shell.R_factor_R_free                  ? 
_refine_ls_shell.R_factor_R_free_error            ? 
_refine_ls_shell.percent_reflns_R_free            ? 
_refine_ls_shell.number_reflns_R_free             ? 
_refine_ls_shell.number_reflns_all                ? 
_refine_ls_shell.R_factor_all                     ? 
# 
_struct.entry_id                  2BS7 
_struct.title                     'Crystal structure of F17b-G in complex with chitobiose' 
_struct.pdbx_model_details        ? 
_struct.pdbx_CASP_flag            ? 
_struct.pdbx_model_type_details   ? 
# 
_struct_keywords.entry_id        2BS7 
_struct_keywords.pdbx_keywords   LECTIN 
_struct_keywords.text            
'BACTERIAL ADHESIN, BACTERIAL ATTACHMENT, PATHOGENESIS, IMMUNOGLOBULIN FOLD ADHESIN, LECTIN, FIMBRIAE, PROTEIN-SUGAR COMPLEX' 
# 
loop_
_struct_asym.id 
_struct_asym.pdbx_blank_PDB_chainid_flag 
_struct_asym.pdbx_modified 
_struct_asym.entity_id 
_struct_asym.details 
A N N 1 ? 
B N N 2 ? 
C N N 3 ? 
# 
_struct_biol.id   1 
# 
_struct_conf.conf_type_id            HELX_P 
_struct_conf.id                      HELX_P1 
_struct_conf.pdbx_PDB_helix_id       1 
_struct_conf.beg_label_comp_id       ASN 
_struct_conf.beg_label_asym_id       A 
_struct_conf.beg_label_seq_id        90 
_struct_conf.pdbx_beg_PDB_ins_code   ? 
_struct_conf.end_label_comp_id       GLY 
_struct_conf.end_label_asym_id       A 
_struct_conf.end_label_seq_id        94 
_struct_conf.pdbx_end_PDB_ins_code   ? 
_struct_conf.beg_auth_comp_id        ASN 
_struct_conf.beg_auth_asym_id        1 
_struct_conf.beg_auth_seq_id         90 
_struct_conf.end_auth_comp_id        GLY 
_struct_conf.end_auth_asym_id        1 
_struct_conf.end_auth_seq_id         94 
_struct_conf.pdbx_PDB_helix_class    5 
_struct_conf.details                 ? 
_struct_conf.pdbx_PDB_helix_length   5 
# 
_struct_conf_type.id          HELX_P 
_struct_conf_type.criteria    ? 
_struct_conf_type.reference   ? 
# 
_struct_conn.id                            covale1 
_struct_conn.conn_type_id                  covale 
_struct_conn.pdbx_leaving_atom_flag        both 
_struct_conn.pdbx_PDB_id                   ? 
_struct_conn.ptnr1_label_asym_id           B 
_struct_conn.ptnr1_label_comp_id           NAG 
_struct_conn.ptnr1_label_seq_id            . 
_struct_conn.ptnr1_label_atom_id           O4 
_struct_conn.pdbx_ptnr1_label_alt_id       ? 
_struct_conn.pdbx_ptnr1_PDB_ins_code       ? 
_struct_conn.pdbx_ptnr1_standard_comp_id   ? 
_struct_conn.ptnr1_symmetry                1_555 
_struct_conn.ptnr2_label_asym_id           B 
_struct_conn.ptnr2_label_comp_id           NAG 
_struct_conn.ptnr2_label_seq_id            . 
_struct_conn.ptnr2_label_atom_id           C1 
_struct_conn.pdbx_ptnr2_label_alt_id       ? 
_struct_conn.pdbx_ptnr2_PDB_ins_code       ? 
_struct_conn.ptnr1_auth_asym_id            A 
_struct_conn.ptnr1_auth_comp_id            NAG 
_struct_conn.ptnr1_auth_seq_id             1 
_struct_conn.ptnr2_auth_asym_id            A 
_struct_conn.ptnr2_auth_comp_id            NAG 
_struct_conn.ptnr2_auth_seq_id             2 
_struct_conn.ptnr2_symmetry                1_555 
_struct_conn.pdbx_ptnr3_label_atom_id      ? 
_struct_conn.pdbx_ptnr3_label_seq_id       ? 
_struct_conn.pdbx_ptnr3_label_comp_id      ? 
_struct_conn.pdbx_ptnr3_label_asym_id      ? 
_struct_conn.pdbx_ptnr3_label_alt_id       ? 
_struct_conn.pdbx_ptnr3_PDB_ins_code       ? 
_struct_conn.details                       ? 
_struct_conn.pdbx_dist_value               1.398 
_struct_conn.pdbx_value_order              sing 
_struct_conn.pdbx_role                     ? 
# 
_struct_conn_type.id          covale 
_struct_conn_type.criteria    ? 
_struct_conn_type.reference   ? 
# 
_struct_mon_prot_cis.pdbx_id                1 
_struct_mon_prot_cis.label_comp_id          LEU 
_struct_mon_prot_cis.label_seq_id           28 
_struct_mon_prot_cis.label_asym_id          A 
_struct_mon_prot_cis.label_alt_id           . 
_struct_mon_prot_cis.pdbx_PDB_ins_code      ? 
_struct_mon_prot_cis.auth_comp_id           LEU 
_struct_mon_prot_cis.auth_seq_id            28 
_struct_mon_prot_cis.auth_asym_id           1 
_struct_mon_prot_cis.pdbx_label_comp_id_2   PRO 
_struct_mon_prot_cis.pdbx_label_seq_id_2    29 
_struct_mon_prot_cis.pdbx_label_asym_id_2   A 
_struct_mon_prot_cis.pdbx_PDB_ins_code_2    ? 
_struct_mon_prot_cis.pdbx_auth_comp_id_2    PRO 
_struct_mon_prot_cis.pdbx_auth_seq_id_2     29 
_struct_mon_prot_cis.pdbx_auth_asym_id_2    1 
_struct_mon_prot_cis.pdbx_PDB_model_num     1 
_struct_mon_prot_cis.pdbx_omega_angle       -0.31 
# 
loop_
_struct_sheet.id 
_struct_sheet.type 
_struct_sheet.number_strands 
_struct_sheet.details 
1A ? 4 ? 
1B ? 4 ? 
1C ? 5 ? 
1D ? 3 ? 
# 
loop_
_struct_sheet_order.sheet_id 
_struct_sheet_order.range_id_1 
_struct_sheet_order.range_id_2 
_struct_sheet_order.offset 
_struct_sheet_order.sense 
1A 1 2 ? anti-parallel 
1A 2 3 ? anti-parallel 
1A 3 4 ? anti-parallel 
1B 1 2 ? anti-parallel 
1B 2 3 ? anti-parallel 
1B 3 4 ? anti-parallel 
1C 1 2 ? parallel      
1C 2 3 ? anti-parallel 
1C 3 4 ? anti-parallel 
1C 4 5 ? anti-parallel 
1D 1 2 ? parallel      
1D 2 3 ? anti-parallel 
# 
loop_
_struct_sheet_range.sheet_id 
_struct_sheet_range.id 
_struct_sheet_range.beg_label_comp_id 
_struct_sheet_range.beg_label_asym_id 
_struct_sheet_range.beg_label_seq_id 
_struct_sheet_range.pdbx_beg_PDB_ins_code 
_struct_sheet_range.end_label_comp_id 
_struct_sheet_range.end_label_asym_id 
_struct_sheet_range.end_label_seq_id 
_struct_sheet_range.pdbx_end_PDB_ins_code 
_struct_sheet_range.beg_auth_comp_id 
_struct_sheet_range.beg_auth_asym_id 
_struct_sheet_range.beg_auth_seq_id 
_struct_sheet_range.end_auth_comp_id 
_struct_sheet_range.end_auth_asym_id 
_struct_sheet_range.end_auth_seq_id 
1A 1 VAL A 2   ? PHE A 4   ? VAL 1 2   PHE 1 4   
1A 2 GLY A 39  ? GLY A 49  ? GLY 1 39  GLY 1 49  
1A 3 LEU A 115 ? ILE A 128 ? LEU 1 116 ILE 1 129 
1A 4 PHE A 30  ? VAL A 31  ? PHE 1 30  VAL 1 31  
1B 1 VAL A 2   ? PHE A 4   ? VAL 1 2   PHE 1 4   
1B 2 GLY A 39  ? GLY A 49  ? GLY 1 39  GLY 1 49  
1B 3 LEU A 115 ? ILE A 128 ? LEU 1 116 ILE 1 129 
1B 4 VAL A 80  ? GLY A 87  ? VAL 1 80  GLY 1 87  
1C 1 GLU A 9   ? VAL A 12  ? GLU 1 9   VAL 1 12  
1C 2 THR A 163 ? LEU A 168 ? THR 1 164 LEU 1 169 
1C 3 THR A 142 ? PRO A 151 ? THR 1 143 PRO 1 152 
1C 4 CYS A 53  ? VAL A 60  ? CYS 1 53  VAL 1 60  
1C 5 GLU A 103 ? SER A 110 ? GLU 1 103 SER 1 110 
1D 1 GLY A 17  ? SER A 21  ? GLY 1 17  SER 1 21  
1D 2 PHE A 171 ? ASP A 175 ? PHE 1 172 ASP 1 176 
1D 3 GLN A 136 ? VAL A 139 ? GLN 1 137 VAL 1 140 
# 
loop_
_pdbx_struct_sheet_hbond.sheet_id 
_pdbx_struct_sheet_hbond.range_id_1 
_pdbx_struct_sheet_hbond.range_id_2 
_pdbx_struct_sheet_hbond.range_1_label_atom_id 
_pdbx_struct_sheet_hbond.range_1_label_comp_id 
_pdbx_struct_sheet_hbond.range_1_label_asym_id 
_pdbx_struct_sheet_hbond.range_1_label_seq_id 
_pdbx_struct_sheet_hbond.range_1_PDB_ins_code 
_pdbx_struct_sheet_hbond.range_1_auth_atom_id 
_pdbx_struct_sheet_hbond.range_1_auth_comp_id 
_pdbx_struct_sheet_hbond.range_1_auth_asym_id 
_pdbx_struct_sheet_hbond.range_1_auth_seq_id 
_pdbx_struct_sheet_hbond.range_2_label_atom_id 
_pdbx_struct_sheet_hbond.range_2_label_comp_id 
_pdbx_struct_sheet_hbond.range_2_label_asym_id 
_pdbx_struct_sheet_hbond.range_2_label_seq_id 
_pdbx_struct_sheet_hbond.range_2_PDB_ins_code 
_pdbx_struct_sheet_hbond.range_2_auth_atom_id 
_pdbx_struct_sheet_hbond.range_2_auth_comp_id 
_pdbx_struct_sheet_hbond.range_2_auth_asym_id 
_pdbx_struct_sheet_hbond.range_2_auth_seq_id 
1A 1 2 N SER A 3   ? N SER 1 3   O ARG A 47  ? O ARG 1 47  
1A 2 3 N ILE A 48  ? N ILE 1 48  O SER A 116 ? O SER 1 117 
1A 3 4 N ILE A 128 ? N ILE 1 129 O PHE A 30  ? O PHE 1 30  
1B 1 2 N SER A 3   ? N SER 1 3   O ARG A 47  ? O ARG 1 47  
1B 2 3 N ILE A 48  ? N ILE 1 48  O SER A 116 ? O SER 1 117 
1B 3 4 N VAL A 127 ? N VAL 1 128 O GLY A 81  ? O GLY 1 81  
1C 1 2 N ASN A 10  ? N ASN 1 10  O ASN A 165 ? O ASN 1 166 
1C 2 3 N LEU A 168 ? N LEU 1 169 O THR A 142 ? O THR 1 143 
1C 3 4 N ARG A 150 ? N ARG 1 151 O GLY A 55  ? O GLY 1 55  
1C 4 5 N GLY A 58  ? N GLY 1 58  O GLU A 103 ? O GLU 1 103 
1D 1 2 N TYR A 19  ? N TYR 1 19  O THR A 172 ? O THR 1 173 
1D 2 3 N LEU A 173 ? N LEU 1 174 O TYR A 137 ? O TYR 1 138 
# 
_atom_sites.entry_id                    2BS7 
_atom_sites.fract_transf_matrix[1][1]   -0.00033607 
_atom_sites.fract_transf_matrix[1][2]   0.01184429 
_atom_sites.fract_transf_matrix[1][3]   0.00608073 
_atom_sites.fract_transf_matrix[2][1]   -0.00301204 
_atom_sites.fract_transf_matrix[2][2]   0.01096385 
_atom_sites.fract_transf_matrix[2][3]   -0.00693667 
_atom_sites.fract_transf_matrix[3][1]   -0.01698401 
_atom_sites.fract_transf_matrix[3][2]   -0.00235615 
_atom_sites.fract_transf_matrix[3][3]   0.00365074 
_atom_sites.fract_transf_vector[1]      -0.295753 
_atom_sites.fract_transf_vector[2]      -0.171048 
_atom_sites.fract_transf_vector[3]      0.023093 
# 
loop_
_atom_type.symbol 
C 
N 
O 
S 
# 
loop_
_atom_site.group_PDB 
_atom_site.id 
_atom_site.type_symbol 
_atom_site.label_atom_id 
_atom_site.label_alt_id 
_atom_site.label_comp_id 
_atom_site.label_asym_id 
_atom_site.label_entity_id 
_atom_site.label_seq_id 
_atom_site.pdbx_PDB_ins_code 
_atom_site.Cartn_x 
_atom_site.Cartn_y 
_atom_site.Cartn_z 
_atom_site.occupancy 
_atom_site.B_iso_or_equiv 
_atom_site.pdbx_formal_charge 
_atom_site.auth_seq_id 
_atom_site.auth_comp_id 
_atom_site.auth_asym_id 
_atom_site.auth_atom_id 
_atom_site.pdbx_PDB_model_num 
ATOM   1    N N   . VAL A 1 1   ? 19.378  -17.443 4.077   1.00 52.11  ? 1    VAL 1 N   1 
ATOM   2    C CA  . VAL A 1 1   ? 18.358  -18.272 3.376   1.00 54.70  ? 1    VAL 1 CA  1 
ATOM   3    C C   . VAL A 1 1   ? 16.958  -17.650 3.476   1.00 54.30  ? 1    VAL 1 C   1 
ATOM   4    O O   . VAL A 1 1   ? 16.640  -16.950 4.452   1.00 54.87  ? 1    VAL 1 O   1 
ATOM   5    C CB  . VAL A 1 1   ? 18.303  -19.694 3.969   1.00 57.41  ? 1    VAL 1 CB  1 
ATOM   6    C CG1 . VAL A 1 1   ? 17.711  -19.645 5.397   1.00 52.78  ? 1    VAL 1 CG1 1 
ATOM   7    C CG2 . VAL A 1 1   ? 17.492  -20.594 3.055   1.00 53.31  ? 1    VAL 1 CG2 1 
ATOM   8    N N   . VAL A 1 2   ? 16.120  -17.950 2.488   1.00 55.42  ? 2    VAL 1 N   1 
ATOM   9    C CA  . VAL A 1 2   ? 14.767  -17.397 2.423   1.00 56.34  ? 2    VAL 1 CA  1 
ATOM   10   C C   . VAL A 1 2   ? 13.781  -18.278 1.642   1.00 56.46  ? 2    VAL 1 C   1 
ATOM   11   O O   . VAL A 1 2   ? 14.170  -19.019 0.726   1.00 57.03  ? 2    VAL 1 O   1 
ATOM   12   C CB  . VAL A 1 2   ? 14.797  -16.046 1.706   1.00 55.52  ? 2    VAL 1 CB  1 
ATOM   13   C CG1 . VAL A 1 2   ? 15.244  -16.263 0.250   1.00 56.78  ? 2    VAL 1 CG1 1 
ATOM   14   C CG2 . VAL A 1 2   ? 13.428  -15.377 1.754   1.00 57.74  ? 2    VAL 1 CG2 1 
ATOM   15   N N   . SER A 1 3   ? 12.507  -18.154 2.006   1.00 52.81  ? 3    SER 1 N   1 
ATOM   16   C CA  . SER A 1 3   ? 11.406  -18.866 1.368   1.00 53.99  ? 3    SER 1 CA  1 
ATOM   17   C C   . SER A 1 3   ? 10.142  -17.973 1.406   1.00 52.13  ? 3    SER 1 C   1 
ATOM   18   O O   . SER A 1 3   ? 9.983   -17.151 2.311   1.00 50.79  ? 3    SER 1 O   1 
ATOM   19   C CB  . SER A 1 3   ? 11.124  -20.191 2.100   1.00 55.79  ? 3    SER 1 CB  1 
ATOM   20   O OG  . SER A 1 3   ? 10.842  -19.959 3.470   1.00 61.03  ? 3    SER 1 OG  1 
ATOM   21   N N   . PHE A 1 4   ? 9.263   -18.139 0.417   1.00 52.23  ? 4    PHE 1 N   1 
ATOM   22   C CA  . PHE A 1 4   ? 8.016   -17.376 0.331   1.00 52.69  ? 4    PHE 1 CA  1 
ATOM   23   C C   . PHE A 1 4   ? 6.922   -18.130 1.088   1.00 54.41  ? 4    PHE 1 C   1 
ATOM   24   O O   . PHE A 1 4   ? 6.649   -19.287 0.782   1.00 56.81  ? 4    PHE 1 O   1 
ATOM   25   C CB  . PHE A 1 4   ? 7.610   -17.200 -1.144  1.00 49.78  ? 4    PHE 1 CB  1 
ATOM   26   C CG  . PHE A 1 4   ? 6.329   -16.427 -1.335  1.00 52.15  ? 4    PHE 1 CG  1 
ATOM   27   C CD1 . PHE A 1 4   ? 6.213   -15.115 -0.873  1.00 55.58  ? 4    PHE 1 CD1 1 
ATOM   28   C CD2 . PHE A 1 4   ? 5.229   -17.019 -1.938  1.00 49.88  ? 4    PHE 1 CD2 1 
ATOM   29   C CE1 . PHE A 1 4   ? 5.017   -14.414 -1.007  1.00 56.16  ? 4    PHE 1 CE1 1 
ATOM   30   C CE2 . PHE A 1 4   ? 4.028   -16.334 -2.081  1.00 56.73  ? 4    PHE 1 CE2 1 
ATOM   31   C CZ  . PHE A 1 4   ? 3.918   -15.020 -1.616  1.00 57.87  ? 4    PHE 1 CZ  1 
ATOM   32   N N   . ILE A 1 5   ? 6.302   -17.489 2.075   1.00 54.89  ? 5    ILE 1 N   1 
ATOM   33   C CA  . ILE A 1 5   ? 5.240   -18.125 2.860   1.00 53.28  ? 5    ILE 1 CA  1 
ATOM   34   C C   . ILE A 1 5   ? 3.923   -17.342 2.911   1.00 54.96  ? 5    ILE 1 C   1 
ATOM   35   O O   . ILE A 1 5   ? 3.023   -17.684 3.703   1.00 51.87  ? 5    ILE 1 O   1 
ATOM   36   C CB  . ILE A 1 5   ? 5.671   -18.336 4.325   1.00 53.34  ? 5    ILE 1 CB  1 
ATOM   37   C CG1 . ILE A 1 5   ? 6.220   -17.035 4.905   1.00 55.04  ? 5    ILE 1 CG1 1 
ATOM   38   C CG2 . ILE A 1 5   ? 6.682   -19.459 4.409   1.00 56.11  ? 5    ILE 1 CG2 1 
ATOM   39   C CD1 . ILE A 1 5   ? 6.432   -17.063 6.416   1.00 56.47  ? 5    ILE 1 CD1 1 
ATOM   40   N N   . GLY A 1 6   ? 3.803   -16.294 2.091   1.00 51.92  ? 6    GLY 1 N   1 
ATOM   41   C CA  . GLY A 1 6   ? 2.585   -15.490 2.114   1.00 50.87  ? 6    GLY 1 CA  1 
ATOM   42   C C   . GLY A 1 6   ? 1.654   -15.748 0.946   1.00 52.05  ? 6    GLY 1 C   1 
ATOM   43   O O   . GLY A 1 6   ? 1.624   -16.861 0.423   1.00 49.44  ? 6    GLY 1 O   1 
ATOM   44   N N   . SER A 1 7   ? 0.902   -14.727 0.527   1.00 49.40  ? 7    SER 1 N   1 
ATOM   45   C CA  . SER A 1 7   ? -0.020  -14.873 -0.603  1.00 49.98  ? 7    SER 1 CA  1 
ATOM   46   C C   . SER A 1 7   ? 0.326   -13.878 -1.677  1.00 51.79  ? 7    SER 1 C   1 
ATOM   47   O O   . SER A 1 7   ? 0.733   -12.726 -1.381  1.00 50.38  ? 7    SER 1 O   1 
ATOM   48   C CB  . SER A 1 7   ? -1.469  -14.626 -0.195  1.00 46.43  ? 7    SER 1 CB  1 
ATOM   49   O OG  . SER A 1 7   ? -1.768  -15.238 1.048   1.00 53.33  ? 7    SER 1 OG  1 
ATOM   50   N N   . THR A 1 8   ? 0.124   -14.315 -2.920  1.00 46.06  ? 8    THR 1 N   1 
ATOM   51   C CA  . THR A 1 8   ? 0.415   -13.521 -4.099  1.00 47.73  ? 8    THR 1 CA  1 
ATOM   52   C C   . THR A 1 8   ? -0.593  -12.403 -4.361  1.00 47.80  ? 8    THR 1 C   1 
ATOM   53   O O   . THR A 1 8   ? -0.223  -11.322 -4.813  1.00 47.66  ? 8    THR 1 O   1 
ATOM   54   C CB  . THR A 1 8   ? 0.445   -14.412 -5.378  1.00 50.93  ? 8    THR 1 CB  1 
ATOM   55   O OG1 . THR A 1 8   ? 1.273   -15.555 -5.150  1.00 50.78  ? 8    THR 1 OG1 1 
ATOM   56   C CG2 . THR A 1 8   ? 1.022   -13.618 -6.560  1.00 46.24  ? 8    THR 1 CG2 1 
ATOM   57   N N   . GLU A 1 9   ? -1.870  -12.677 -4.123  1.00 46.40  ? 9    GLU 1 N   1 
ATOM   58   C CA  . GLU A 1 9   ? -2.909  -11.681 -4.361  1.00 48.25  ? 9    GLU 1 CA  1 
ATOM   59   C C   . GLU A 1 9   ? -3.469  -11.268 -3.018  1.00 49.55  ? 9    GLU 1 C   1 
ATOM   60   O O   . GLU A 1 9   ? -3.983  -12.099 -2.268  1.00 47.81  ? 9    GLU 1 O   1 
ATOM   61   C CB  . GLU A 1 9   ? -4.006  -12.259 -5.259  1.00 48.08  ? 9    GLU 1 CB  1 
ATOM   62   C CG  . GLU A 1 9   ? -3.519  -12.654 -6.666  1.00 49.84  ? 9    GLU 1 CG  1 
ATOM   63   C CD  . GLU A 1 9   ? -2.794  -11.507 -7.389  1.00 54.41  ? 9    GLU 1 CD  1 
ATOM   64   O OE1 . GLU A 1 9   ? -3.292  -10.359 -7.350  1.00 49.48  ? 9    GLU 1 OE1 1 
ATOM   65   O OE2 . GLU A 1 9   ? -1.731  -11.752 -8.004  1.00 48.82  ? 9    GLU 1 OE2 1 
ATOM   66   N N   . ASN A 1 10  ? -3.376  -9.977  -2.717  1.00 48.46  ? 10   ASN 1 N   1 
ATOM   67   C CA  . ASN A 1 10  ? -3.824  -9.463  -1.415  1.00 42.40  ? 10   ASN 1 CA  1 
ATOM   68   C C   . ASN A 1 10  ? -4.802  -8.293  -1.530  1.00 43.84  ? 10   ASN 1 C   1 
ATOM   69   O O   . ASN A 1 10  ? -4.570  -7.364  -2.291  1.00 43.61  ? 10   ASN 1 O   1 
ATOM   70   C CB  . ASN A 1 10  ? -2.586  -9.055  -0.635  1.00 36.08  ? 10   ASN 1 CB  1 
ATOM   71   C CG  . ASN A 1 10  ? -1.578  -10.181 -0.529  1.00 39.74  ? 10   ASN 1 CG  1 
ATOM   72   O OD1 . ASN A 1 10  ? -1.699  -11.048 0.331   1.00 39.22  ? 10   ASN 1 OD1 1 
ATOM   73   N ND2 . ASN A 1 10  ? -0.577  -10.182 -1.418  1.00 40.66  ? 10   ASN 1 ND2 1 
ATOM   74   N N   . ASP A 1 11  ? -5.905  -8.386  -0.793  1.00 43.04  ? 11   ASP 1 N   1 
ATOM   75   C CA  . ASP A 1 11  ? -6.962  -7.394  -0.756  1.00 43.26  ? 11   ASP 1 CA  1 
ATOM   76   C C   . ASP A 1 11  ? -6.722  -6.340  0.323   1.00 41.33  ? 11   ASP 1 C   1 
ATOM   77   O O   . ASP A 1 11  ? -6.448  -6.661  1.480   1.00 38.14  ? 11   ASP 1 O   1 
ATOM   78   C CB  . ASP A 1 11  ? -8.313  -8.066  -0.499  1.00 44.19  ? 11   ASP 1 CB  1 
ATOM   79   C CG  . ASP A 1 11  ? -8.699  -9.041  -1.605  1.00 50.61  ? 11   ASP 1 CG  1 
ATOM   80   O OD1 . ASP A 1 11  ? -8.113  -8.958  -2.719  1.00 46.75  ? 11   ASP 1 OD1 1 
ATOM   81   O OD2 . ASP A 1 11  ? -9.591  -9.878  -1.350  1.00 54.94  ? 11   ASP 1 OD2 1 
ATOM   82   N N   . VAL A 1 12  ? -6.857  -5.078  -0.080  1.00 41.55  ? 12   VAL 1 N   1 
ATOM   83   C CA  . VAL A 1 12  ? -6.624  -3.952  0.790   1.00 38.32  ? 12   VAL 1 CA  1 
ATOM   84   C C   . VAL A 1 12  ? -7.920  -3.382  1.330   1.00 38.03  ? 12   VAL 1 C   1 
ATOM   85   O O   . VAL A 1 12  ? -8.783  -2.944  0.563   1.00 36.32  ? 12   VAL 1 O   1 
ATOM   86   C CB  . VAL A 1 12  ? -5.802  -2.861  0.036   1.00 37.16  ? 12   VAL 1 CB  1 
ATOM   87   C CG1 . VAL A 1 12  ? -5.530  -1.679  0.950   1.00 37.37  ? 12   VAL 1 CG1 1 
ATOM   88   C CG2 . VAL A 1 12  ? -4.473  -3.445  -0.397  1.00 33.20  ? 12   VAL 1 CG2 1 
ATOM   89   N N   . GLY A 1 13  ? -8.047  -3.384  2.663   1.00 33.71  ? 13   GLY 1 N   1 
ATOM   90   C CA  . GLY A 1 13  ? -9.264  -2.885  3.290   1.00 34.20  ? 13   GLY 1 CA  1 
ATOM   91   C C   . GLY A 1 13  ? -10.420 -3.895  3.273   1.00 35.63  ? 13   GLY 1 C   1 
ATOM   92   O O   . GLY A 1 13  ? -10.435 -4.809  2.436   1.00 37.84  ? 13   GLY 1 O   1 
ATOM   93   N N   . PRO A 1 14  ? -11.405 -3.756  4.177   1.00 39.46  ? 14   PRO 1 N   1 
ATOM   94   C CA  . PRO A 1 14  ? -12.540 -4.694  4.203   1.00 41.67  ? 14   PRO 1 CA  1 
ATOM   95   C C   . PRO A 1 14  ? -13.496 -4.546  3.003   1.00 39.56  ? 14   PRO 1 C   1 
ATOM   96   O O   . PRO A 1 14  ? -13.751 -3.446  2.488   1.00 35.63  ? 14   PRO 1 O   1 
ATOM   97   C CB  . PRO A 1 14  ? -13.213 -4.397  5.544   1.00 39.28  ? 14   PRO 1 CB  1 
ATOM   98   C CG  . PRO A 1 14  ? -12.981 -2.895  5.714   1.00 41.55  ? 14   PRO 1 CG  1 
ATOM   99   C CD  . PRO A 1 14  ? -11.514 -2.755  5.264   1.00 41.95  ? 14   PRO 1 CD  1 
ATOM   100  N N   . SER A 1 15  ? -13.994 -5.679  2.542   1.00 41.36  ? 15   SER 1 N   1 
ATOM   101  C CA  . SER A 1 15  ? -14.900 -5.703  1.417   1.00 44.18  ? 15   SER 1 CA  1 
ATOM   102  C C   . SER A 1 15  ? -16.085 -4.797  1.737   1.00 44.07  ? 15   SER 1 C   1 
ATOM   103  O O   . SER A 1 15  ? -16.640 -4.874  2.830   1.00 45.86  ? 15   SER 1 O   1 
ATOM   104  C CB  . SER A 1 15  ? -15.388 -7.129  1.190   1.00 47.06  ? 15   SER 1 CB  1 
ATOM   105  O OG  . SER A 1 15  ? -16.287 -7.183  0.102   1.00 56.58  ? 15   SER 1 OG  1 
ATOM   106  N N   . GLN A 1 16  ? -16.460 -3.939  0.788   1.00 44.19  ? 16   GLN 1 N   1 
ATOM   107  C CA  . GLN A 1 16  ? -17.571 -3.014  0.970   1.00 44.62  ? 16   GLN 1 CA  1 
ATOM   108  C C   . GLN A 1 16  ? -17.405 -2.114  2.197   1.00 44.73  ? 16   GLN 1 C   1 
ATOM   109  O O   . GLN A 1 16  ? -18.359 -1.819  2.898   1.00 39.22  ? 16   GLN 1 O   1 
ATOM   110  C CB  . GLN A 1 16  ? -18.897 -3.785  1.069   1.00 50.52  ? 16   GLN 1 CB  1 
ATOM   111  C CG  . GLN A 1 16  ? -19.165 -4.678  -0.142  1.00 58.21  ? 16   GLN 1 CG  1 
ATOM   112  C CD  . GLN A 1 16  ? -19.147 -3.906  -1.466  1.00 64.78  ? 16   GLN 1 CD  1 
ATOM   113  O OE1 . GLN A 1 16  ? -19.074 -4.509  -2.542  1.00 69.99  ? 16   GLN 1 OE1 1 
ATOM   114  N NE2 . GLN A 1 16  ? -19.218 -2.568  -1.392  1.00 63.25  ? 16   GLN 1 NE2 1 
ATOM   115  N N   . GLY A 1 17  ? -16.181 -1.686  2.475   1.00 43.70  ? 17   GLY 1 N   1 
ATOM   116  C CA  . GLY A 1 17  ? -16.003 -0.789  3.606   1.00 39.27  ? 17   GLY 1 CA  1 
ATOM   117  C C   . GLY A 1 17  ? -16.828 0.475   3.408   1.00 40.76  ? 17   GLY 1 C   1 
ATOM   118  O O   . GLY A 1 17  ? -17.136 0.877   2.273   1.00 40.84  ? 17   GLY 1 O   1 
ATOM   119  N N   . SER A 1 18  ? -17.161 1.117   4.524   1.00 40.65  ? 18   SER 1 N   1 
ATOM   120  C CA  . SER A 1 18  ? -17.956 2.341   4.541   1.00 41.27  ? 18   SER 1 CA  1 
ATOM   121  C C   . SER A 1 18  ? -17.153 3.448   5.215   1.00 41.91  ? 18   SER 1 C   1 
ATOM   122  O O   . SER A 1 18  ? -16.891 3.383   6.417   1.00 42.43  ? 18   SER 1 O   1 
ATOM   123  C CB  . SER A 1 18  ? -19.241 2.087   5.345   1.00 45.97  ? 18   SER 1 CB  1 
ATOM   124  O OG  . SER A 1 18  ? -19.944 3.297   5.572   1.00 51.82  ? 18   SER 1 OG  1 
ATOM   125  N N   . TYR A 1 19  ? -16.780 4.469   4.455   1.00 38.07  ? 19   TYR 1 N   1 
ATOM   126  C CA  . TYR A 1 19  ? -16.008 5.560   4.998   1.00 39.84  ? 19   TYR 1 CA  1 
ATOM   127  C C   . TYR A 1 19  ? -16.737 6.889   4.881   1.00 43.86  ? 19   TYR 1 C   1 
ATOM   128  O O   . TYR A 1 19  ? -17.114 7.327   3.764   1.00 42.25  ? 19   TYR 1 O   1 
ATOM   129  C CB  . TYR A 1 19  ? -14.651 5.612   4.296   1.00 35.07  ? 19   TYR 1 CB  1 
ATOM   130  C CG  . TYR A 1 19  ? -13.967 4.277   4.355   1.00 41.40  ? 19   TYR 1 CG  1 
ATOM   131  C CD1 . TYR A 1 19  ? -13.353 3.830   5.543   1.00 34.12  ? 19   TYR 1 CD1 1 
ATOM   132  C CD2 . TYR A 1 19  ? -14.008 3.411   3.266   1.00 39.96  ? 19   TYR 1 CD2 1 
ATOM   133  C CE1 . TYR A 1 19  ? -12.781 2.530   5.627   1.00 37.65  ? 19   TYR 1 CE1 1 
ATOM   134  C CE2 . TYR A 1 19  ? -13.466 2.127   3.348   1.00 34.31  ? 19   TYR 1 CE2 1 
ATOM   135  C CZ  . TYR A 1 19  ? -12.855 1.694   4.518   1.00 35.16  ? 19   TYR 1 CZ  1 
ATOM   136  O OH  . TYR A 1 19  ? -12.338 0.416   4.545   1.00 35.62  ? 19   TYR 1 OH  1 
ATOM   137  N N   . SER A 1 20  ? -16.905 7.531   6.043   1.00 41.18  ? 20   SER 1 N   1 
ATOM   138  C CA  . SER A 1 20  ? -17.618 8.794   6.169   1.00 42.06  ? 20   SER 1 CA  1 
ATOM   139  C C   . SER A 1 20  ? -16.828 9.834   6.938   1.00 40.59  ? 20   SER 1 C   1 
ATOM   140  O O   . SER A 1 20  ? -15.919 9.511   7.684   1.00 37.88  ? 20   SER 1 O   1 
ATOM   141  C CB  . SER A 1 20  ? -18.941 8.575   6.887   1.00 43.84  ? 20   SER 1 CB  1 
ATOM   142  O OG  . SER A 1 20  ? -19.753 7.674   6.163   1.00 53.59  ? 20   SER 1 OG  1 
ATOM   143  N N   . SER A 1 21  ? -17.202 11.093  6.757   1.00 40.42  ? 21   SER 1 N   1 
ATOM   144  C CA  . SER A 1 21  ? -16.526 12.210  7.429   1.00 46.07  ? 21   SER 1 CA  1 
ATOM   145  C C   . SER A 1 21  ? -17.508 13.353  7.683   1.00 49.02  ? 21   SER 1 C   1 
ATOM   146  O O   . SER A 1 21  ? -18.390 13.611  6.865   1.00 50.53  ? 21   SER 1 O   1 
ATOM   147  C CB  . SER A 1 21  ? -15.367 12.722  6.566   1.00 47.14  ? 21   SER 1 CB  1 
ATOM   148  O OG  . SER A 1 21  ? -14.973 14.053  6.941   1.00 41.84  ? 21   SER 1 OG  1 
ATOM   149  N N   . THR A 1 22  ? -17.332 14.038  8.809   1.00 50.42  ? 22   THR 1 N   1 
ATOM   150  C CA  . THR A 1 22  ? -18.165 15.177  9.187   1.00 57.45  ? 22   THR 1 CA  1 
ATOM   151  C C   . THR A 1 22  ? -17.527 16.507  8.721   1.00 58.15  ? 22   THR 1 C   1 
ATOM   152  O O   . THR A 1 22  ? -18.138 17.571  8.847   1.00 57.66  ? 22   THR 1 O   1 
ATOM   153  C CB  . THR A 1 22  ? -18.359 15.237  10.749  1.00 59.22  ? 22   THR 1 CB  1 
ATOM   154  O OG1 . THR A 1 22  ? -19.112 14.099  11.183  1.00 65.87  ? 22   THR 1 OG1 1 
ATOM   155  C CG2 . THR A 1 22  ? -19.117 16.493  11.156  1.00 69.16  ? 22   THR 1 CG2 1 
ATOM   156  N N   . HIS A 1 23  ? -16.298 16.438  8.207   1.00 56.20  ? 23   HIS 1 N   1 
ATOM   157  C CA  . HIS A 1 23  ? -15.580 17.613  7.737   1.00 59.28  ? 23   HIS 1 CA  1 
ATOM   158  C C   . HIS A 1 23  ? -16.273 18.227  6.533   1.00 60.73  ? 23   HIS 1 C   1 
ATOM   159  O O   . HIS A 1 23  ? -16.735 17.518  5.648   1.00 62.66  ? 23   HIS 1 O   1 
ATOM   160  C CB  . HIS A 1 23  ? -14.145 17.239  7.370   1.00 64.25  ? 23   HIS 1 CB  1 
ATOM   161  C CG  . HIS A 1 23  ? -13.196 17.280  8.522   1.00 69.62  ? 23   HIS 1 CG  1 
ATOM   162  N ND1 . HIS A 1 23  ? -12.472 18.410  8.850   1.00 71.69  ? 23   HIS 1 ND1 1 
ATOM   163  C CD2 . HIS A 1 23  ? -12.852 16.334  9.428   1.00 72.99  ? 23   HIS 1 CD2 1 
ATOM   164  C CE1 . HIS A 1 23  ? -11.722 18.154  9.908   1.00 72.76  ? 23   HIS 1 CE1 1 
ATOM   165  N NE2 . HIS A 1 23  ? -11.931 16.904  10.280  1.00 73.60  ? 23   HIS 1 NE2 1 
ATOM   166  N N   . ALA A 1 24  ? -16.320 19.552  6.502   1.00 63.99  ? 24   ALA 1 N   1 
ATOM   167  C CA  . ALA A 1 24  ? -16.982 20.307  5.431   1.00 67.00  ? 24   ALA 1 CA  1 
ATOM   168  C C   . ALA A 1 24  ? -16.660 19.928  3.979   1.00 68.81  ? 24   ALA 1 C   1 
ATOM   169  O O   . ALA A 1 24  ? -17.585 19.717  3.178   1.00 72.74  ? 24   ALA 1 O   1 
ATOM   170  C CB  . ALA A 1 24  ? -16.736 21.804  5.635   1.00 64.60  ? 24   ALA 1 CB  1 
ATOM   171  N N   . MET A 1 25  ? -15.378 19.863  3.627   1.00 65.72  ? 25   MET 1 N   1 
ATOM   172  C CA  . MET A 1 25  ? -14.987 19.536  2.256   1.00 66.78  ? 25   MET 1 CA  1 
ATOM   173  C C   . MET A 1 25  ? -15.166 20.728  1.286   1.00 68.38  ? 25   MET 1 C   1 
ATOM   174  O O   . MET A 1 25  ? -15.422 20.524  0.095   1.00 67.72  ? 25   MET 1 O   1 
ATOM   175  C CB  . MET A 1 25  ? -15.804 18.337  1.734   1.00 67.36  ? 25   MET 1 CB  1 
ATOM   176  C CG  . MET A 1 25  ? -15.485 16.988  2.370   1.00 62.50  ? 25   MET 1 CG  1 
ATOM   177  S SD  . MET A 1 25  ? -16.551 15.662  1.744   1.00 68.97  ? 25   MET 1 SD  1 
ATOM   178  C CE  . MET A 1 25  ? -16.710 14.621  3.247   1.00 54.72  ? 25   MET 1 CE  1 
ATOM   179  N N   . ASP A 1 26  ? -15.027 21.958  1.791   1.00 69.57  ? 26   ASP 1 N   1 
ATOM   180  C CA  . ASP A 1 26  ? -15.185 23.160  0.962   1.00 71.59  ? 26   ASP 1 CA  1 
ATOM   181  C C   . ASP A 1 26  ? -14.061 23.277  -0.079  1.00 69.88  ? 26   ASP 1 C   1 
ATOM   182  O O   . ASP A 1 26  ? -14.313 23.640  -1.230  1.00 70.86  ? 26   ASP 1 O   1 
ATOM   183  C CB  . ASP A 1 26  ? -15.225 24.442  1.828   1.00 74.28  ? 26   ASP 1 CB  1 
ATOM   184  C CG  . ASP A 1 26  ? -15.604 25.705  1.008   1.00 85.17  ? 26   ASP 1 CG  1 
ATOM   185  O OD1 . ASP A 1 26  ? -15.489 26.860  1.521   1.00 84.15  ? 26   ASP 1 OD1 1 
ATOM   186  O OD2 . ASP A 1 26  ? -16.026 25.538  -0.165  1.00 85.84  ? 26   ASP 1 OD2 1 
ATOM   187  N N   . ASN A 1 27  ? -12.825 22.992  0.308   1.00 67.26  ? 27   ASN 1 N   1 
ATOM   188  C CA  . ASN A 1 27  ? -11.737 23.065  -0.666  1.00 68.30  ? 27   ASN 1 CA  1 
ATOM   189  C C   . ASN A 1 27  ? -11.076 21.716  -0.993  1.00 64.77  ? 27   ASN 1 C   1 
ATOM   190  O O   . ASN A 1 27  ? -10.552 21.015  -0.123  1.00 63.58  ? 27   ASN 1 O   1 
ATOM   191  C CB  . ASN A 1 27  ? -10.684 24.099  -0.242  1.00 73.62  ? 27   ASN 1 CB  1 
ATOM   192  C CG  . ASN A 1 27  ? -10.300 23.992  1.216   1.00 82.32  ? 27   ASN 1 CG  1 
ATOM   193  O OD1 . ASN A 1 27  ? -9.368  24.664  1.676   1.00 83.77  ? 27   ASN 1 OD1 1 
ATOM   194  N ND2 . ASN A 1 27  ? -11.015 23.151  1.960   1.00 87.27  ? 27   ASN 1 ND2 1 
ATOM   195  N N   . LEU A 1 28  ? -11.123 21.367  -2.273  1.00 61.26  ? 28   LEU 1 N   1 
ATOM   196  C CA  . LEU A 1 28  ? -10.553 20.122  -2.763  1.00 59.75  ? 28   LEU 1 CA  1 
ATOM   197  C C   . LEU A 1 28  ? -9.084  20.337  -3.163  1.00 58.27  ? 28   LEU 1 C   1 
ATOM   198  O O   . LEU A 1 28  ? -8.636  21.471  -3.330  1.00 60.18  ? 28   LEU 1 O   1 
ATOM   199  C CB  . LEU A 1 28  ? -11.370 19.619  -3.960  1.00 57.54  ? 28   LEU 1 CB  1 
ATOM   200  C CG  . LEU A 1 28  ? -12.884 19.422  -3.744  1.00 62.89  ? 28   LEU 1 CG  1 
ATOM   201  C CD1 . LEU A 1 28  ? -13.517 18.831  -5.002  1.00 58.65  ? 28   LEU 1 CD1 1 
ATOM   202  C CD2 . LEU A 1 28  ? -13.134 18.492  -2.552  1.00 60.76  ? 28   LEU 1 CD2 1 
ATOM   203  N N   . PRO A 1 29  ? -8.293  19.256  -3.226  1.00 53.22  ? 29   PRO 1 N   1 
ATOM   204  C CA  . PRO A 1 29  ? -8.679  17.873  -2.945  1.00 51.93  ? 29   PRO 1 CA  1 
ATOM   205  C C   . PRO A 1 29  ? -8.923  17.702  -1.430  1.00 48.70  ? 29   PRO 1 C   1 
ATOM   206  O O   . PRO A 1 29  ? -8.274  18.335  -0.596  1.00 49.24  ? 29   PRO 1 O   1 
ATOM   207  C CB  . PRO A 1 29  ? -7.455  17.070  -3.398  1.00 52.48  ? 29   PRO 1 CB  1 
ATOM   208  C CG  . PRO A 1 29  ? -6.758  17.975  -4.362  1.00 55.09  ? 29   PRO 1 CG  1 
ATOM   209  C CD  . PRO A 1 29  ? -6.929  19.321  -3.778  1.00 48.63  ? 29   PRO 1 CD  1 
ATOM   210  N N   . PHE A 1 30  ? -9.854  16.840  -1.077  1.00 48.95  ? 30   PHE 1 N   1 
ATOM   211  C CA  . PHE A 1 30  ? -10.146 16.583  0.332   1.00 45.15  ? 30   PHE 1 CA  1 
ATOM   212  C C   . PHE A 1 30  ? -9.787  15.129  0.640   1.00 43.55  ? 30   PHE 1 C   1 
ATOM   213  O O   . PHE A 1 30  ? -10.272 14.210  -0.015  1.00 37.50  ? 30   PHE 1 O   1 
ATOM   214  C CB  . PHE A 1 30  ? -11.628 16.781  0.624   1.00 47.89  ? 30   PHE 1 CB  1 
ATOM   215  C CG  . PHE A 1 30  ? -12.043 16.272  1.979   1.00 52.78  ? 30   PHE 1 CG  1 
ATOM   216  C CD1 . PHE A 1 30  ? -11.759 17.003  3.128   1.00 54.72  ? 30   PHE 1 CD1 1 
ATOM   217  C CD2 . PHE A 1 30  ? -12.659 15.038  2.113   1.00 52.61  ? 30   PHE 1 CD2 1 
ATOM   218  C CE1 . PHE A 1 30  ? -12.080 16.510  4.381   1.00 52.43  ? 30   PHE 1 CE1 1 
ATOM   219  C CE2 . PHE A 1 30  ? -12.986 14.540  3.373   1.00 53.79  ? 30   PHE 1 CE2 1 
ATOM   220  C CZ  . PHE A 1 30  ? -12.692 15.279  4.503   1.00 51.90  ? 30   PHE 1 CZ  1 
ATOM   221  N N   . VAL A 1 31  ? -8.988  14.947  1.683   1.00 43.02  ? 31   VAL 1 N   1 
ATOM   222  C CA  . VAL A 1 31  ? -8.528  13.648  2.129   1.00 40.96  ? 31   VAL 1 CA  1 
ATOM   223  C C   . VAL A 1 31  ? -9.345  13.105  3.298   1.00 41.88  ? 31   VAL 1 C   1 
ATOM   224  O O   . VAL A 1 31  ? -9.507  13.772  4.329   1.00 39.41  ? 31   VAL 1 O   1 
ATOM   225  C CB  . VAL A 1 31  ? -7.056  13.740  2.576   1.00 41.33  ? 31   VAL 1 CB  1 
ATOM   226  C CG1 . VAL A 1 31  ? -6.516  12.358  2.924   1.00 41.68  ? 31   VAL 1 CG1 1 
ATOM   227  C CG2 . VAL A 1 31  ? -6.223  14.396  1.494   1.00 43.62  ? 31   VAL 1 CG2 1 
ATOM   228  N N   . TYR A 1 32  ? -9.872  11.892  3.129   1.00 43.86  ? 32   TYR 1 N   1 
ATOM   229  C CA  . TYR A 1 32  ? -10.614 11.224  4.183   1.00 43.88  ? 32   TYR 1 CA  1 
ATOM   230  C C   . TYR A 1 32  ? -9.523  10.673  5.092   1.00 45.73  ? 32   TYR 1 C   1 
ATOM   231  O O   . TYR A 1 32  ? -8.625  10.008  4.606   1.00 44.51  ? 32   TYR 1 O   1 
ATOM   232  C CB  . TYR A 1 32  ? -11.429 10.049  3.635   1.00 40.86  ? 32   TYR 1 CB  1 
ATOM   233  C CG  . TYR A 1 32  ? -12.825 10.406  3.201   1.00 45.77  ? 32   TYR 1 CG  1 
ATOM   234  C CD1 . TYR A 1 32  ? -13.050 11.212  2.088   1.00 51.44  ? 32   TYR 1 CD1 1 
ATOM   235  C CD2 . TYR A 1 32  ? -13.927 9.926   3.903   1.00 46.79  ? 32   TYR 1 CD2 1 
ATOM   236  C CE1 . TYR A 1 32  ? -14.343 11.526  1.680   1.00 53.37  ? 32   TYR 1 CE1 1 
ATOM   237  C CE2 . TYR A 1 32  ? -15.212 10.233  3.514   1.00 44.86  ? 32   TYR 1 CE2 1 
ATOM   238  C CZ  . TYR A 1 32  ? -15.418 11.024  2.399   1.00 50.81  ? 32   TYR 1 CZ  1 
ATOM   239  O OH  . TYR A 1 32  ? -16.695 11.248  1.969   1.00 53.28  ? 32   TYR 1 OH  1 
ATOM   240  N N   . ASN A 1 33  ? -9.577  10.946  6.388   1.00 44.29  ? 33   ASN 1 N   1 
ATOM   241  C CA  . ASN A 1 33  ? -8.544  10.409  7.269   1.00 49.28  ? 33   ASN 1 CA  1 
ATOM   242  C C   . ASN A 1 33  ? -9.000  9.062   7.794   1.00 48.22  ? 33   ASN 1 C   1 
ATOM   243  O O   . ASN A 1 33  ? -9.509  8.986   8.901   1.00 49.33  ? 33   ASN 1 O   1 
ATOM   244  C CB  . ASN A 1 33  ? -8.288  11.327  8.460   1.00 59.79  ? 33   ASN 1 CB  1 
ATOM   245  C CG  . ASN A 1 33  ? -7.063  10.892  9.271   1.00 74.26  ? 33   ASN 1 CG  1 
ATOM   246  O OD1 . ASN A 1 33  ? -5.920  10.967  8.781   1.00 79.27  ? 33   ASN 1 OD1 1 
ATOM   247  N ND2 . ASN A 1 33  ? -7.297  10.416  10.509  1.00 68.10  ? 33   ASN 1 ND2 1 
ATOM   248  N N   . THR A 1 34  ? -8.809  8.007   6.995   1.00 43.19  ? 34   THR 1 N   1 
ATOM   249  C CA  . THR A 1 34  ? -9.226  6.653   7.361   1.00 39.66  ? 34   THR 1 CA  1 
ATOM   250  C C   . THR A 1 34  ? -8.147  5.893   8.133   1.00 42.53  ? 34   THR 1 C   1 
ATOM   251  O O   . THR A 1 34  ? -8.262  4.682   8.364   1.00 44.33  ? 34   THR 1 O   1 
ATOM   252  C CB  . THR A 1 34  ? -9.584  5.850   6.092   1.00 41.33  ? 34   THR 1 CB  1 
ATOM   253  O OG1 . THR A 1 34  ? -8.463  5.887   5.201   1.00 31.38  ? 34   THR 1 OG1 1 
ATOM   254  C CG2 . THR A 1 34  ? -10.795 6.461   5.377   1.00 37.86  ? 34   THR 1 CG2 1 
ATOM   255  N N   . GLY A 1 35  ? -7.101  6.603   8.529   1.00 43.79  ? 35   GLY 1 N   1 
ATOM   256  C CA  . GLY A 1 35  ? -6.015  6.002   9.288   1.00 43.76  ? 35   GLY 1 CA  1 
ATOM   257  C C   . GLY A 1 35  ? -5.409  4.839   8.529   1.00 42.80  ? 35   GLY 1 C   1 
ATOM   258  O O   . GLY A 1 35  ? -4.939  5.010   7.399   1.00 44.96  ? 35   GLY 1 O   1 
ATOM   259  N N   . TYR A 1 36  ? -5.406  3.666   9.153   1.00 39.01  ? 36   TYR 1 N   1 
ATOM   260  C CA  . TYR A 1 36  ? -4.862  2.455   8.532   1.00 38.71  ? 36   TYR 1 CA  1 
ATOM   261  C C   . TYR A 1 36  ? -6.004  1.490   8.231   1.00 34.90  ? 36   TYR 1 C   1 
ATOM   262  O O   . TYR A 1 36  ? -5.754  0.324   7.944   1.00 34.93  ? 36   TYR 1 O   1 
ATOM   263  C CB  . TYR A 1 36  ? -3.852  1.752   9.478   1.00 38.00  ? 36   TYR 1 CB  1 
ATOM   264  C CG  . TYR A 1 36  ? -2.734  2.642   9.972   1.00 43.30  ? 36   TYR 1 CG  1 
ATOM   265  C CD1 . TYR A 1 36  ? -1.987  3.422   9.078   1.00 42.71  ? 36   TYR 1 CD1 1 
ATOM   266  C CD2 . TYR A 1 36  ? -2.418  2.713   11.332  1.00 50.06  ? 36   TYR 1 CD2 1 
ATOM   267  C CE1 . TYR A 1 36  ? -0.962  4.242   9.518   1.00 41.36  ? 36   TYR 1 CE1 1 
ATOM   268  C CE2 . TYR A 1 36  ? -1.373  3.536   11.788  1.00 46.18  ? 36   TYR 1 CE2 1 
ATOM   269  C CZ  . TYR A 1 36  ? -0.660  4.293   10.876  1.00 44.79  ? 36   TYR 1 CZ  1 
ATOM   270  O OH  . TYR A 1 36  ? 0.364   5.088   11.308  1.00 42.41  ? 36   TYR 1 OH  1 
ATOM   271  N N   . ASN A 1 37  ? -7.248  1.976   8.284   1.00 34.58  ? 37   ASN 1 N   1 
ATOM   272  C CA  . ASN A 1 37  ? -8.411  1.125   8.070   1.00 35.76  ? 37   ASN 1 CA  1 
ATOM   273  C C   . ASN A 1 37  ? -8.420  0.481   6.689   1.00 39.26  ? 37   ASN 1 C   1 
ATOM   274  O O   . ASN A 1 37  ? -8.825  -0.678  6.565   1.00 34.86  ? 37   ASN 1 O   1 
ATOM   275  C CB  . ASN A 1 37  ? -9.706  1.917   8.267   1.00 35.42  ? 37   ASN 1 CB  1 
ATOM   276  C CG  . ASN A 1 37  ? -9.920  2.346   9.723   1.00 39.01  ? 37   ASN 1 CG  1 
ATOM   277  O OD1 . ASN A 1 37  ? -10.176 1.515   10.588  1.00 41.03  ? 37   ASN 1 OD1 1 
ATOM   278  N ND2 . ASN A 1 37  ? -9.831  3.641   9.980   1.00 38.07  ? 37   ASN 1 ND2 1 
ATOM   279  N N   . ILE A 1 38  ? -7.970  1.207   5.663   1.00 34.55  ? 38   ILE 1 N   1 
ATOM   280  C CA  . ILE A 1 38  ? -7.957  0.628   4.315   1.00 35.99  ? 38   ILE 1 CA  1 
ATOM   281  C C   . ILE A 1 38  ? -6.580  0.102   4.062   1.00 34.46  ? 38   ILE 1 C   1 
ATOM   282  O O   . ILE A 1 38  ? -5.750  0.738   3.409   1.00 32.82  ? 38   ILE 1 O   1 
ATOM   283  C CB  . ILE A 1 38  ? -8.316  1.661   3.239   1.00 32.47  ? 38   ILE 1 CB  1 
ATOM   284  C CG1 . ILE A 1 38  ? -9.460  2.573   3.756   1.00 35.07  ? 38   ILE 1 CG1 1 
ATOM   285  C CG2 . ILE A 1 38  ? -8.784  0.901   1.949   1.00 35.11  ? 38   ILE 1 CG2 1 
ATOM   286  C CD1 . ILE A 1 38  ? -10.129 3.455   2.629   1.00 32.69  ? 38   ILE 1 CD1 1 
ATOM   287  N N   . GLY A 1 39  ? -6.311  -1.080  4.582   1.00 32.97  ? 39   GLY 1 N   1 
ATOM   288  C CA  . GLY A 1 39  ? -4.977  -1.587  4.413   1.00 37.48  ? 39   GLY 1 CA  1 
ATOM   289  C C   . GLY A 1 39  ? -4.874  -3.088  4.432   1.00 35.56  ? 39   GLY 1 C   1 
ATOM   290  O O   . GLY A 1 39  ? -5.868  -3.794  4.591   1.00 34.99  ? 39   GLY 1 O   1 
ATOM   291  N N   . TYR A 1 40  ? -3.658  -3.543  4.195   1.00 32.99  ? 40   TYR 1 N   1 
ATOM   292  C CA  . TYR A 1 40  ? -3.330  -4.952  4.253   1.00 37.32  ? 40   TYR 1 CA  1 
ATOM   293  C C   . TYR A 1 40  ? -2.006  -5.002  5.009   1.00 38.22  ? 40   TYR 1 C   1 
ATOM   294  O O   . TYR A 1 40  ? -1.097  -4.212  4.746   1.00 38.90  ? 40   TYR 1 O   1 
ATOM   295  C CB  . TYR A 1 40  ? -3.116  -5.551  2.858   1.00 38.38  ? 40   TYR 1 CB  1 
ATOM   296  C CG  . TYR A 1 40  ? -2.652  -6.986  2.952   1.00 41.99  ? 40   TYR 1 CG  1 
ATOM   297  C CD1 . TYR A 1 40  ? -3.563  -8.045  3.091   1.00 39.98  ? 40   TYR 1 CD1 1 
ATOM   298  C CD2 . TYR A 1 40  ? -1.290  -7.277  2.988   1.00 43.53  ? 40   TYR 1 CD2 1 
ATOM   299  C CE1 . TYR A 1 40  ? -3.097  -9.376  3.274   1.00 43.39  ? 40   TYR 1 CE1 1 
ATOM   300  C CE2 . TYR A 1 40  ? -0.824  -8.556  3.158   1.00 43.50  ? 40   TYR 1 CE2 1 
ATOM   301  C CZ  . TYR A 1 40  ? -1.721  -9.608  3.303   1.00 46.12  ? 40   TYR 1 CZ  1 
ATOM   302  O OH  . TYR A 1 40  ? -1.201  -10.867 3.448   1.00 44.88  ? 40   TYR 1 OH  1 
ATOM   303  N N   . GLN A 1 41  ? -1.889  -5.946  5.925   1.00 34.98  ? 41   GLN 1 N   1 
ATOM   304  C CA  . GLN A 1 41  ? -0.674  -6.122  6.705   1.00 35.17  ? 41   GLN 1 CA  1 
ATOM   305  C C   . GLN A 1 41  ? -0.430  -7.621  6.957   1.00 39.39  ? 41   GLN 1 C   1 
ATOM   306  O O   . GLN A 1 41  ? -1.379  -8.382  7.219   1.00 38.77  ? 41   GLN 1 O   1 
ATOM   307  C CB  . GLN A 1 41  ? -0.871  -5.407  8.054   1.00 41.56  ? 41   GLN 1 CB  1 
ATOM   308  C CG  . GLN A 1 41  ? 0.096   -5.758  9.134   1.00 45.39  ? 41   GLN 1 CG  1 
ATOM   309  C CD  . GLN A 1 41  ? -0.123  -4.938  10.378  1.00 43.05  ? 41   GLN 1 CD  1 
ATOM   310  O OE1 . GLN A 1 41  ? -1.202  -4.953  10.964  1.00 42.14  ? 41   GLN 1 OE1 1 
ATOM   311  N NE2 . GLN A 1 41  ? 0.904   -4.190  10.778  1.00 43.25  ? 41   GLN 1 NE2 1 
ATOM   312  N N   . ASN A 1 42  ? 0.821   -8.046  6.877   1.00 38.58  ? 42   ASN 1 N   1 
ATOM   313  C CA  . ASN A 1 42  ? 1.135   -9.439  7.143   1.00 38.79  ? 42   ASN 1 CA  1 
ATOM   314  C C   . ASN A 1 42  ? 2.577   -9.461  7.627   1.00 39.38  ? 42   ASN 1 C   1 
ATOM   315  O O   . ASN A 1 42  ? 3.477   -9.110  6.904   1.00 43.63  ? 42   ASN 1 O   1 
ATOM   316  C CB  . ASN A 1 42  ? 0.986   -10.284 5.875   1.00 40.59  ? 42   ASN 1 CB  1 
ATOM   317  C CG  . ASN A 1 42  ? 1.083   -11.779 6.159   1.00 47.27  ? 42   ASN 1 CG  1 
ATOM   318  O OD1 . ASN A 1 42  ? 1.631   -12.186 7.182   1.00 39.88  ? 42   ASN 1 OD1 1 
ATOM   319  N ND2 . ASN A 1 42  ? 0.562   -12.600 5.241   1.00 40.55  ? 42   ASN 1 ND2 1 
ATOM   320  N N   . ALA A 1 43  ? 2.806   -9.866  8.863   1.00 43.59  ? 43   ALA 1 N   1 
ATOM   321  C CA  . ALA A 1 43  ? 4.175   -9.889  9.370   1.00 45.15  ? 43   ALA 1 CA  1 
ATOM   322  C C   . ALA A 1 43  ? 5.006   -11.045 8.831   1.00 46.30  ? 43   ALA 1 C   1 
ATOM   323  O O   . ALA A 1 43  ? 6.233   -11.068 9.022   1.00 42.68  ? 43   ALA 1 O   1 
ATOM   324  C CB  . ALA A 1 43  ? 4.158   -9.944  10.898  1.00 48.72  ? 43   ALA 1 CB  1 
ATOM   325  N N   . ASN A 1 44  ? 4.360   -11.969 8.120   1.00 46.94  ? 44   ASN 1 N   1 
ATOM   326  C CA  . ASN A 1 44  ? 5.041   -13.185 7.623   1.00 47.40  ? 44   ASN 1 CA  1 
ATOM   327  C C   . ASN A 1 44  ? 4.849   -13.560 6.155   1.00 46.37  ? 44   ASN 1 C   1 
ATOM   328  O O   . ASN A 1 44  ? 4.080   -14.466 5.834   1.00 47.19  ? 44   ASN 1 O   1 
ATOM   329  C CB  . ASN A 1 44  ? 4.598   -14.365 8.496   1.00 46.78  ? 44   ASN 1 CB  1 
ATOM   330  C CG  . ASN A 1 44  ? 4.746   -14.066 9.973   1.00 51.88  ? 44   ASN 1 CG  1 
ATOM   331  O OD1 . ASN A 1 44  ? 5.836   -13.732 10.435  1.00 51.60  ? 44   ASN 1 OD1 1 
ATOM   332  N ND2 . ASN A 1 44  ? 3.649   -14.178 10.723  1.00 49.51  ? 44   ASN 1 ND2 1 
ATOM   333  N N   . VAL A 1 45  ? 5.587   -12.907 5.264   1.00 46.98  ? 45   VAL 1 N   1 
ATOM   334  C CA  . VAL A 1 45  ? 5.457   -13.152 3.827   1.00 44.54  ? 45   VAL 1 CA  1 
ATOM   335  C C   . VAL A 1 45  ? 6.600   -13.987 3.291   1.00 41.83  ? 45   VAL 1 C   1 
ATOM   336  O O   . VAL A 1 45  ? 6.421   -14.695 2.320   1.00 40.20  ? 45   VAL 1 O   1 
ATOM   337  C CB  . VAL A 1 45  ? 5.367   -11.800 3.080   1.00 46.87  ? 45   VAL 1 CB  1 
ATOM   338  C CG1 . VAL A 1 45  ? 5.324   -12.001 1.549   1.00 39.59  ? 45   VAL 1 CG1 1 
ATOM   339  C CG2 . VAL A 1 45  ? 4.130   -11.063 3.583   1.00 43.38  ? 45   VAL 1 CG2 1 
ATOM   340  N N   . TRP A 1 46  ? 7.782   -13.842 3.894   1.00 41.57  ? 46   TRP 1 N   1 
ATOM   341  C CA  . TRP A 1 46  ? 8.947   -14.633 3.517   1.00 44.56  ? 46   TRP 1 CA  1 
ATOM   342  C C   . TRP A 1 46  ? 9.584   -15.074 4.824   1.00 49.05  ? 46   TRP 1 C   1 
ATOM   343  O O   . TRP A 1 46  ? 9.523   -14.339 5.832   1.00 47.68  ? 46   TRP 1 O   1 
ATOM   344  C CB  . TRP A 1 46  ? 10.017  -13.838 2.771   1.00 39.75  ? 46   TRP 1 CB  1 
ATOM   345  C CG  . TRP A 1 46  ? 9.601   -13.292 1.450   1.00 51.75  ? 46   TRP 1 CG  1 
ATOM   346  C CD1 . TRP A 1 46  ? 9.659   -13.921 0.242   1.00 48.41  ? 46   TRP 1 CD1 1 
ATOM   347  C CD2 . TRP A 1 46  ? 8.990   -12.016 1.214   1.00 44.55  ? 46   TRP 1 CD2 1 
ATOM   348  N NE1 . TRP A 1 46  ? 9.111   -13.117 -0.736  1.00 49.50  ? 46   TRP 1 NE1 1 
ATOM   349  C CE2 . TRP A 1 46  ? 8.692   -11.943 -0.165  1.00 49.44  ? 46   TRP 1 CE2 1 
ATOM   350  C CE3 . TRP A 1 46  ? 8.659   -10.934 2.038   1.00 49.70  ? 46   TRP 1 CE3 1 
ATOM   351  C CZ2 . TRP A 1 46  ? 8.072   -10.823 -0.749  1.00 48.25  ? 46   TRP 1 CZ2 1 
ATOM   352  C CZ3 . TRP A 1 46  ? 8.038   -9.811  1.458   1.00 49.55  ? 46   TRP 1 CZ3 1 
ATOM   353  C CH2 . TRP A 1 46  ? 7.754   -9.772  0.077   1.00 48.54  ? 46   TRP 1 CH2 1 
ATOM   354  N N   . ARG A 1 47  ? 10.167  -16.277 4.830   1.00 48.51  ? 47   ARG 1 N   1 
ATOM   355  C CA  . ARG A 1 47  ? 10.891  -16.721 6.016   1.00 49.96  ? 47   ARG 1 CA  1 
ATOM   356  C C   . ARG A 1 47  ? 12.359  -16.533 5.613   1.00 48.32  ? 47   ARG 1 C   1 
ATOM   357  O O   . ARG A 1 47  ? 12.755  -16.804 4.465   1.00 48.19  ? 47   ARG 1 O   1 
ATOM   358  C CB  . ARG A 1 47  ? 10.580  -18.197 6.375   1.00 56.52  ? 47   ARG 1 CB  1 
ATOM   359  C CG  . ARG A 1 47  ? 11.164  -18.592 7.764   1.00 59.89  ? 47   ARG 1 CG  1 
ATOM   360  C CD  . ARG A 1 47  ? 10.719  -19.958 8.307   1.00 58.61  ? 47   ARG 1 CD  1 
ATOM   361  N NE  . ARG A 1 47  ? 9.353   -19.995 8.846   1.00 60.05  ? 47   ARG 1 NE  1 
ATOM   362  C CZ  . ARG A 1 47  ? 8.301   -20.421 8.158   1.00 54.90  ? 47   ARG 1 CZ  1 
ATOM   363  N NH1 . ARG A 1 47  ? 8.456   -20.837 6.914   1.00 60.21  ? 47   ARG 1 NH1 1 
ATOM   364  N NH2 . ARG A 1 47  ? 7.102   -20.454 8.715   1.00 60.36  ? 47   ARG 1 NH2 1 
ATOM   365  N N   . ILE A 1 48  ? 13.166  -16.043 6.539   1.00 47.80  ? 48   ILE 1 N   1 
ATOM   366  C CA  . ILE A 1 48  ? 14.568  -15.795 6.233   1.00 51.61  ? 48   ILE 1 CA  1 
ATOM   367  C C   . ILE A 1 48  ? 15.448  -16.219 7.416   1.00 53.58  ? 48   ILE 1 C   1 
ATOM   368  O O   . ILE A 1 48  ? 14.974  -16.311 8.549   1.00 55.16  ? 48   ILE 1 O   1 
ATOM   369  C CB  . ILE A 1 48  ? 14.800  -14.271 5.938   1.00 51.55  ? 48   ILE 1 CB  1 
ATOM   370  C CG1 . ILE A 1 48  ? 14.306  -13.434 7.120   1.00 51.51  ? 48   ILE 1 CG1 1 
ATOM   371  C CG2 . ILE A 1 48  ? 14.052  -13.851 4.653   1.00 55.06  ? 48   ILE 1 CG2 1 
ATOM   372  C CD1 . ILE A 1 48  ? 14.618  -11.946 7.024   1.00 57.03  ? 48   ILE 1 CD1 1 
ATOM   373  N N   . GLY A 1 49  ? 16.731  -16.455 7.154   1.00 56.34  ? 49   GLY 1 N   1 
ATOM   374  C CA  . GLY A 1 49  ? 17.624  -16.851 8.226   1.00 57.73  ? 49   GLY 1 CA  1 
ATOM   375  C C   . GLY A 1 49  ? 19.078  -16.909 7.798   1.00 58.26  ? 49   GLY 1 C   1 
ATOM   376  O O   . GLY A 1 49  ? 19.383  -16.895 6.608   1.00 57.58  ? 49   GLY 1 O   1 
ATOM   377  N N   . GLY A 1 50  ? 19.979  -16.939 8.778   1.00 61.29  ? 50   GLY 1 N   1 
ATOM   378  C CA  . GLY A 1 50  ? 21.401  -17.038 8.489   1.00 60.05  ? 50   GLY 1 CA  1 
ATOM   379  C C   . GLY A 1 50  ? 22.049  -15.833 7.846   1.00 60.35  ? 50   GLY 1 C   1 
ATOM   380  O O   . GLY A 1 50  ? 22.662  -15.959 6.783   1.00 60.12  ? 50   GLY 1 O   1 
ATOM   381  N N   . GLY A 1 51  ? 21.923  -14.671 8.486   1.00 62.27  ? 51   GLY 1 N   1 
ATOM   382  C CA  . GLY A 1 51  ? 22.520  -13.451 7.954   1.00 60.95  ? 51   GLY 1 CA  1 
ATOM   383  C C   . GLY A 1 51  ? 21.878  -12.913 6.685   1.00 61.33  ? 51   GLY 1 C   1 
ATOM   384  O O   . GLY A 1 51  ? 22.476  -12.089 5.988   1.00 61.41  ? 51   GLY 1 O   1 
ATOM   385  N N   . PHE A 1 52  ? 20.672  -13.373 6.364   1.00 60.46  ? 52   PHE 1 N   1 
ATOM   386  C CA  . PHE A 1 52  ? 19.990  -12.895 5.163   1.00 60.23  ? 52   PHE 1 CA  1 
ATOM   387  C C   . PHE A 1 52  ? 19.643  -11.396 5.321   1.00 57.98  ? 52   PHE 1 C   1 
ATOM   388  O O   . PHE A 1 52  ? 19.137  -10.977 6.359   1.00 60.28  ? 52   PHE 1 O   1 
ATOM   389  C CB  . PHE A 1 52  ? 18.708  -13.689 4.932   1.00 59.00  ? 52   PHE 1 CB  1 
ATOM   390  C CG  . PHE A 1 52  ? 18.115  -13.494 3.569   1.00 57.45  ? 52   PHE 1 CG  1 
ATOM   391  C CD1 . PHE A 1 52  ? 18.659  -14.141 2.465   1.00 55.06  ? 52   PHE 1 CD1 1 
ATOM   392  C CD2 . PHE A 1 52  ? 17.002  -12.672 3.388   1.00 57.56  ? 52   PHE 1 CD2 1 
ATOM   393  C CE1 . PHE A 1 52  ? 18.102  -13.984 1.198   1.00 58.17  ? 52   PHE 1 CE1 1 
ATOM   394  C CE2 . PHE A 1 52  ? 16.437  -12.508 2.119   1.00 51.64  ? 52   PHE 1 CE2 1 
ATOM   395  C CZ  . PHE A 1 52  ? 16.987  -13.163 1.026   1.00 51.94  ? 52   PHE 1 CZ  1 
ATOM   396  N N   . CYS A 1 53  ? 19.923  -10.610 4.286   1.00 56.82  ? 53   CYS 1 N   1 
ATOM   397  C CA  . CYS A 1 53  ? 19.661  -9.166  4.289   1.00 53.61  ? 53   CYS 1 CA  1 
ATOM   398  C C   . CYS A 1 53  ? 18.572  -8.860  3.284   1.00 51.65  ? 53   CYS 1 C   1 
ATOM   399  O O   . CYS A 1 53  ? 18.696  -9.174  2.102   1.00 51.02  ? 53   CYS 1 O   1 
ATOM   400  C CB  . CYS A 1 53  ? 20.938  -8.380  3.925   1.00 56.73  ? 53   CYS 1 CB  1 
ATOM   401  S SG  . CYS A 1 53  ? 22.187  -8.359  5.279   1.00 58.37  ? 53   CYS 1 SG  1 
ATOM   402  N N   . VAL A 1 54  ? 17.500  -8.228  3.744   1.00 49.22  ? 54   VAL 1 N   1 
ATOM   403  C CA  . VAL A 1 54  ? 16.407  -7.952  2.827   1.00 47.49  ? 54   VAL 1 CA  1 
ATOM   404  C C   . VAL A 1 54  ? 15.625  -6.676  3.143   1.00 44.80  ? 54   VAL 1 C   1 
ATOM   405  O O   . VAL A 1 54  ? 15.369  -6.353  4.303   1.00 41.56  ? 54   VAL 1 O   1 
ATOM   406  C CB  . VAL A 1 54  ? 15.432  -9.176  2.808   1.00 42.35  ? 54   VAL 1 CB  1 
ATOM   407  C CG1 . VAL A 1 54  ? 14.743  -9.296  4.158   1.00 39.89  ? 54   VAL 1 CG1 1 
ATOM   408  C CG2 . VAL A 1 54  ? 14.431  -9.062  1.680   1.00 43.06  ? 54   VAL 1 CG2 1 
ATOM   409  N N   . GLY A 1 55  ? 15.239  -5.963  2.089   1.00 46.29  ? 55   GLY 1 N   1 
ATOM   410  C CA  . GLY A 1 55  ? 14.453  -4.755  2.262   1.00 43.37  ? 55   GLY 1 CA  1 
ATOM   411  C C   . GLY A 1 55  ? 13.256  -4.943  1.352   1.00 44.53  ? 55   GLY 1 C   1 
ATOM   412  O O   . GLY A 1 55  ? 13.044  -6.045  0.840   1.00 45.51  ? 55   GLY 1 O   1 
ATOM   413  N N   . LEU A 1 56  ? 12.482  -3.884  1.136   1.00 42.51  ? 56   LEU 1 N   1 
ATOM   414  C CA  . LEU A 1 56  ? 11.317  -3.955  0.268   1.00 40.80  ? 56   LEU 1 CA  1 
ATOM   415  C C   . LEU A 1 56  ? 11.210  -2.830  -0.757  1.00 43.72  ? 56   LEU 1 C   1 
ATOM   416  O O   . LEU A 1 56  ? 11.462  -1.664  -0.427  1.00 40.30  ? 56   LEU 1 O   1 
ATOM   417  C CB  . LEU A 1 56  ? 10.046  -3.882  1.111   1.00 37.45  ? 56   LEU 1 CB  1 
ATOM   418  C CG  . LEU A 1 56  ? 9.823   -4.889  2.225   1.00 41.87  ? 56   LEU 1 CG  1 
ATOM   419  C CD1 . LEU A 1 56  ? 8.640   -4.451  3.082   1.00 36.07  ? 56   LEU 1 CD1 1 
ATOM   420  C CD2 . LEU A 1 56  ? 9.570   -6.269  1.586   1.00 39.80  ? 56   LEU 1 CD2 1 
ATOM   421  N N   . ASP A 1 57  ? 10.829  -3.172  -1.987  1.00 38.06  ? 57   ASP 1 N   1 
ATOM   422  C CA  . ASP A 1 57  ? 10.560  -2.140  -2.979  1.00 41.23  ? 57   ASP 1 CA  1 
ATOM   423  C C   . ASP A 1 57  ? 9.046   -2.171  -3.159  1.00 40.15  ? 57   ASP 1 C   1 
ATOM   424  O O   . ASP A 1 57  ? 8.416   -3.222  -2.964  1.00 35.60  ? 57   ASP 1 O   1 
ATOM   425  C CB  . ASP A 1 57  ? 11.181  -2.446  -4.338  1.00 37.37  ? 57   ASP 1 CB  1 
ATOM   426  C CG  . ASP A 1 57  ? 12.700  -2.393  -4.317  1.00 40.83  ? 57   ASP 1 CG  1 
ATOM   427  O OD1 . ASP A 1 57  ? 13.280  -1.687  -3.452  1.00 38.52  ? 57   ASP 1 OD1 1 
ATOM   428  O OD2 . ASP A 1 57  ? 13.298  -3.059  -5.179  1.00 42.69  ? 57   ASP 1 OD2 1 
ATOM   429  N N   . GLY A 1 58  ? 8.474   -1.033  -3.529  1.00 34.41  ? 58   GLY 1 N   1 
ATOM   430  C CA  . GLY A 1 58  ? 7.048   -0.972  -3.791  1.00 38.12  ? 58   GLY 1 CA  1 
ATOM   431  C C   . GLY A 1 58  ? 6.794   -0.296  -5.140  1.00 38.69  ? 58   GLY 1 C   1 
ATOM   432  O O   . GLY A 1 58  ? 7.632   0.476   -5.633  1.00 40.66  ? 58   GLY 1 O   1 
ATOM   433  N N   . LYS A 1 59  ? 5.653   -0.573  -5.755  1.00 36.21  ? 59   LYS 1 N   1 
ATOM   434  C CA  . LYS A 1 59  ? 5.323   0.088   -7.027  1.00 39.28  ? 59   LYS 1 CA  1 
ATOM   435  C C   . LYS A 1 59  ? 3.809   0.221   -7.160  1.00 40.69  ? 59   LYS 1 C   1 
ATOM   436  O O   . LYS A 1 59  ? 3.069   -0.738  -6.922  1.00 39.05  ? 59   LYS 1 O   1 
ATOM   437  C CB  . LYS A 1 59  ? 5.891   -0.684  -8.224  1.00 42.51  ? 59   LYS 1 CB  1 
ATOM   438  C CG  . LYS A 1 59  ? 5.567   -0.075  -9.597  1.00 46.68  ? 59   LYS 1 CG  1 
ATOM   439  C CD  . LYS A 1 59  ? 6.419   -0.732  -10.713 1.00 44.94  ? 59   LYS 1 CD  1 
ATOM   440  C CE  . LYS A 1 59  ? 5.981   -2.171  -10.970 1.00 50.14  ? 59   LYS 1 CE  1 
ATOM   441  N NZ  . LYS A 1 59  ? 4.682   -2.239  -11.680 1.00 47.92  ? 59   LYS 1 NZ  1 
ATOM   442  N N   . VAL A 1 60  ? 3.356   1.429   -7.507  1.00 36.82  ? 60   VAL 1 N   1 
ATOM   443  C CA  . VAL A 1 60  ? 1.945   1.713   -7.686  1.00 36.03  ? 60   VAL 1 CA  1 
ATOM   444  C C   . VAL A 1 60  ? 1.718   1.882   -9.183  1.00 40.76  ? 60   VAL 1 C   1 
ATOM   445  O O   . VAL A 1 60  ? 2.448   2.639   -9.842  1.00 40.08  ? 60   VAL 1 O   1 
ATOM   446  C CB  . VAL A 1 60  ? 1.547   3.044   -6.942  1.00 36.27  ? 60   VAL 1 CB  1 
ATOM   447  C CG1 . VAL A 1 60  ? 0.137   3.464   -7.347  1.00 29.87  ? 60   VAL 1 CG1 1 
ATOM   448  C CG2 . VAL A 1 60  ? 1.621   2.835   -5.413  1.00 32.57  ? 60   VAL 1 CG2 1 
ATOM   449  N N   . ASP A 1 61  ? 0.694   1.211   -9.714  1.00 42.07  ? 61   ASP 1 N   1 
ATOM   450  C CA  . ASP A 1 61  ? 0.420   1.278   -11.158 1.00 41.70  ? 61   ASP 1 CA  1 
ATOM   451  C C   . ASP A 1 61  ? -0.657  2.270   -11.581 1.00 43.25  ? 61   ASP 1 C   1 
ATOM   452  O O   . ASP A 1 61  ? -0.789  2.564   -12.759 1.00 43.89  ? 61   ASP 1 O   1 
ATOM   453  C CB  . ASP A 1 61  ? 0.076   -0.120  -11.682 1.00 38.07  ? 61   ASP 1 CB  1 
ATOM   454  C CG  . ASP A 1 61  ? 1.133   -1.145  -11.311 1.00 40.68  ? 61   ASP 1 CG  1 
ATOM   455  O OD1 . ASP A 1 61  ? 2.345   -0.810  -11.314 1.00 39.51  ? 61   ASP 1 OD1 1 
ATOM   456  O OD2 . ASP A 1 61  ? 0.764   -2.300  -11.026 1.00 49.21  ? 61   ASP 1 OD2 1 
ATOM   457  N N   . LEU A 1 62  ? -1.392  2.812   -10.616 1.00 39.36  ? 62   LEU 1 N   1 
ATOM   458  C CA  . LEU A 1 62  ? -2.449  3.767   -10.908 1.00 37.89  ? 62   LEU 1 CA  1 
ATOM   459  C C   . LEU A 1 62  ? -1.840  5.035   -11.462 1.00 35.42  ? 62   LEU 1 C   1 
ATOM   460  O O   . LEU A 1 62  ? -0.703  5.355   -11.161 1.00 37.23  ? 62   LEU 1 O   1 
ATOM   461  C CB  . LEU A 1 62  ? -3.212  4.100   -9.619  1.00 40.63  ? 62   LEU 1 CB  1 
ATOM   462  C CG  . LEU A 1 62  ? -3.841  2.894   -8.956  1.00 34.70  ? 62   LEU 1 CG  1 
ATOM   463  C CD1 . LEU A 1 62  ? -4.275  3.203   -7.484  1.00 33.00  ? 62   LEU 1 CD1 1 
ATOM   464  C CD2 . LEU A 1 62  ? -5.032  2.482   -9.848  1.00 33.15  ? 62   LEU 1 CD2 1 
ATOM   465  N N   . PRO A 1 63  ? -2.589  5.781   -12.273 1.00 36.43  ? 63   PRO 1 N   1 
ATOM   466  C CA  . PRO A 1 63  ? -2.041  7.024   -12.832 1.00 37.61  ? 63   PRO 1 CA  1 
ATOM   467  C C   . PRO A 1 63  ? -1.914  8.121   -11.788 1.00 39.56  ? 63   PRO 1 C   1 
ATOM   468  O O   . PRO A 1 63  ? -2.799  8.279   -10.951 1.00 38.25  ? 63   PRO 1 O   1 
ATOM   469  C CB  . PRO A 1 63  ? -3.073  7.431   -13.874 1.00 36.05  ? 63   PRO 1 CB  1 
ATOM   470  C CG  . PRO A 1 63  ? -4.391  6.916   -13.261 1.00 41.13  ? 63   PRO 1 CG  1 
ATOM   471  C CD  . PRO A 1 63  ? -3.949  5.512   -12.779 1.00 40.15  ? 63   PRO 1 CD  1 
ATOM   472  N N   . VAL A 1 64  ? -0.829  8.885   -11.865 1.00 39.20  ? 64   VAL 1 N   1 
ATOM   473  C CA  . VAL A 1 64  ? -0.614  10.007  -10.964 1.00 40.24  ? 64   VAL 1 CA  1 
ATOM   474  C C   . VAL A 1 64  ? -1.417  11.198  -11.492 1.00 39.58  ? 64   VAL 1 C   1 
ATOM   475  O O   . VAL A 1 64  ? -1.288  11.557  -12.681 1.00 39.58  ? 64   VAL 1 O   1 
ATOM   476  C CB  . VAL A 1 64  ? 0.862   10.406  -10.919 1.00 38.86  ? 64   VAL 1 CB  1 
ATOM   477  C CG1 . VAL A 1 64  ? 1.006   11.780  -10.263 1.00 42.95  ? 64   VAL 1 CG1 1 
ATOM   478  C CG2 . VAL A 1 64  ? 1.647   9.383   -10.112 1.00 38.52  ? 64   VAL 1 CG2 1 
ATOM   479  N N   . VAL A 1 65  ? -2.259  11.788  -10.642 1.00 36.26  ? 65   VAL 1 N   1 
ATOM   480  C CA  . VAL A 1 65  ? -3.054  12.958  -11.044 1.00 38.64  ? 65   VAL 1 CA  1 
ATOM   481  C C   . VAL A 1 65  ? -2.691  14.231  -10.277 1.00 40.11  ? 65   VAL 1 C   1 
ATOM   482  O O   . VAL A 1 65  ? -3.357  15.267  -10.416 1.00 43.05  ? 65   VAL 1 O   1 
ATOM   483  C CB  . VAL A 1 65  ? -4.605  12.740  -10.885 1.00 42.47  ? 65   VAL 1 CB  1 
ATOM   484  C CG1 . VAL A 1 65  ? -5.078  11.568  -11.743 1.00 37.58  ? 65   VAL 1 CG1 1 
ATOM   485  C CG2 . VAL A 1 65  ? -4.955  12.514  -9.441  1.00 41.39  ? 65   VAL 1 CG2 1 
ATOM   486  N N   . GLY A 1 66  ? -1.640  14.167  -9.471  1.00 38.26  ? 66   GLY 1 N   1 
ATOM   487  C CA  . GLY A 1 66  ? -1.236  15.343  -8.712  1.00 35.59  ? 66   GLY 1 CA  1 
ATOM   488  C C   . GLY A 1 66  ? -0.466  14.949  -7.472  1.00 37.48  ? 66   GLY 1 C   1 
ATOM   489  O O   . GLY A 1 66  ? 0.085   13.858  -7.407  1.00 40.03  ? 66   GLY 1 O   1 
ATOM   490  N N   . SER A 1 67  ? -0.389  15.837  -6.498  1.00 36.13  ? 67   SER 1 N   1 
ATOM   491  C CA  . SER A 1 67  ? 0.318   15.510  -5.276  1.00 37.26  ? 67   SER 1 CA  1 
ATOM   492  C C   . SER A 1 67  ? -0.144  16.353  -4.135  1.00 39.27  ? 67   SER 1 C   1 
ATOM   493  O O   . SER A 1 67  ? -0.764  17.422  -4.319  1.00 36.16  ? 67   SER 1 O   1 
ATOM   494  C CB  . SER A 1 67  ? 1.819   15.684  -5.432  1.00 41.07  ? 67   SER 1 CB  1 
ATOM   495  O OG  . SER A 1 67  ? 2.178   17.039  -5.478  1.00 41.71  ? 67   SER 1 OG  1 
ATOM   496  N N   . LEU A 1 68  ? 0.187   15.872  -2.944  1.00 40.34  ? 68   LEU 1 N   1 
ATOM   497  C CA  . LEU A 1 68  ? -0.161  16.533  -1.715  1.00 45.95  ? 68   LEU 1 CA  1 
ATOM   498  C C   . LEU A 1 68  ? 1.010   16.325  -0.768  1.00 50.60  ? 68   LEU 1 C   1 
ATOM   499  O O   . LEU A 1 68  ? 1.404   15.197  -0.494  1.00 50.25  ? 68   LEU 1 O   1 
ATOM   500  C CB  . LEU A 1 68  ? -1.462  15.941  -1.150  1.00 45.14  ? 68   LEU 1 CB  1 
ATOM   501  C CG  . LEU A 1 68  ? -2.115  16.549  0.112   1.00 50.86  ? 68   LEU 1 CG  1 
ATOM   502  C CD1 . LEU A 1 68  ? -1.581  15.863  1.343   1.00 51.92  ? 68   LEU 1 CD1 1 
ATOM   503  C CD2 . LEU A 1 68  ? -1.855  18.075  0.192   1.00 41.44  ? 68   LEU 1 CD2 1 
ATOM   504  N N   . ASP A 1 69  ? 1.592   17.429  -0.305  1.00 50.04  ? 69   ASP 1 N   1 
ATOM   505  C CA  . ASP A 1 69  ? 2.717   17.364  0.610   1.00 52.69  ? 69   ASP 1 CA  1 
ATOM   506  C C   . ASP A 1 69  ? 3.814   16.385  0.213   1.00 52.03  ? 69   ASP 1 C   1 
ATOM   507  O O   . ASP A 1 69  ? 4.247   15.581  1.029   1.00 55.45  ? 69   ASP 1 O   1 
ATOM   508  C CB  . ASP A 1 69  ? 2.220   17.045  2.021   1.00 52.77  ? 69   ASP 1 CB  1 
ATOM   509  C CG  . ASP A 1 69  ? 1.386   18.169  2.591   1.00 55.06  ? 69   ASP 1 CG  1 
ATOM   510  O OD1 . ASP A 1 69  ? 1.689   19.339  2.262   1.00 55.99  ? 69   ASP 1 OD1 1 
ATOM   511  O OD2 . ASP A 1 69  ? 0.443   17.904  3.363   1.00 57.78  ? 69   ASP 1 OD2 1 
ATOM   512  N N   . GLY A 1 70  ? 4.245   16.453  -1.042  1.00 52.25  ? 70   GLY 1 N   1 
ATOM   513  C CA  . GLY A 1 70  ? 5.317   15.587  -1.519  1.00 52.26  ? 70   GLY 1 CA  1 
ATOM   514  C C   . GLY A 1 70  ? 4.988   14.124  -1.774  1.00 51.83  ? 70   GLY 1 C   1 
ATOM   515  O O   . GLY A 1 70  ? 5.891   13.293  -1.899  1.00 53.03  ? 70   GLY 1 O   1 
ATOM   516  N N   . GLN A 1 71  ? 3.703   13.809  -1.869  1.00 46.59  ? 71   GLN 1 N   1 
ATOM   517  C CA  . GLN A 1 71  ? 3.266   12.442  -2.110  1.00 44.23  ? 71   GLN 1 CA  1 
ATOM   518  C C   . GLN A 1 71  ? 2.209   12.470  -3.216  1.00 39.85  ? 71   GLN 1 C   1 
ATOM   519  O O   . GLN A 1 71  ? 1.291   13.297  -3.179  1.00 39.44  ? 71   GLN 1 O   1 
ATOM   520  C CB  . GLN A 1 71  ? 2.704   11.878  -0.800  1.00 43.69  ? 71   GLN 1 CB  1 
ATOM   521  C CG  . GLN A 1 71  ? 1.600   10.919  -0.937  1.00 37.78  ? 71   GLN 1 CG  1 
ATOM   522  C CD  . GLN A 1 71  ? 1.234   10.281  0.406   1.00 37.64  ? 71   GLN 1 CD  1 
ATOM   523  O OE1 . GLN A 1 71  ? 0.954   9.085   0.485   1.00 36.84  ? 71   GLN 1 OE1 1 
ATOM   524  N NE2 . GLN A 1 71  ? 1.230   11.079  1.452   1.00 27.50  ? 71   GLN 1 NE2 1 
ATOM   525  N N   . SER A 1 72  ? 2.345   11.586  -4.208  1.00 38.35  ? 72   SER 1 N   1 
ATOM   526  C CA  . SER A 1 72  ? 1.407   11.539  -5.323  1.00 37.86  ? 72   SER 1 CA  1 
ATOM   527  C C   . SER A 1 72  ? -0.033  11.218  -4.920  1.00 35.94  ? 72   SER 1 C   1 
ATOM   528  O O   . SER A 1 72  ? -0.274  10.433  -3.996  1.00 35.07  ? 72   SER 1 O   1 
ATOM   529  C CB  . SER A 1 72  ? 1.801   10.458  -6.363  1.00 35.20  ? 72   SER 1 CB  1 
ATOM   530  O OG  . SER A 1 72  ? 3.119   10.566  -6.851  1.00 39.10  ? 72   SER 1 OG  1 
ATOM   531  N N   . ILE A 1 73  ? -0.980  11.816  -5.640  1.00 36.69  ? 73   ILE 1 N   1 
ATOM   532  C CA  . ILE A 1 73  ? -2.395  11.499  -5.472  1.00 34.53  ? 73   ILE 1 CA  1 
ATOM   533  C C   . ILE A 1 73  ? -2.600  10.616  -6.719  1.00 36.27  ? 73   ILE 1 C   1 
ATOM   534  O O   . ILE A 1 73  ? -2.343  11.070  -7.842  1.00 34.74  ? 73   ILE 1 O   1 
ATOM   535  C CB  . ILE A 1 73  ? -3.360  12.692  -5.645  1.00 38.50  ? 73   ILE 1 CB  1 
ATOM   536  C CG1 . ILE A 1 73  ? -3.486  13.521  -4.366  1.00 40.66  ? 73   ILE 1 CG1 1 
ATOM   537  C CG2 . ILE A 1 73  ? -4.778  12.163  -5.888  1.00 33.31  ? 73   ILE 1 CG2 1 
ATOM   538  C CD1 . ILE A 1 73  ? -2.304  14.275  -4.032  1.00 47.63  ? 73   ILE 1 CD1 1 
ATOM   539  N N   . TYR A 1 74  ? -2.980  9.357   -6.515  1.00 36.89  ? 74   TYR 1 N   1 
ATOM   540  C CA  . TYR A 1 74  ? -3.233  8.406   -7.600  1.00 36.16  ? 74   TYR 1 CA  1 
ATOM   541  C C   . TYR A 1 74  ? -4.720  8.426   -7.916  1.00 36.47  ? 74   TYR 1 C   1 
ATOM   542  O O   . TYR A 1 74  ? -5.517  8.427   -7.002  1.00 36.16  ? 74   TYR 1 O   1 
ATOM   543  C CB  . TYR A 1 74  ? -2.816  7.002   -7.171  1.00 33.76  ? 74   TYR 1 CB  1 
ATOM   544  C CG  . TYR A 1 74  ? -1.343  6.878   -6.960  1.00 29.95  ? 74   TYR 1 CG  1 
ATOM   545  C CD1 . TYR A 1 74  ? -0.458  6.743   -8.055  1.00 33.17  ? 74   TYR 1 CD1 1 
ATOM   546  C CD2 . TYR A 1 74  ? -0.811  6.893   -5.683  1.00 26.76  ? 74   TYR 1 CD2 1 
ATOM   547  C CE1 . TYR A 1 74  ? 0.912   6.624   -7.855  1.00 37.05  ? 74   TYR 1 CE1 1 
ATOM   548  C CE2 . TYR A 1 74  ? 0.559   6.781   -5.477  1.00 28.92  ? 74   TYR 1 CE2 1 
ATOM   549  C CZ  . TYR A 1 74  ? 1.407   6.639   -6.546  1.00 30.17  ? 74   TYR 1 CZ  1 
ATOM   550  O OH  . TYR A 1 74  ? 2.735   6.467   -6.319  1.00 30.72  ? 74   TYR 1 OH  1 
ATOM   551  N N   . GLY A 1 75  ? -5.088  8.464   -9.208  1.00 39.31  ? 75   GLY 1 N   1 
ATOM   552  C CA  . GLY A 1 75  ? -6.497  8.501   -9.585  1.00 35.09  ? 75   GLY 1 CA  1 
ATOM   553  C C   . GLY A 1 75  ? -7.201  7.140   -9.690  1.00 37.39  ? 75   GLY 1 C   1 
ATOM   554  O O   . GLY A 1 75  ? -6.611  6.160   -10.149 1.00 37.94  ? 75   GLY 1 O   1 
ATOM   555  N N   . LEU A 1 76  ? -8.445  7.076   -9.236  1.00 39.41  ? 76   LEU 1 N   1 
ATOM   556  C CA  . LEU A 1 76  ? -9.252  5.859   -9.305  1.00 41.76  ? 76   LEU 1 CA  1 
ATOM   557  C C   . LEU A 1 76  ? -10.373 6.139   -10.288 1.00 44.65  ? 76   LEU 1 C   1 
ATOM   558  O O   . LEU A 1 76  ? -10.701 5.303   -11.119 1.00 47.60  ? 76   LEU 1 O   1 
ATOM   559  C CB  . LEU A 1 76  ? -9.880  5.518   -7.950  1.00 43.34  ? 76   LEU 1 CB  1 
ATOM   560  C CG  . LEU A 1 76  ? -8.925  4.972   -6.895  1.00 42.34  ? 76   LEU 1 CG  1 
ATOM   561  C CD1 . LEU A 1 76  ? -9.684  4.729   -5.582  1.00 34.99  ? 76   LEU 1 CD1 1 
ATOM   562  C CD2 . LEU A 1 76  ? -8.278  3.715   -7.442  1.00 39.09  ? 76   LEU 1 CD2 1 
ATOM   563  N N   . THR A 1 77  ? -10.968 7.321   -10.152 1.00 46.48  ? 77   THR 1 N   1 
ATOM   564  C CA  . THR A 1 77  ? -12.038 7.789   -11.032 1.00 48.91  ? 77   THR 1 CA  1 
ATOM   565  C C   . THR A 1 77  ? -11.830 9.291   -11.159 1.00 50.81  ? 77   THR 1 C   1 
ATOM   566  O O   . THR A 1 77  ? -10.888 9.851   -10.578 1.00 47.86  ? 77   THR 1 O   1 
ATOM   567  C CB  . THR A 1 77  ? -13.447 7.591   -10.437 1.00 50.34  ? 77   THR 1 CB  1 
ATOM   568  O OG1 . THR A 1 77  ? -13.573 8.382   -9.250  1.00 48.76  ? 77   THR 1 OG1 1 
ATOM   569  C CG2 . THR A 1 77  ? -13.715 6.119   -10.128 1.00 54.47  ? 77   THR 1 CG2 1 
ATOM   570  N N   . GLU A 1 78  ? -12.706 9.957   -11.903 1.00 50.18  ? 78   GLU 1 N   1 
ATOM   571  C CA  . GLU A 1 78  ? -12.585 11.412  -12.043 1.00 52.79  ? 78   GLU 1 CA  1 
ATOM   572  C C   . GLU A 1 78  ? -12.782 12.150  -10.722 1.00 50.30  ? 78   GLU 1 C   1 
ATOM   573  O O   . GLU A 1 78  ? -12.221 13.225  -10.516 1.00 49.17  ? 78   GLU 1 O   1 
ATOM   574  C CB  . GLU A 1 78  ? -13.589 11.932  -13.070 1.00 57.19  ? 78   GLU 1 CB  1 
ATOM   575  C CG  . GLU A 1 78  ? -13.098 11.809  -14.527 1.00 68.66  ? 78   GLU 1 CG  1 
ATOM   576  C CD  . GLU A 1 78  ? -11.903 12.711  -14.819 1.00 73.36  ? 78   GLU 1 CD  1 
ATOM   577  O OE1 . GLU A 1 78  ? -12.010 13.936  -14.572 1.00 75.76  ? 78   GLU 1 OE1 1 
ATOM   578  O OE2 . GLU A 1 78  ? -10.865 12.195  -15.295 1.00 76.67  ? 78   GLU 1 OE2 1 
ATOM   579  N N   . GLU A 1 79  ? -13.570 11.566  -9.824  1.00 49.11  ? 79   GLU 1 N   1 
ATOM   580  C CA  . GLU A 1 79  ? -13.837 12.197  -8.532  1.00 48.42  ? 79   GLU 1 CA  1 
ATOM   581  C C   . GLU A 1 79  ? -13.041 11.668  -7.333  1.00 45.08  ? 79   GLU 1 C   1 
ATOM   582  O O   . GLU A 1 79  ? -12.897 12.365  -6.323  1.00 46.20  ? 79   GLU 1 O   1 
ATOM   583  C CB  . GLU A 1 79  ? -15.312 12.081  -8.193  1.00 57.76  ? 79   GLU 1 CB  1 
ATOM   584  C CG  . GLU A 1 79  ? -16.223 12.544  -9.312  1.00 66.65  ? 79   GLU 1 CG  1 
ATOM   585  C CD  . GLU A 1 79  ? -17.318 11.548  -9.552  1.00 74.60  ? 79   GLU 1 CD  1 
ATOM   586  O OE1 . GLU A 1 79  ? -18.280 11.521  -8.742  1.00 79.71  ? 79   GLU 1 OE1 1 
ATOM   587  O OE2 . GLU A 1 79  ? -17.197 10.783  -10.538 1.00 72.85  ? 79   GLU 1 OE2 1 
ATOM   588  N N   . VAL A 1 80  ? -12.551 10.443  -7.424  1.00 42.54  ? 80   VAL 1 N   1 
ATOM   589  C CA  . VAL A 1 80  ? -11.815 9.857   -6.314  1.00 42.51  ? 80   VAL 1 CA  1 
ATOM   590  C C   . VAL A 1 80  ? -10.384 9.415   -6.657  1.00 41.31  ? 80   VAL 1 C   1 
ATOM   591  O O   . VAL A 1 80  ? -10.143 8.816   -7.705  1.00 42.39  ? 80   VAL 1 O   1 
ATOM   592  C CB  . VAL A 1 80  ? -12.582 8.653   -5.765  1.00 41.92  ? 80   VAL 1 CB  1 
ATOM   593  C CG1 . VAL A 1 80  ? -11.818 8.023   -4.609  1.00 33.99  ? 80   VAL 1 CG1 1 
ATOM   594  C CG2 . VAL A 1 80  ? -13.966 9.088   -5.332  1.00 38.07  ? 80   VAL 1 CG2 1 
ATOM   595  N N   . GLY A 1 81  ? -9.463  9.749   -5.759  1.00 37.69  ? 81   GLY 1 N   1 
ATOM   596  C CA  . GLY A 1 81  ? -8.068  9.371   -5.877  1.00 34.34  ? 81   GLY 1 CA  1 
ATOM   597  C C   . GLY A 1 81  ? -7.623  8.742   -4.551  1.00 35.92  ? 81   GLY 1 C   1 
ATOM   598  O O   . GLY A 1 81  ? -8.446  8.546   -3.659  1.00 32.83  ? 81   GLY 1 O   1 
ATOM   599  N N   . LEU A 1 82  ? -6.338  8.425   -4.431  1.00 35.35  ? 82   LEU 1 N   1 
ATOM   600  C CA  . LEU A 1 82  ? -5.771  7.827   -3.234  1.00 31.60  ? 82   LEU 1 CA  1 
ATOM   601  C C   . LEU A 1 82  ? -4.398  8.345   -2.962  1.00 34.33  ? 82   LEU 1 C   1 
ATOM   602  O O   . LEU A 1 82  ? -3.664  8.653   -3.902  1.00 29.24  ? 82   LEU 1 O   1 
ATOM   603  C CB  . LEU A 1 82  ? -5.516  6.314   -3.396  1.00 30.45  ? 82   LEU 1 CB  1 
ATOM   604  C CG  . LEU A 1 82  ? -6.699  5.405   -3.687  1.00 36.33  ? 82   LEU 1 CG  1 
ATOM   605  C CD1 . LEU A 1 82  ? -6.193  4.036   -4.073  1.00 39.28  ? 82   LEU 1 CD1 1 
ATOM   606  C CD2 . LEU A 1 82  ? -7.604  5.345   -2.479  1.00 32.67  ? 82   LEU 1 CD2 1 
ATOM   607  N N   . LEU A 1 83  ? -4.066  8.372   -1.663  1.00 32.82  ? 83   LEU 1 N   1 
ATOM   608  C CA  . LEU A 1 83  ? -2.733  8.623   -1.158  1.00 28.64  ? 83   LEU 1 CA  1 
ATOM   609  C C   . LEU A 1 83  ? -2.381  7.159   -0.770  1.00 32.15  ? 83   LEU 1 C   1 
ATOM   610  O O   . LEU A 1 83  ? -3.240  6.423   -0.238  1.00 28.69  ? 83   LEU 1 O   1 
ATOM   611  C CB  . LEU A 1 83  ? -2.761  9.462   0.135   1.00 29.83  ? 83   LEU 1 CB  1 
ATOM   612  C CG  . LEU A 1 83  ? -3.186  10.918  -0.079  1.00 30.63  ? 83   LEU 1 CG  1 
ATOM   613  C CD1 . LEU A 1 83  ? -3.054  11.643  1.259   1.00 34.89  ? 83   LEU 1 CD1 1 
ATOM   614  C CD2 . LEU A 1 83  ? -2.304  11.590  -1.152  1.00 29.23  ? 83   LEU 1 CD2 1 
ATOM   615  N N   . ILE A 1 84  ? -1.138  6.751   -0.991  1.00 31.86  ? 84   ILE 1 N   1 
ATOM   616  C CA  . ILE A 1 84  ? -0.765  5.374   -0.729  1.00 32.49  ? 84   ILE 1 CA  1 
ATOM   617  C C   . ILE A 1 84  ? 0.554   5.290   -0.033  1.00 31.99  ? 84   ILE 1 C   1 
ATOM   618  O O   . ILE A 1 84  ? 1.440   6.116   -0.288  1.00 33.62  ? 84   ILE 1 O   1 
ATOM   619  C CB  . ILE A 1 84  ? -0.678  4.580   -2.068  1.00 34.59  ? 84   ILE 1 CB  1 
ATOM   620  C CG1 . ILE A 1 84  ? -2.049  4.648   -2.757  1.00 31.17  ? 84   ILE 1 CG1 1 
ATOM   621  C CG2 . ILE A 1 84  ? -0.129  3.105   -1.813  1.00 28.27  ? 84   ILE 1 CG2 1 
ATOM   622  C CD1 . ILE A 1 84  ? -2.156  3.941   -4.155  1.00 29.46  ? 84   ILE 1 CD1 1 
ATOM   623  N N   . TRP A 1 85  ? 0.657   4.330   0.900   1.00 30.66  ? 85   TRP 1 N   1 
ATOM   624  C CA  . TRP A 1 85  ? 1.895   4.095   1.661   1.00 31.81  ? 85   TRP 1 CA  1 
ATOM   625  C C   . TRP A 1 85  ? 2.194   2.602   1.583   1.00 35.12  ? 85   TRP 1 C   1 
ATOM   626  O O   . TRP A 1 85  ? 1.277   1.789   1.698   1.00 34.69  ? 85   TRP 1 O   1 
ATOM   627  C CB  . TRP A 1 85  ? 1.720   4.436   3.151   1.00 28.97  ? 85   TRP 1 CB  1 
ATOM   628  C CG  . TRP A 1 85  ? 1.605   5.896   3.490   1.00 35.49  ? 85   TRP 1 CG  1 
ATOM   629  C CD1 . TRP A 1 85  ? 2.595   6.704   4.022   1.00 31.35  ? 85   TRP 1 CD1 1 
ATOM   630  C CD2 . TRP A 1 85  ? 0.433   6.732   3.358   1.00 29.70  ? 85   TRP 1 CD2 1 
ATOM   631  N NE1 . TRP A 1 85  ? 2.098   7.979   4.224   1.00 33.02  ? 85   TRP 1 NE1 1 
ATOM   632  C CE2 . TRP A 1 85  ? 0.787   8.030   3.822   1.00 34.96  ? 85   TRP 1 CE2 1 
ATOM   633  C CE3 . TRP A 1 85  ? -0.871  6.515   2.891   1.00 32.29  ? 85   TRP 1 CE3 1 
ATOM   634  C CZ2 . TRP A 1 85  ? -0.125  9.104   3.823   1.00 32.57  ? 85   TRP 1 CZ2 1 
ATOM   635  C CZ3 . TRP A 1 85  ? -1.773  7.562   2.897   1.00 37.11  ? 85   TRP 1 CZ3 1 
ATOM   636  C CH2 . TRP A 1 85  ? -1.400  8.852   3.362   1.00 31.07  ? 85   TRP 1 CH2 1 
ATOM   637  N N   . MET A 1 86  ? 3.455   2.241   1.392   1.00 35.11  ? 86   MET 1 N   1 
ATOM   638  C CA  . MET A 1 86  ? 3.843   0.833   1.362   1.00 35.80  ? 86   MET 1 CA  1 
ATOM   639  C C   . MET A 1 86  ? 5.120   0.729   2.191   1.00 37.05  ? 86   MET 1 C   1 
ATOM   640  O O   . MET A 1 86  ? 5.930   1.674   2.259   1.00 32.67  ? 86   MET 1 O   1 
ATOM   641  C CB  . MET A 1 86  ? 4.119   0.345   -0.071  1.00 33.02  ? 86   MET 1 CB  1 
ATOM   642  C CG  . MET A 1 86  ? 2.965   0.499   -1.051  1.00 34.96  ? 86   MET 1 CG  1 
ATOM   643  S SD  . MET A 1 86  ? 3.460   -0.011  -2.722  1.00 38.00  ? 86   MET 1 SD  1 
ATOM   644  C CE  . MET A 1 86  ? 1.960   -0.534  -3.400  1.00 32.48  ? 86   MET 1 CE  1 
ATOM   645  N N   . GLY A 1 87  ? 5.319   -0.406  2.841   1.00 38.67  ? 87   GLY 1 N   1 
ATOM   646  C CA  . GLY A 1 87  ? 6.521   -0.535  3.651   1.00 38.10  ? 87   GLY 1 CA  1 
ATOM   647  C C   . GLY A 1 87  ? 6.569   -1.824  4.448   1.00 40.96  ? 87   GLY 1 C   1 
ATOM   648  O O   . GLY A 1 87  ? 5.912   -2.822  4.109   1.00 34.66  ? 87   GLY 1 O   1 
ATOM   649  N N   . ASP A 1 88  ? 7.376   -1.793  5.496   1.00 39.19  ? 88   ASP 1 N   1 
ATOM   650  C CA  . ASP A 1 88  ? 7.552   -2.923  6.369   1.00 42.11  ? 88   ASP 1 CA  1 
ATOM   651  C C   . ASP A 1 88  ? 6.236   -3.226  7.096   1.00 41.54  ? 88   ASP 1 C   1 
ATOM   652  O O   . ASP A 1 88  ? 5.270   -2.459  7.025   1.00 41.58  ? 88   ASP 1 O   1 
ATOM   653  C CB  . ASP A 1 88  ? 8.687   -2.630  7.359   1.00 42.64  ? 88   ASP 1 CB  1 
ATOM   654  C CG  . ASP A 1 88  ? 9.144   -3.879  8.108   1.00 48.95  ? 88   ASP 1 CG  1 
ATOM   655  O OD1 . ASP A 1 88  ? 9.029   -4.988  7.534   1.00 42.89  ? 88   ASP 1 OD1 1 
ATOM   656  O OD2 . ASP A 1 88  ? 9.622   -3.731  9.254   1.00 46.35  ? 88   ASP 1 OD2 1 
ATOM   657  N N   . THR A 1 89  ? 6.217   -4.351  7.795   1.00 42.60  ? 89   THR 1 N   1 
ATOM   658  C CA  . THR A 1 89  ? 5.038   -4.814  8.524   1.00 39.77  ? 89   THR 1 CA  1 
ATOM   659  C C   . THR A 1 89  ? 4.201   -3.767  9.222   1.00 40.21  ? 89   THR 1 C   1 
ATOM   660  O O   . THR A 1 89  ? 3.009   -3.648  8.939   1.00 39.80  ? 89   THR 1 O   1 
ATOM   661  C CB  . THR A 1 89  ? 5.451   -5.912  9.539   1.00 42.64  ? 89   THR 1 CB  1 
ATOM   662  O OG1 . THR A 1 89  ? 6.212   -6.892  8.834   1.00 43.39  ? 89   THR 1 OG1 1 
ATOM   663  C CG2 . THR A 1 89  ? 4.217   -6.575  10.189  1.00 35.54  ? 89   THR 1 CG2 1 
ATOM   664  N N   . ASN A 1 90  ? 4.800   -3.021  10.146  1.00 41.00  ? 90   ASN 1 N   1 
ATOM   665  C CA  . ASN A 1 90  ? 4.060   -1.988  10.874  1.00 45.71  ? 90   ASN 1 CA  1 
ATOM   666  C C   . ASN A 1 90  ? 3.533   -0.857  9.990   1.00 45.02  ? 90   ASN 1 C   1 
ATOM   667  O O   . ASN A 1 90  ? 4.290   -0.234  9.258   1.00 41.97  ? 90   ASN 1 O   1 
ATOM   668  C CB  . ASN A 1 90  ? 4.943   -1.368  11.970  1.00 54.13  ? 90   ASN 1 CB  1 
ATOM   669  C CG  . ASN A 1 90  ? 5.119   -2.292  13.162  1.00 64.86  ? 90   ASN 1 CG  1 
ATOM   670  O OD1 . ASN A 1 90  ? 5.910   -2.011  14.069  1.00 72.55  ? 90   ASN 1 OD1 1 
ATOM   671  N ND2 . ASN A 1 90  ? 4.373   -3.400  13.172  1.00 67.14  ? 90   ASN 1 ND2 1 
ATOM   672  N N   . TYR A 1 91  ? 2.246   -0.563  10.107  1.00 41.82  ? 91   TYR 1 N   1 
ATOM   673  C CA  . TYR A 1 91  ? 1.675   0.503   9.305   1.00 45.63  ? 91   TYR 1 CA  1 
ATOM   674  C C   . TYR A 1 91  ? 2.442   1.807   9.467   1.00 45.65  ? 91   TYR 1 C   1 
ATOM   675  O O   . TYR A 1 91  ? 2.631   2.556   8.501   1.00 44.32  ? 91   TYR 1 O   1 
ATOM   676  C CB  . TYR A 1 91  ? 0.210   0.686   9.670   1.00 41.59  ? 91   TYR 1 CB  1 
ATOM   677  C CG  . TYR A 1 91  ? -0.678  -0.346  9.038   1.00 38.94  ? 91   TYR 1 CG  1 
ATOM   678  C CD1 . TYR A 1 91  ? -1.488  -1.164  9.818   1.00 42.05  ? 91   TYR 1 CD1 1 
ATOM   679  C CD2 . TYR A 1 91  ? -0.755  -0.470  7.645   1.00 36.91  ? 91   TYR 1 CD2 1 
ATOM   680  C CE1 . TYR A 1 91  ? -2.371  -2.089  9.234   1.00 41.70  ? 91   TYR 1 CE1 1 
ATOM   681  C CE2 . TYR A 1 91  ? -1.642  -1.400  7.039   1.00 32.58  ? 91   TYR 1 CE2 1 
ATOM   682  C CZ  . TYR A 1 91  ? -2.443  -2.201  7.847   1.00 40.80  ? 91   TYR 1 CZ  1 
ATOM   683  O OH  . TYR A 1 91  ? -3.330  -3.098  7.290   1.00 37.70  ? 91   TYR 1 OH  1 
ATOM   684  N N   . SER A 1 92  ? 2.899   2.057   10.694  1.00 45.49  ? 92   SER 1 N   1 
ATOM   685  C CA  . SER A 1 92  ? 3.669   3.253   11.048  1.00 47.97  ? 92   SER 1 CA  1 
ATOM   686  C C   . SER A 1 92  ? 4.916   3.448   10.205  1.00 46.79  ? 92   SER 1 C   1 
ATOM   687  O O   . SER A 1 92  ? 5.382   4.566   10.010  1.00 47.85  ? 92   SER 1 O   1 
ATOM   688  C CB  . SER A 1 92  ? 4.108   3.169   12.514  1.00 51.76  ? 92   SER 1 CB  1 
ATOM   689  O OG  . SER A 1 92  ? 2.995   3.237   13.380  1.00 66.65  ? 92   SER 1 OG  1 
ATOM   690  N N   . ARG A 1 93  ? 5.470   2.349   9.734   1.00 44.94  ? 93   ARG 1 N   1 
ATOM   691  C CA  . ARG A 1 93  ? 6.680   2.394   8.922   1.00 47.00  ? 93   ARG 1 CA  1 
ATOM   692  C C   . ARG A 1 93  ? 6.381   2.611   7.444   1.00 46.29  ? 93   ARG 1 C   1 
ATOM   693  O O   . ARG A 1 93  ? 7.285   2.584   6.628   1.00 48.70  ? 93   ARG 1 O   1 
ATOM   694  C CB  . ARG A 1 93  ? 7.431   1.083   9.098   1.00 50.96  ? 93   ARG 1 CB  1 
ATOM   695  C CG  . ARG A 1 93  ? 7.692   0.751   10.558  1.00 65.23  ? 93   ARG 1 CG  1 
ATOM   696  C CD  . ARG A 1 93  ? 8.826   1.593   11.111  1.00 72.96  ? 93   ARG 1 CD  1 
ATOM   697  N NE  . ARG A 1 93  ? 8.843   1.658   12.574  1.00 83.02  ? 93   ARG 1 NE  1 
ATOM   698  C CZ  . ARG A 1 93  ? 8.808   0.609   13.396  1.00 86.28  ? 93   ARG 1 CZ  1 
ATOM   699  N NH1 . ARG A 1 93  ? 8.830   0.811   14.712  1.00 85.04  ? 93   ARG 1 NH1 1 
ATOM   700  N NH2 . ARG A 1 93  ? 8.740   -0.636  12.920  1.00 85.64  ? 93   ARG 1 NH2 1 
ATOM   701  N N   . GLY A 1 94  ? 5.118   2.816   7.095   1.00 46.52  ? 94   GLY 1 N   1 
ATOM   702  C CA  . GLY A 1 94  ? 4.772   3.011   5.682   1.00 43.28  ? 94   GLY 1 CA  1 
ATOM   703  C C   . GLY A 1 94  ? 5.504   4.158   4.977   1.00 44.06  ? 94   GLY 1 C   1 
ATOM   704  O O   . GLY A 1 94  ? 5.690   5.232   5.546   1.00 43.23  ? 94   GLY 1 O   1 
ATOM   705  N N   . THR A 1 95  ? 5.950   3.916   3.744   1.00 40.53  ? 95   THR 1 N   1 
ATOM   706  C CA  . THR A 1 95  ? 6.627   4.941   2.971   1.00 41.17  ? 95   THR 1 CA  1 
ATOM   707  C C   . THR A 1 95  ? 5.630   5.546   1.991   1.00 40.57  ? 95   THR 1 C   1 
ATOM   708  O O   . THR A 1 95  ? 4.981   4.806   1.230   1.00 34.85  ? 95   THR 1 O   1 
ATOM   709  C CB  . THR A 1 95  ? 7.797   4.379   2.161   1.00 40.24  ? 95   THR 1 CB  1 
ATOM   710  O OG1 . THR A 1 95  ? 8.757   3.798   3.050   1.00 40.58  ? 95   THR 1 OG1 1 
ATOM   711  C CG2 . THR A 1 95  ? 8.465   5.507   1.339   1.00 41.74  ? 95   THR 1 CG2 1 
ATOM   712  N N   . ALA A 1 96  ? 5.499   6.877   2.014   1.00 37.73  ? 96   ALA 1 N   1 
ATOM   713  C CA  . ALA A 1 96  ? 4.572   7.581   1.125   1.00 37.14  ? 96   ALA 1 CA  1 
ATOM   714  C C   . ALA A 1 96  ? 5.014   7.297   -0.297  1.00 37.10  ? 96   ALA 1 C   1 
ATOM   715  O O   . ALA A 1 96  ? 6.199   7.444   -0.625  1.00 37.43  ? 96   ALA 1 O   1 
ATOM   716  C CB  . ALA A 1 96  ? 4.605   9.108   1.414   1.00 41.69  ? 96   ALA 1 CB  1 
ATOM   717  N N   . MET A 1 97  ? 4.073   6.886   -1.143  1.00 37.25  ? 97   MET 1 N   1 
ATOM   718  C CA  . MET A 1 97  ? 4.417   6.526   -2.523  1.00 36.30  ? 97   MET 1 CA  1 
ATOM   719  C C   . MET A 1 97  ? 4.230   7.670   -3.508  1.00 37.56  ? 97   MET 1 C   1 
ATOM   720  O O   . MET A 1 97  ? 3.249   8.434   -3.432  1.00 34.71  ? 97   MET 1 O   1 
ATOM   721  C CB  . MET A 1 97  ? 3.554   5.343   -3.006  1.00 37.60  ? 97   MET 1 CB  1 
ATOM   722  C CG  . MET A 1 97  ? 3.758   3.979   -2.257  1.00 36.70  ? 97   MET 1 CG  1 
ATOM   723  S SD  . MET A 1 97  ? 5.466   3.382   -2.409  1.00 39.84  ? 97   MET 1 SD  1 
ATOM   724  C CE  . MET A 1 97  ? 5.593   2.947   -4.102  1.00 33.96  ? 97   MET 1 CE  1 
ATOM   725  N N   . SER A 1 98  ? 5.176   7.770   -4.434  1.00 34.72  ? 98   SER 1 N   1 
ATOM   726  C CA  . SER A 1 98  ? 5.109   8.735   -5.513  1.00 39.11  ? 98   SER 1 CA  1 
ATOM   727  C C   . SER A 1 98  ? 5.550   8.050   -6.795  1.00 41.32  ? 98   SER 1 C   1 
ATOM   728  O O   . SER A 1 98  ? 6.435   7.179   -6.770  1.00 42.05  ? 98   SER 1 O   1 
ATOM   729  C CB  . SER A 1 98  ? 6.009   9.946   -5.217  1.00 42.63  ? 98   SER 1 CB  1 
ATOM   730  O OG  . SER A 1 98  ? 5.523   10.654  -4.064  1.00 43.59  ? 98   SER 1 OG  1 
ATOM   731  N N   . GLY A 1 99  ? 4.930   8.424   -7.910  1.00 37.44  ? 99   GLY 1 N   1 
ATOM   732  C CA  . GLY A 1 99  ? 5.336   7.847   -9.181  1.00 40.62  ? 99   GLY 1 CA  1 
ATOM   733  C C   . GLY A 1 99  ? 4.845   6.433   -9.408  1.00 42.84  ? 99   GLY 1 C   1 
ATOM   734  O O   . GLY A 1 99  ? 4.117   5.884   -8.581  1.00 38.76  ? 99   GLY 1 O   1 
ATOM   735  N N   . ASN A 1 100 ? 5.258   5.859   -10.532 1.00 40.27  ? 100  ASN 1 N   1 
ATOM   736  C CA  . ASN A 1 100 ? 4.864   4.522   -10.939 1.00 42.15  ? 100  ASN 1 CA  1 
ATOM   737  C C   . ASN A 1 100 ? 6.056   3.595   -11.082 1.00 42.61  ? 100  ASN 1 C   1 
ATOM   738  O O   . ASN A 1 100 ? 5.931   2.512   -11.653 1.00 44.25  ? 100  ASN 1 O   1 
ATOM   739  C CB  . ASN A 1 100 ? 4.130   4.567   -12.285 1.00 42.36  ? 100  ASN 1 CB  1 
ATOM   740  C CG  . ASN A 1 100 ? 2.869   5.405   -12.250 1.00 44.84  ? 100  ASN 1 CG  1 
ATOM   741  O OD1 . ASN A 1 100 ? 2.791   6.469   -12.872 1.00 48.70  ? 100  ASN 1 OD1 1 
ATOM   742  N ND2 . ASN A 1 100 ? 1.869   4.931   -11.531 1.00 42.76  ? 100  ASN 1 ND2 1 
ATOM   743  N N   . SER A 1 101 ? 7.209   4.012   -10.572 1.00 39.70  ? 101  SER 1 N   1 
ATOM   744  C CA  . SER A 1 101 ? 8.395   3.194   -10.661 1.00 42.21  ? 101  SER 1 CA  1 
ATOM   745  C C   . SER A 1 101 ? 8.596   2.445   -9.352  1.00 44.91  ? 101  SER 1 C   1 
ATOM   746  O O   . SER A 1 101 ? 8.025   2.808   -8.308  1.00 47.28  ? 101  SER 1 O   1 
ATOM   747  C CB  . SER A 1 101 ? 9.650   4.052   -10.938 1.00 39.63  ? 101  SER 1 CB  1 
ATOM   748  O OG  . SER A 1 101 ? 9.574   4.636   -12.232 1.00 51.21  ? 101  SER 1 OG  1 
ATOM   749  N N   . TRP A 1 102 ? 9.427   1.413   -9.412  1.00 43.58  ? 102  TRP 1 N   1 
ATOM   750  C CA  . TRP A 1 102 ? 9.747   0.629   -8.229  1.00 46.02  ? 102  TRP 1 CA  1 
ATOM   751  C C   . TRP A 1 102 ? 10.480  1.600   -7.325  1.00 45.91  ? 102  TRP 1 C   1 
ATOM   752  O O   . TRP A 1 102 ? 11.405  2.268   -7.767  1.00 43.99  ? 102  TRP 1 O   1 
ATOM   753  C CB  . TRP A 1 102 ? 10.682  -0.527  -8.582  1.00 46.53  ? 102  TRP 1 CB  1 
ATOM   754  C CG  . TRP A 1 102 ? 9.988   -1.700  -9.144  1.00 46.71  ? 102  TRP 1 CG  1 
ATOM   755  C CD1 . TRP A 1 102 ? 9.988   -2.122  -10.448 1.00 45.64  ? 102  TRP 1 CD1 1 
ATOM   756  C CD2 . TRP A 1 102 ? 9.142   -2.600  -8.423  1.00 47.52  ? 102  TRP 1 CD2 1 
ATOM   757  N NE1 . TRP A 1 102 ? 9.181   -3.235  -10.575 1.00 52.72  ? 102  TRP 1 NE1 1 
ATOM   758  C CE2 . TRP A 1 102 ? 8.655   -3.547  -9.346  1.00 44.07  ? 102  TRP 1 CE2 1 
ATOM   759  C CE3 . TRP A 1 102 ? 8.740   -2.686  -7.080  1.00 41.96  ? 102  TRP 1 CE3 1 
ATOM   760  C CZ2 . TRP A 1 102 ? 7.785   -4.581  -8.971  1.00 52.30  ? 102  TRP 1 CZ2 1 
ATOM   761  C CZ3 . TRP A 1 102 ? 7.873   -3.714  -6.707  1.00 48.19  ? 102  TRP 1 CZ3 1 
ATOM   762  C CH2 . TRP A 1 102 ? 7.407   -4.647  -7.650  1.00 46.90  ? 102  TRP 1 CH2 1 
ATOM   763  N N   . GLU A 1 103 ? 10.064  1.679   -6.068  1.00 42.98  ? 103  GLU 1 N   1 
ATOM   764  C CA  . GLU A 1 103 ? 10.683  2.580   -5.114  1.00 41.23  ? 103  GLU 1 CA  1 
ATOM   765  C C   . GLU A 1 103 ? 11.041  1.838   -3.843  1.00 40.79  ? 103  GLU 1 C   1 
ATOM   766  O O   . GLU A 1 103 ? 10.299  0.985   -3.398  1.00 40.12  ? 103  GLU 1 O   1 
ATOM   767  C CB  . GLU A 1 103 ? 9.709   3.706   -4.749  1.00 40.00  ? 103  GLU 1 CB  1 
ATOM   768  C CG  . GLU A 1 103 ? 9.278   4.592   -5.944  1.00 48.28  ? 103  GLU 1 CG  1 
ATOM   769  C CD  . GLU A 1 103 ? 10.455  5.355   -6.564  1.00 52.38  ? 103  GLU 1 CD  1 
ATOM   770  O OE1 . GLU A 1 103 ? 11.358  5.788   -5.821  1.00 56.84  ? 103  GLU 1 OE1 1 
ATOM   771  O OE2 . GLU A 1 103 ? 10.465  5.535   -7.790  1.00 52.77  ? 103  GLU 1 OE2 1 
ATOM   772  N N   . ASN A 1 104 ? 12.159  2.213   -3.242  1.00 40.20  ? 104  ASN 1 N   1 
ATOM   773  C CA  . ASN A 1 104 ? 12.613  1.622   -1.992  1.00 43.59  ? 104  ASN 1 CA  1 
ATOM   774  C C   . ASN A 1 104 ? 11.600  2.008   -0.918  1.00 44.46  ? 104  ASN 1 C   1 
ATOM   775  O O   . ASN A 1 104 ? 11.451  3.189   -0.638  1.00 43.46  ? 104  ASN 1 O   1 
ATOM   776  C CB  . ASN A 1 104 ? 13.970  2.208   -1.626  1.00 46.90  ? 104  ASN 1 CB  1 
ATOM   777  C CG  . ASN A 1 104 ? 14.656  1.430   -0.560  1.00 49.92  ? 104  ASN 1 CG  1 
ATOM   778  O OD1 . ASN A 1 104 ? 14.025  1.036   0.437   1.00 40.43  ? 104  ASN 1 OD1 1 
ATOM   779  N ND2 . ASN A 1 104 ? 15.966  1.198   -0.740  1.00 52.98  ? 104  ASN 1 ND2 1 
ATOM   780  N N   . VAL A 1 105 ? 10.901  1.032   -0.316  1.00 38.06  ? 105  VAL 1 N   1 
ATOM   781  C CA  . VAL A 1 105 ? 9.920   1.371   0.698   1.00 35.27  ? 105  VAL 1 CA  1 
ATOM   782  C C   . VAL A 1 105 ? 10.251  0.860   2.097   1.00 36.70  ? 105  VAL 1 C   1 
ATOM   783  O O   . VAL A 1 105 ? 9.534   1.166   3.066   1.00 35.72  ? 105  VAL 1 O   1 
ATOM   784  C CB  . VAL A 1 105 ? 8.467   0.938   0.280   1.00 30.89  ? 105  VAL 1 CB  1 
ATOM   785  C CG1 . VAL A 1 105 ? 8.118   1.557   -1.094  1.00 35.13  ? 105  VAL 1 CG1 1 
ATOM   786  C CG2 . VAL A 1 105 ? 8.354   -0.604  0.200   1.00 37.29  ? 105  VAL 1 CG2 1 
ATOM   787  N N   . PHE A 1 106 ? 11.327  0.078   2.194   1.00 36.84  ? 106  PHE 1 N   1 
ATOM   788  C CA  . PHE A 1 106 ? 11.818  -0.438  3.479   1.00 39.07  ? 106  PHE 1 CA  1 
ATOM   789  C C   . PHE A 1 106 ? 13.297  -0.644  3.281   1.00 41.28  ? 106  PHE 1 C   1 
ATOM   790  O O   . PHE A 1 106 ? 13.703  -1.550  2.551   1.00 37.66  ? 106  PHE 1 O   1 
ATOM   791  C CB  . PHE A 1 106 ? 11.169  -1.769  3.880   1.00 36.91  ? 106  PHE 1 CB  1 
ATOM   792  C CG  . PHE A 1 106 ? 11.820  -2.401  5.123   1.00 44.95  ? 106  PHE 1 CG  1 
ATOM   793  C CD1 . PHE A 1 106 ? 12.171  -1.599  6.232   1.00 41.94  ? 106  PHE 1 CD1 1 
ATOM   794  C CD2 . PHE A 1 106 ? 12.056  -3.767  5.198   1.00 42.20  ? 106  PHE 1 CD2 1 
ATOM   795  C CE1 . PHE A 1 106 ? 12.737  -2.147  7.388   1.00 41.94  ? 106  PHE 1 CE1 1 
ATOM   796  C CE2 . PHE A 1 106 ? 12.628  -4.337  6.362   1.00 42.96  ? 106  PHE 1 CE2 1 
ATOM   797  C CZ  . PHE A 1 106 ? 12.968  -3.516  7.461   1.00 42.87  ? 106  PHE 1 CZ  1 
ATOM   798  N N   . SER A 1 107 ? 14.094  0.224   3.910   1.00 44.03  ? 107  SER 1 N   1 
ATOM   799  C CA  . SER A 1 107 ? 15.554  0.191   3.778   1.00 49.40  ? 107  SER 1 CA  1 
ATOM   800  C C   . SER A 1 107 ? 16.135  -1.189  4.074   1.00 51.05  ? 107  SER 1 C   1 
ATOM   801  O O   . SER A 1 107 ? 17.202  -1.529  3.561   1.00 49.60  ? 107  SER 1 O   1 
ATOM   802  C CB  . SER A 1 107 ? 16.204  1.243   4.698   1.00 49.90  ? 107  SER 1 CB  1 
ATOM   803  O OG  . SER A 1 107 ? 15.957  0.933   6.045   1.00 63.04  ? 107  SER 1 OG  1 
ATOM   804  N N   . GLY A 1 108 ? 15.458  -1.953  4.935   1.00 50.83  ? 108  GLY 1 N   1 
ATOM   805  C CA  . GLY A 1 108 ? 15.877  -3.312  5.227   1.00 47.46  ? 108  GLY 1 CA  1 
ATOM   806  C C   . GLY A 1 108 ? 16.523  -3.672  6.558   1.00 49.84  ? 108  GLY 1 C   1 
ATOM   807  O O   . GLY A 1 108 ? 16.690  -2.845  7.458   1.00 48.28  ? 108  GLY 1 O   1 
ATOM   808  N N   . TRP A 1 109 ? 16.846  -4.955  6.697   1.00 50.90  ? 109  TRP 1 N   1 
ATOM   809  C CA  . TRP A 1 109 ? 17.518  -5.440  7.892   1.00 50.22  ? 109  TRP 1 CA  1 
ATOM   810  C C   . TRP A 1 109 ? 18.165  -6.770  7.551   1.00 52.67  ? 109  TRP 1 C   1 
ATOM   811  O O   . TRP A 1 109 ? 17.881  -7.366  6.502   1.00 48.07  ? 109  TRP 1 O   1 
ATOM   812  C CB  . TRP A 1 109 ? 16.550  -5.557  9.080   1.00 49.45  ? 109  TRP 1 CB  1 
ATOM   813  C CG  . TRP A 1 109 ? 15.591  -6.702  9.007   1.00 53.03  ? 109  TRP 1 CG  1 
ATOM   814  C CD1 . TRP A 1 109 ? 14.659  -6.929  8.039   1.00 51.07  ? 109  TRP 1 CD1 1 
ATOM   815  C CD2 . TRP A 1 109 ? 15.494  -7.802  9.925   1.00 57.22  ? 109  TRP 1 CD2 1 
ATOM   816  N NE1 . TRP A 1 109 ? 13.991  -8.108  8.290   1.00 48.86  ? 109  TRP 1 NE1 1 
ATOM   817  C CE2 . TRP A 1 109 ? 14.481  -8.663  9.440   1.00 53.54  ? 109  TRP 1 CE2 1 
ATOM   818  C CE3 . TRP A 1 109 ? 16.169  -8.146  11.108  1.00 59.50  ? 109  TRP 1 CE3 1 
ATOM   819  C CZ2 . TRP A 1 109 ? 14.118  -9.854  10.100  1.00 53.18  ? 109  TRP 1 CZ2 1 
ATOM   820  C CZ3 . TRP A 1 109 ? 15.808  -9.331  11.764  1.00 62.93  ? 109  TRP 1 CZ3 1 
ATOM   821  C CH2 . TRP A 1 109 ? 14.786  -10.169 11.251  1.00 53.93  ? 109  TRP 1 CH2 1 
ATOM   822  N N   . SER A 1 110 ? 19.073  -7.219  8.414   1.00 55.62  ? 110  SER 1 N   1 
ATOM   823  C CA  . SER A 1 110 ? 19.779  -8.476  8.191   1.00 56.72  ? 110  SER 1 CA  1 
ATOM   824  C C   . SER A 1 110 ? 19.416  -9.400  9.343   1.00 59.45  ? 110  SER 1 C   1 
ATOM   825  O O   . SER A 1 110 ? 19.567  -9.036  10.519  1.00 57.73  ? 110  SER 1 O   1 
ATOM   826  C CB  . SER A 1 110 ? 21.307  -8.250  8.179   1.00 56.46  ? 110  SER 1 CB  1 
ATOM   827  O OG  . SER A 1 110 ? 21.739  -7.387  7.113   1.00 41.28  ? 110  SER 1 OG  1 
ATOM   828  N N   . VAL A 1 111 ? 18.905  -10.582 9.024   1.00 59.07  ? 111  VAL 1 N   1 
ATOM   829  C CA  . VAL A 1 111 ? 18.565  -11.509 10.091  1.00 63.41  ? 111  VAL 1 CA  1 
ATOM   830  C C   . VAL A 1 111 ? 19.895  -12.096 10.550  1.00 64.24  ? 111  VAL 1 C   1 
ATOM   831  O O   . VAL A 1 111 ? 20.771  -12.348 9.726   1.00 62.12  ? 111  VAL 1 O   1 
ATOM   832  C CB  . VAL A 1 111 ? 17.646  -12.639 9.594   1.00 64.63  ? 111  VAL 1 CB  1 
ATOM   833  C CG1 . VAL A 1 111 ? 18.350  -13.457 8.524   1.00 64.87  ? 111  VAL 1 CG1 1 
ATOM   834  C CG2 . VAL A 1 111 ? 17.216  -13.498 10.760  1.00 62.85  ? 111  VAL 1 CG2 1 
ATOM   835  N N   . GLY A 1 112 ? 20.046  -12.285 11.858  1.00 66.87  ? 112  GLY 1 N   1 
ATOM   836  C CA  . GLY A 1 112 ? 21.285  -12.828 12.389  1.00 69.02  ? 112  GLY 1 CA  1 
ATOM   837  C C   . GLY A 1 112 ? 21.443  -14.317 12.141  1.00 72.73  ? 112  GLY 1 C   1 
ATOM   838  O O   . GLY A 1 112 ? 20.947  -14.871 11.150  1.00 72.03  ? 112  GLY 1 O   1 
ATOM   839  N N   . ASN A 1 113 ? 22.153  -14.978 13.043  1.00 75.80  ? 114  ASN 1 N   1 
ATOM   840  C CA  . ASN A 1 113 ? 22.348  -16.405 12.901  1.00 77.63  ? 114  ASN 1 CA  1 
ATOM   841  C C   . ASN A 1 113 ? 21.150  -17.112 13.507  1.00 78.09  ? 114  ASN 1 C   1 
ATOM   842  O O   . ASN A 1 113 ? 21.279  -17.911 14.439  1.00 78.67  ? 114  ASN 1 O   1 
ATOM   843  C CB  . ASN A 1 113 ? 23.616  -16.859 13.609  1.00 80.38  ? 114  ASN 1 CB  1 
ATOM   844  C CG  . ASN A 1 113 ? 23.927  -18.305 13.337  1.00 84.49  ? 114  ASN 1 CG  1 
ATOM   845  O OD1 . ASN A 1 113 ? 24.475  -19.006 14.195  1.00 87.39  ? 114  ASN 1 OD1 1 
ATOM   846  N ND2 . ASN A 1 113 ? 23.584  -18.770 12.130  1.00 84.37  ? 114  ASN 1 ND2 1 
ATOM   847  N N   . TYR A 1 114 ? 19.971  -16.777 12.993  1.00 77.27  ? 115  TYR 1 N   1 
ATOM   848  C CA  . TYR A 1 114 ? 18.752  -17.403 13.452  1.00 74.50  ? 115  TYR 1 CA  1 
ATOM   849  C C   . TYR A 1 114 ? 17.736  -17.439 12.320  1.00 72.26  ? 115  TYR 1 C   1 
ATOM   850  O O   . TYR A 1 114 ? 18.083  -17.243 11.151  1.00 71.94  ? 115  TYR 1 O   1 
ATOM   851  C CB  . TYR A 1 114 ? 18.168  -16.676 14.663  1.00 79.43  ? 115  TYR 1 CB  1 
ATOM   852  C CG  . TYR A 1 114 ? 17.342  -17.604 15.537  1.00 85.59  ? 115  TYR 1 CG  1 
ATOM   853  C CD1 . TYR A 1 114 ? 17.956  -18.632 16.270  1.00 90.98  ? 115  TYR 1 CD1 1 
ATOM   854  C CD2 . TYR A 1 114 ? 15.949  -17.488 15.604  1.00 86.87  ? 115  TYR 1 CD2 1 
ATOM   855  C CE1 . TYR A 1 114 ? 17.204  -19.519 17.049  1.00 90.16  ? 115  TYR 1 CE1 1 
ATOM   856  C CE2 . TYR A 1 114 ? 15.188  -18.370 16.378  1.00 89.66  ? 115  TYR 1 CE2 1 
ATOM   857  C CZ  . TYR A 1 114 ? 15.824  -19.384 17.098  1.00 92.46  ? 115  TYR 1 CZ  1 
ATOM   858  O OH  . TYR A 1 114 ? 15.084  -20.249 17.878  1.00 95.96  ? 115  TYR 1 OH  1 
ATOM   859  N N   . LEU A 1 115 ? 16.485  -17.697 12.677  1.00 68.89  ? 116  LEU 1 N   1 
ATOM   860  C CA  . LEU A 1 115 ? 15.404  -17.785 11.708  1.00 66.55  ? 116  LEU 1 CA  1 
ATOM   861  C C   . LEU A 1 115 ? 14.331  -16.762 12.050  1.00 64.12  ? 116  LEU 1 C   1 
ATOM   862  O O   . LEU A 1 115 ? 13.962  -16.596 13.218  1.00 62.43  ? 116  LEU 1 O   1 
ATOM   863  C CB  . LEU A 1 115 ? 14.811  -19.195 11.744  1.00 68.64  ? 116  LEU 1 CB  1 
ATOM   864  C CG  . LEU A 1 115 ? 14.589  -19.912 10.412  1.00 74.01  ? 116  LEU 1 CG  1 
ATOM   865  C CD1 . LEU A 1 115 ? 15.869  -19.909 9.604   1.00 73.90  ? 116  LEU 1 CD1 1 
ATOM   866  C CD2 . LEU A 1 115 ? 14.123  -21.347 10.675  1.00 75.93  ? 116  LEU 1 CD2 1 
ATOM   867  N N   . SER A 1 116 ? 13.833  -16.061 11.039  1.00 62.07  ? 117  SER 1 N   1 
ATOM   868  C CA  . SER A 1 116 ? 12.788  -15.073 11.298  1.00 59.18  ? 117  SER 1 CA  1 
ATOM   869  C C   . SER A 1 116 ? 11.981  -14.865 10.036  1.00 56.60  ? 117  SER 1 C   1 
ATOM   870  O O   . SER A 1 116 ? 12.026  -15.683 9.107   1.00 54.98  ? 117  SER 1 O   1 
ATOM   871  C CB  . SER A 1 116 ? 13.420  -13.752 11.773  1.00 61.34  ? 117  SER 1 CB  1 
ATOM   872  O OG  . SER A 1 116 ? 12.451  -12.743 12.009  1.00 60.08  ? 117  SER 1 OG  1 
ATOM   873  N N   . THR A 1 117 ? 11.237  -13.769 9.991   1.00 53.56  ? 118  THR 1 N   1 
ATOM   874  C CA  . THR A 1 117 ? 10.437  -13.488 8.810   1.00 51.15  ? 118  THR 1 CA  1 
ATOM   875  C C   . THR A 1 117 ? 10.496  -12.025 8.394   1.00 47.66  ? 118  THR 1 C   1 
ATOM   876  O O   . THR A 1 117 ? 10.930  -11.152 9.153   1.00 43.65  ? 118  THR 1 O   1 
ATOM   877  C CB  . THR A 1 117 ? 8.955   -13.835 9.042   1.00 47.29  ? 118  THR 1 CB  1 
ATOM   878  O OG1 . THR A 1 117 ? 8.453   -13.049 10.129  1.00 46.04  ? 118  THR 1 OG1 1 
ATOM   879  C CG2 . THR A 1 117 ? 8.785   -15.335 9.375   1.00 52.47  ? 118  THR 1 CG2 1 
ATOM   880  N N   . GLN A 1 118 ? 10.037  -11.783 7.174   1.00 48.31  ? 119  GLN 1 N   1 
ATOM   881  C CA  . GLN A 1 118 ? 9.941   -10.456 6.619   1.00 45.23  ? 119  GLN 1 CA  1 
ATOM   882  C C   . GLN A 1 118 ? 8.476   -10.302 6.199   1.00 47.09  ? 119  GLN 1 C   1 
ATOM   883  O O   . GLN A 1 118 ? 7.938   -11.168 5.489   1.00 42.94  ? 119  GLN 1 O   1 
ATOM   884  C CB  . GLN A 1 118 ? 10.822  -10.326 5.394   1.00 48.76  ? 119  GLN 1 CB  1 
ATOM   885  C CG  . GLN A 1 118 ? 10.636  -8.979  4.679   1.00 45.49  ? 119  GLN 1 CG  1 
ATOM   886  C CD  . GLN A 1 118 ? 11.014  -7.830  5.579   1.00 48.23  ? 119  GLN 1 CD  1 
ATOM   887  O OE1 . GLN A 1 118 ? 12.040  -7.881  6.262   1.00 46.00  ? 119  GLN 1 OE1 1 
ATOM   888  N NE2 . GLN A 1 118 ? 10.194  -6.787  5.591   1.00 45.23  ? 119  GLN 1 NE2 1 
ATOM   889  N N   . GLY A 1 119 ? 7.840   -9.218  6.657   1.00 42.19  ? 120  GLY 1 N   1 
ATOM   890  C CA  . GLY A 1 119 ? 6.452   -8.958  6.323   1.00 43.23  ? 120  GLY 1 CA  1 
ATOM   891  C C   . GLY A 1 119 ? 6.325   -7.663  5.529   1.00 39.14  ? 120  GLY 1 C   1 
ATOM   892  O O   . GLY A 1 119 ? 7.311   -7.172  5.003   1.00 40.31  ? 120  GLY 1 O   1 
ATOM   893  N N   . LEU A 1 120 ? 5.129   -7.094  5.469   1.00 36.22  ? 121  LEU 1 N   1 
ATOM   894  C CA  . LEU A 1 120 ? 4.914   -5.861  4.704   1.00 38.09  ? 121  LEU 1 CA  1 
ATOM   895  C C   . LEU A 1 120 ? 3.529   -5.314  5.026   1.00 41.47  ? 121  LEU 1 C   1 
ATOM   896  O O   . LEU A 1 120 ? 2.733   -6.003  5.690   1.00 37.66  ? 121  LEU 1 O   1 
ATOM   897  C CB  . LEU A 1 120 ? 5.042   -6.152  3.185   1.00 36.03  ? 121  LEU 1 CB  1 
ATOM   898  C CG  . LEU A 1 120 ? 4.302   -7.357  2.565   1.00 42.75  ? 121  LEU 1 CG  1 
ATOM   899  C CD1 . LEU A 1 120 ? 2.801   -7.050  2.500   1.00 38.73  ? 121  LEU 1 CD1 1 
ATOM   900  C CD2 . LEU A 1 120 ? 4.823   -7.667  1.140   1.00 41.46  ? 121  LEU 1 CD2 1 
ATOM   901  N N   . SER A 1 121 ? 3.244   -4.085  4.559   1.00 37.21  ? 122  SER 1 N   1 
ATOM   902  C CA  . SER A 1 121 ? 1.949   -3.445  4.781   1.00 36.83  ? 122  SER 1 CA  1 
ATOM   903  C C   . SER A 1 121 ? 1.727   -2.407  3.702   1.00 36.79  ? 122  SER 1 C   1 
ATOM   904  O O   . SER A 1 121 ? 2.678   -1.913  3.080   1.00 33.94  ? 122  SER 1 O   1 
ATOM   905  C CB  . SER A 1 121 ? 1.862   -2.751  6.150   1.00 39.70  ? 122  SER 1 CB  1 
ATOM   906  O OG  . SER A 1 121 ? 2.642   -1.571  6.207   1.00 42.61  ? 122  SER 1 OG  1 
ATOM   907  N N   . VAL A 1 122 ? 0.457   -2.086  3.499   1.00 34.73  ? 123  VAL 1 N   1 
ATOM   908  C CA  . VAL A 1 122 ? 0.017   -1.119  2.493   1.00 30.98  ? 123  VAL 1 CA  1 
ATOM   909  C C   . VAL A 1 122 ? -1.244  -0.553  3.039   1.00 30.79  ? 123  VAL 1 C   1 
ATOM   910  O O   . VAL A 1 122 ? -2.059  -1.302  3.580   1.00 31.26  ? 123  VAL 1 O   1 
ATOM   911  C CB  . VAL A 1 122 ? -0.418  -1.794  1.175   1.00 31.93  ? 123  VAL 1 CB  1 
ATOM   912  C CG1 . VAL A 1 122 ? -0.932  -0.728  0.200   1.00 30.54  ? 123  VAL 1 CG1 1 
ATOM   913  C CG2 . VAL A 1 122 ? 0.733   -2.608  0.567   1.00 37.04  ? 123  VAL 1 CG2 1 
ATOM   914  N N   . HIS A 1 123 ? -1.401  0.765   2.951   1.00 29.42  ? 124  HIS 1 N   1 
ATOM   915  C CA  . HIS A 1 123 ? -2.654  1.376   3.354   1.00 33.11  ? 124  HIS 1 CA  1 
ATOM   916  C C   . HIS A 1 123 ? -2.833  2.570   2.442   1.00 34.72  ? 124  HIS 1 C   1 
ATOM   917  O O   . HIS A 1 123 ? -1.851  3.102   1.876   1.00 32.07  ? 124  HIS 1 O   1 
ATOM   918  C CB  . HIS A 1 123 ? -2.718  1.763   4.847   1.00 29.23  ? 124  HIS 1 CB  1 
ATOM   919  C CG  . HIS A 1 123 ? -1.729  2.794   5.279   1.00 35.30  ? 124  HIS 1 CG  1 
ATOM   920  N ND1 . HIS A 1 123 ? -2.093  4.085   5.594   1.00 41.73  ? 124  HIS 1 ND1 1 
ATOM   921  C CD2 . HIS A 1 123 ? -0.406  2.703   5.541   1.00 33.37  ? 124  HIS 1 CD2 1 
ATOM   922  C CE1 . HIS A 1 123 ? -1.029  4.741   6.034   1.00 27.46  ? 124  HIS 1 CE1 1 
ATOM   923  N NE2 . HIS A 1 123 ? 0.004   3.921   6.011   1.00 40.52  ? 124  HIS 1 NE2 1 
ATOM   924  N N   . VAL A 1 124 ? -4.088  2.960   2.265   1.00 32.72  ? 125  VAL 1 N   1 
ATOM   925  C CA  . VAL A 1 124 ? -4.384  4.054   1.377   1.00 35.55  ? 125  VAL 1 CA  1 
ATOM   926  C C   . VAL A 1 124 ? -5.435  4.913   2.022   1.00 36.17  ? 125  VAL 1 C   1 
ATOM   927  O O   . VAL A 1 124 ? -6.154  4.470   2.912   1.00 37.28  ? 125  VAL 1 O   1 
ATOM   928  C CB  . VAL A 1 124 ? -4.937  3.548   0.012   1.00 31.18  ? 125  VAL 1 CB  1 
ATOM   929  C CG1 . VAL A 1 124 ? -4.036  2.388   -0.537  1.00 28.01  ? 125  VAL 1 CG1 1 
ATOM   930  C CG2 . VAL A 1 124 ? -6.385  3.049   0.208   1.00 29.98  ? 125  VAL 1 CG2 1 
ATOM   931  N N   . ARG A 1 125 ? -5.493  6.154   1.571   1.00 35.75  ? 126  ARG 1 N   1 
ATOM   932  C CA  . ARG A 1 125 ? -6.508  7.090   2.054   1.00 35.57  ? 126  ARG 1 CA  1 
ATOM   933  C C   . ARG A 1 125 ? -7.162  7.684   0.837   1.00 29.42  ? 126  ARG 1 C   1 
ATOM   934  O O   . ARG A 1 125 ? -6.473  8.137   -0.069  1.00 31.01  ? 126  ARG 1 O   1 
ATOM   935  C CB  . ARG A 1 125 ? -5.883  8.176   2.931   1.00 34.17  ? 126  ARG 1 CB  1 
ATOM   936  C CG  . ARG A 1 125 ? -5.478  7.606   4.274   1.00 42.63  ? 126  ARG 1 CG  1 
ATOM   937  C CD  . ARG A 1 125 ? -4.651  8.537   5.134   1.00 44.86  ? 126  ARG 1 CD  1 
ATOM   938  N NE  . ARG A 1 125 ? -3.947  7.700   6.103   1.00 50.28  ? 126  ARG 1 NE  1 
ATOM   939  C CZ  . ARG A 1 125 ? -2.962  8.102   6.898   1.00 54.15  ? 126  ARG 1 CZ  1 
ATOM   940  N NH1 . ARG A 1 125 ? -2.419  7.226   7.730   1.00 46.32  ? 126  ARG 1 NH1 1 
ATOM   941  N NH2 . ARG A 1 125 ? -2.528  9.366   6.862   1.00 52.39  ? 126  ARG 1 NH2 1 
ATOM   942  N N   . PRO A 1 126 ? -8.496  7.664   0.790   1.00 29.51  ? 127  PRO 1 N   1 
ATOM   943  C CA  . PRO A 1 126 ? -9.272  8.207   -0.323  1.00 34.37  ? 127  PRO 1 CA  1 
ATOM   944  C C   . PRO A 1 126 ? -9.262  9.715   -0.346  1.00 38.75  ? 127  PRO 1 C   1 
ATOM   945  O O   . PRO A 1 126 ? -9.317  10.374  0.713   1.00 42.27  ? 127  PRO 1 O   1 
ATOM   946  C CB  . PRO A 1 126 ? -10.681 7.615   -0.121  1.00 35.88  ? 127  PRO 1 CB  1 
ATOM   947  C CG  . PRO A 1 126 ? -10.760 7.247   1.314   1.00 34.37  ? 127  PRO 1 CG  1 
ATOM   948  C CD  . PRO A 1 126 ? -9.358  7.125   1.852   1.00 31.30  ? 127  PRO 1 CD  1 
ATOM   949  N N   . VAL A 1 127 ? -9.230  10.256  -1.562  1.00 37.50  ? 128  VAL 1 N   1 
ATOM   950  C CA  . VAL A 1 127 ? -9.173  11.691  -1.792  1.00 37.00  ? 128  VAL 1 CA  1 
ATOM   951  C C   . VAL A 1 127 ? -10.314 12.136  -2.730  1.00 42.34  ? 128  VAL 1 C   1 
ATOM   952  O O   . VAL A 1 127 ? -10.514 11.529  -3.789  1.00 39.19  ? 128  VAL 1 O   1 
ATOM   953  C CB  . VAL A 1 127 ? -7.813  12.075  -2.471  1.00 38.17  ? 128  VAL 1 CB  1 
ATOM   954  C CG1 . VAL A 1 127 ? -7.695  13.586  -2.559  1.00 40.58  ? 128  VAL 1 CG1 1 
ATOM   955  C CG2 . VAL A 1 127 ? -6.622  11.476  -1.691  1.00 29.68  ? 128  VAL 1 CG2 1 
ATOM   956  N N   . ILE A 1 128 ? -11.070 13.165  -2.339  1.00 40.88  ? 129  ILE 1 N   1 
ATOM   957  C CA  . ILE A 1 128 ? -12.142 13.669  -3.187  1.00 45.00  ? 129  ILE 1 CA  1 
ATOM   958  C C   . ILE A 1 128 ? -11.526 14.716  -4.114  1.00 43.87  ? 129  ILE 1 C   1 
ATOM   959  O O   . ILE A 1 128 ? -11.114 15.777  -3.665  1.00 47.68  ? 129  ILE 1 O   1 
ATOM   960  C CB  . ILE A 1 128 ? -13.250 14.344  -2.382  1.00 46.50  ? 129  ILE 1 CB  1 
ATOM   961  C CG1 . ILE A 1 128 ? -13.836 13.349  -1.380  1.00 44.36  ? 129  ILE 1 CG1 1 
ATOM   962  C CG2 . ILE A 1 128 ? -14.339 14.876  -3.341  1.00 44.33  ? 129  ILE 1 CG2 1 
ATOM   963  C CD1 . ILE A 1 128 ? -14.372 12.097  -2.019  1.00 43.35  ? 129  ILE 1 CD1 1 
ATOM   964  N N   . LEU A 1 129 ? -11.437 14.388  -5.392  1.00 46.24  ? 130  LEU 1 N   1 
ATOM   965  C CA  . LEU A 1 129 ? -10.859 15.302  -6.380  1.00 52.78  ? 130  LEU 1 CA  1 
ATOM   966  C C   . LEU A 1 129 ? -11.926 16.211  -6.995  1.00 55.69  ? 130  LEU 1 C   1 
ATOM   967  O O   . LEU A 1 129 ? -11.701 17.394  -7.181  1.00 54.74  ? 130  LEU 1 O   1 
ATOM   968  C CB  . LEU A 1 129 ? -10.213 14.514  -7.502  1.00 43.88  ? 130  LEU 1 CB  1 
ATOM   969  C CG  . LEU A 1 129 ? -9.358  13.305  -7.088  1.00 46.34  ? 130  LEU 1 CG  1 
ATOM   970  C CD1 . LEU A 1 129 ? -9.078  12.426  -8.317  1.00 41.31  ? 130  LEU 1 CD1 1 
ATOM   971  C CD2 . LEU A 1 129 ? -8.094  13.814  -6.484  1.00 43.90  ? 130  LEU 1 CD2 1 
ATOM   972  N N   . LYS A 1 130 ? -13.074 15.636  -7.330  1.00 62.62  ? 131  LYS 1 N   1 
ATOM   973  C CA  . LYS A 1 130 ? -14.166 16.395  -7.930  1.00 70.05  ? 131  LYS 1 CA  1 
ATOM   974  C C   . LYS A 1 130 ? -15.462 16.206  -7.179  1.00 74.27  ? 131  LYS 1 C   1 
ATOM   975  O O   . LYS A 1 130 ? -15.746 15.126  -6.653  1.00 73.23  ? 131  LYS 1 O   1 
ATOM   976  C CB  . LYS A 1 130 ? -14.397 15.979  -9.388  1.00 70.69  ? 131  LYS 1 CB  1 
ATOM   977  C CG  . LYS A 1 130 ? -13.394 16.530  -10.383 1.00 76.11  ? 131  LYS 1 CG  1 
ATOM   978  C CD  . LYS A 1 130 ? -13.781 16.162  -11.823 1.00 78.99  ? 131  LYS 1 CD  1 
ATOM   979  C CE  . LYS A 1 130 ? -15.165 16.697  -12.191 1.00 79.41  ? 131  LYS 1 CE  1 
ATOM   980  N NZ  . LYS A 1 130 ? -15.574 16.306  -13.575 1.00 79.12  ? 131  LYS 1 NZ  1 
ATOM   981  N N   . ARG A 1 131 ? -16.249 17.277  -7.163  1.00 80.07  ? 132  ARG 1 N   1 
ATOM   982  C CA  . ARG A 1 131 ? -17.551 17.308  -6.512  1.00 85.14  ? 132  ARG 1 CA  1 
ATOM   983  C C   . ARG A 1 131 ? -18.560 16.353  -7.138  1.00 87.53  ? 132  ARG 1 C   1 
ATOM   984  O O   . ARG A 1 131 ? -18.353 15.819  -8.230  1.00 86.25  ? 132  ARG 1 O   1 
ATOM   985  C CB  . ARG A 1 131 ? -18.118 18.729  -6.566  1.00 87.18  ? 132  ARG 1 CB  1 
ATOM   986  C CG  . ARG A 1 131 ? -17.604 19.638  -5.470  1.00 91.73  ? 132  ARG 1 CG  1 
ATOM   987  C CD  . ARG A 1 131 ? -18.121 19.145  -4.138  1.00 94.83  ? 132  ARG 1 CD  1 
ATOM   988  N NE  . ARG A 1 131 ? -17.703 19.986  -3.024  1.00 96.69  ? 132  ARG 1 NE  1 
ATOM   989  C CZ  . ARG A 1 131 ? -18.113 19.807  -1.774  1.00 98.33  ? 132  ARG 1 CZ  1 
ATOM   990  N NH1 . ARG A 1 131 ? -18.949 18.815  -1.493  1.00 99.46  ? 132  ARG 1 NH1 1 
ATOM   991  N NH2 . ARG A 1 131 ? -17.694 20.617  -0.808  1.00 99.55  ? 132  ARG 1 NH2 1 
ATOM   992  N N   . ASN A 1 132 ? -19.660 16.154  -6.425  1.00 91.65  ? 133  ASN 1 N   1 
ATOM   993  C CA  . ASN A 1 132 ? -20.743 15.290  -6.876  1.00 95.17  ? 133  ASN 1 CA  1 
ATOM   994  C C   . ASN A 1 132 ? -22.009 15.677  -6.121  1.00 96.51  ? 133  ASN 1 C   1 
ATOM   995  O O   . ASN A 1 132 ? -21.960 15.992  -4.927  1.00 97.14  ? 133  ASN 1 O   1 
ATOM   996  C CB  . ASN A 1 132 ? -20.400 13.823  -6.609  1.00 97.22  ? 133  ASN 1 CB  1 
ATOM   997  C CG  . ASN A 1 132 ? -21.438 12.870  -7.173  1.00 100.42 ? 133  ASN 1 CG  1 
ATOM   998  O OD1 . ASN A 1 132 ? -21.256 11.647  -7.148  1.00 100.42 ? 133  ASN 1 OD1 1 
ATOM   999  N ND2 . ASN A 1 132 ? -22.537 13.422  -7.682  1.00 100.42 ? 133  ASN 1 ND2 1 
ATOM   1000 N N   . SER A 1 133 ? -23.138 15.661  -6.826  1.00 97.27  ? 134  SER 1 N   1 
ATOM   1001 C CA  . SER A 1 133 ? -24.424 16.012  -6.232  1.00 97.61  ? 134  SER 1 CA  1 
ATOM   1002 C C   . SER A 1 133 ? -24.899 14.947  -5.238  1.00 97.40  ? 134  SER 1 C   1 
ATOM   1003 O O   . SER A 1 133 ? -25.479 15.276  -4.197  1.00 97.78  ? 134  SER 1 O   1 
ATOM   1004 C CB  . SER A 1 133 ? -25.457 16.210  -7.329  1.00 97.27  ? 134  SER 1 CB  1 
ATOM   1005 N N   . SER A 1 134 ? -24.636 13.679  -5.558  1.00 96.58  ? 135  SER 1 N   1 
ATOM   1006 C CA  . SER A 1 134 ? -25.037 12.562  -4.701  1.00 96.76  ? 135  SER 1 CA  1 
ATOM   1007 C C   . SER A 1 134 ? -24.274 12.515  -3.377  1.00 96.63  ? 135  SER 1 C   1 
ATOM   1008 O O   . SER A 1 134 ? -24.733 11.901  -2.410  1.00 96.33  ? 135  SER 1 O   1 
ATOM   1009 C CB  . SER A 1 134 ? -24.843 11.232  -5.434  1.00 96.85  ? 135  SER 1 CB  1 
ATOM   1010 O OG  . SER A 1 134 ? -23.471 10.939  -5.608  1.00 92.93  ? 135  SER 1 OG  1 
ATOM   1011 N N   . ALA A 1 135 ? -23.110 13.163  -3.348  1.00 95.79  ? 136  ALA 1 N   1 
ATOM   1012 C CA  . ALA A 1 135 ? -22.259 13.219  -2.159  1.00 94.60  ? 136  ALA 1 CA  1 
ATOM   1013 C C   . ALA A 1 135 ? -21.634 11.860  -1.834  1.00 92.82  ? 136  ALA 1 C   1 
ATOM   1014 O O   . ALA A 1 135 ? -20.629 11.785  -1.116  1.00 92.46  ? 136  ALA 1 O   1 
ATOM   1015 C CB  . ALA A 1 135 ? -23.061 13.742  -0.956  1.00 93.53  ? 136  ALA 1 CB  1 
ATOM   1016 N N   . GLN A 1 136 ? -22.233 10.793  -2.366  1.00 90.55  ? 137  GLN 1 N   1 
ATOM   1017 C CA  . GLN A 1 136 ? -21.740 9.432   -2.146  1.00 87.85  ? 137  GLN 1 CA  1 
ATOM   1018 C C   . GLN A 1 136 ? -20.999 8.866   -3.359  1.00 84.84  ? 137  GLN 1 C   1 
ATOM   1019 O O   . GLN A 1 136 ? -21.465 8.963   -4.493  1.00 85.38  ? 137  GLN 1 O   1 
ATOM   1020 C CB  . GLN A 1 136 ? -22.886 8.489   -1.788  1.00 87.29  ? 137  GLN 1 CB  1 
ATOM   1021 C CG  . GLN A 1 136 ? -22.460 7.035   -1.842  1.00 89.51  ? 137  GLN 1 CG  1 
ATOM   1022 C CD  . GLN A 1 136 ? -23.530 6.085   -1.352  1.00 92.43  ? 137  GLN 1 CD  1 
ATOM   1023 O OE1 . GLN A 1 136 ? -23.930 6.126   -0.184  1.00 94.08  ? 137  GLN 1 OE1 1 
ATOM   1024 N NE2 . GLN A 1 136 ? -24.003 5.218   -2.243  1.00 91.06  ? 137  GLN 1 NE2 1 
ATOM   1025 N N   . TYR A 1 137 ? -19.850 8.254   -3.100  1.00 81.77  ? 138  TYR 1 N   1 
ATOM   1026 C CA  . TYR A 1 137 ? -19.026 7.684   -4.155  1.00 76.94  ? 138  TYR 1 CA  1 
ATOM   1027 C C   . TYR A 1 137 ? -18.704 6.224   -3.840  1.00 73.61  ? 138  TYR 1 C   1 
ATOM   1028 O O   . TYR A 1 137 ? -18.268 5.901   -2.732  1.00 71.34  ? 138  TYR 1 O   1 
ATOM   1029 C CB  . TYR A 1 137 ? -17.720 8.474   -4.276  1.00 77.46  ? 138  TYR 1 CB  1 
ATOM   1030 C CG  . TYR A 1 137 ? -17.874 9.984   -4.214  1.00 82.39  ? 138  TYR 1 CG  1 
ATOM   1031 C CD1 . TYR A 1 137 ? -18.186 10.633  -3.015  1.00 84.14  ? 138  TYR 1 CD1 1 
ATOM   1032 C CD2 . TYR A 1 137 ? -17.701 10.765  -5.355  1.00 85.43  ? 138  TYR 1 CD2 1 
ATOM   1033 C CE1 . TYR A 1 137 ? -18.322 12.021  -2.959  1.00 87.11  ? 138  TYR 1 CE1 1 
ATOM   1034 C CE2 . TYR A 1 137 ? -17.833 12.150  -5.311  1.00 87.10  ? 138  TYR 1 CE2 1 
ATOM   1035 C CZ  . TYR A 1 137 ? -18.145 12.774  -4.113  1.00 90.01  ? 138  TYR 1 CZ  1 
ATOM   1036 O OH  . TYR A 1 137 ? -18.290 14.145  -4.079  1.00 89.24  ? 138  TYR 1 OH  1 
ATOM   1037 N N   . SER A 1 138 ? -18.936 5.344   -4.806  1.00 68.37  ? 139  SER 1 N   1 
ATOM   1038 C CA  . SER A 1 138 ? -18.636 3.941   -4.614  1.00 65.93  ? 139  SER 1 CA  1 
ATOM   1039 C C   . SER A 1 138 ? -17.485 3.571   -5.552  1.00 62.37  ? 139  SER 1 C   1 
ATOM   1040 O O   . SER A 1 138 ? -17.493 3.914   -6.741  1.00 61.38  ? 139  SER 1 O   1 
ATOM   1041 C CB  . SER A 1 138 ? -19.851 3.070   -4.912  1.00 68.00  ? 139  SER 1 CB  1 
ATOM   1042 O OG  . SER A 1 138 ? -20.126 3.065   -6.297  1.00 77.33  ? 139  SER 1 OG  1 
ATOM   1043 N N   . VAL A 1 139 ? -16.492 2.888   -4.998  1.00 54.26  ? 140  VAL 1 N   1 
ATOM   1044 C CA  . VAL A 1 139 ? -15.333 2.478   -5.744  1.00 50.02  ? 140  VAL 1 CA  1 
ATOM   1045 C C   . VAL A 1 139 ? -15.380 0.986   -5.883  1.00 51.13  ? 140  VAL 1 C   1 
ATOM   1046 O O   . VAL A 1 139 ? -15.707 0.259   -4.932  1.00 48.93  ? 140  VAL 1 O   1 
ATOM   1047 C CB  . VAL A 1 139 ? -14.037 2.905   -5.014  1.00 50.79  ? 140  VAL 1 CB  1 
ATOM   1048 C CG1 . VAL A 1 139 ? -12.820 2.273   -5.671  1.00 49.48  ? 140  VAL 1 CG1 1 
ATOM   1049 C CG2 . VAL A 1 139 ? -13.915 4.428   -5.068  1.00 50.31  ? 140  VAL 1 CG2 1 
ATOM   1050 N N   . GLN A 1 140 ? -15.047 0.546   -7.088  1.00 50.13  ? 141  GLN 1 N   1 
ATOM   1051 C CA  . GLN A 1 140 ? -15.025 -0.862  -7.464  1.00 51.20  ? 141  GLN 1 CA  1 
ATOM   1052 C C   . GLN A 1 140 ? -13.655 -1.474  -7.180  1.00 48.74  ? 141  GLN 1 C   1 
ATOM   1053 O O   . GLN A 1 140 ? -12.669 -0.748  -7.112  1.00 50.69  ? 141  GLN 1 O   1 
ATOM   1054 C CB  . GLN A 1 140 ? -15.330 -0.964  -8.967  1.00 55.59  ? 141  GLN 1 CB  1 
ATOM   1055 C CG  . GLN A 1 140 ? -14.221 -0.360  -9.902  1.00 66.58  ? 141  GLN 1 CG  1 
ATOM   1056 C CD  . GLN A 1 140 ? -14.336 1.171   -10.201 1.00 70.54  ? 141  GLN 1 CD  1 
ATOM   1057 O OE1 . GLN A 1 140 ? -14.013 2.035   -9.360  1.00 50.83  ? 141  GLN 1 OE1 1 
ATOM   1058 N NE2 . GLN A 1 140 ? -14.795 1.494   -11.418 1.00 71.09  ? 141  GLN 1 NE2 1 
ATOM   1059 N N   . LYS A 1 141 ? -13.592 -2.804  -7.054  1.00 46.12  ? 142  LYS 1 N   1 
ATOM   1060 C CA  . LYS A 1 141 ? -12.330 -3.480  -6.808  1.00 43.97  ? 142  LYS 1 CA  1 
ATOM   1061 C C   . LYS A 1 141 ? -11.327 -3.029  -7.845  1.00 44.94  ? 142  LYS 1 C   1 
ATOM   1062 O O   . LYS A 1 141 ? -11.630 -2.976  -9.046  1.00 44.39  ? 142  LYS 1 O   1 
ATOM   1063 C CB  . LYS A 1 141 ? -12.474 -5.002  -6.853  1.00 49.59  ? 142  LYS 1 CB  1 
ATOM   1064 C CG  . LYS A 1 141 ? -11.165 -5.686  -6.488  1.00 51.67  ? 142  LYS 1 CG  1 
ATOM   1065 C CD  . LYS A 1 141 ? -11.350 -7.066  -5.888  1.00 62.87  ? 142  LYS 1 CD  1 
ATOM   1066 C CE  . LYS A 1 141 ? -10.032 -7.578  -5.310  1.00 63.48  ? 142  LYS 1 CE  1 
ATOM   1067 N NZ  . LYS A 1 141 ? -10.196 -8.861  -4.562  1.00 70.74  ? 142  LYS 1 NZ  1 
ATOM   1068 N N   . THR A 1 142 ? -10.108 -2.732  -7.407  1.00 40.75  ? 143  THR 1 N   1 
ATOM   1069 C CA  . THR A 1 142 ? -9.151  -2.202  -8.363  1.00 39.69  ? 143  THR 1 CA  1 
ATOM   1070 C C   . THR A 1 142 ? -7.711  -2.559  -8.033  1.00 43.50  ? 143  THR 1 C   1 
ATOM   1071 O O   . THR A 1 142 ? -7.279  -2.483  -6.872  1.00 42.75  ? 143  THR 1 O   1 
ATOM   1072 C CB  . THR A 1 142 ? -9.281  -0.655  -8.386  1.00 42.66  ? 143  THR 1 CB  1 
ATOM   1073 O OG1 . THR A 1 142 ? -10.659 -0.291  -8.559  1.00 39.69  ? 143  THR 1 OG1 1 
ATOM   1074 C CG2 . THR A 1 142 ? -8.461  -0.053  -9.500  1.00 45.29  ? 143  THR 1 CG2 1 
ATOM   1075 N N   . SER A 1 143 ? -6.956  -2.916  -9.064  1.00 40.35  ? 144  SER 1 N   1 
ATOM   1076 C CA  . SER A 1 143 ? -5.567  -3.259  -8.875  1.00 40.37  ? 144  SER 1 CA  1 
ATOM   1077 C C   . SER A 1 143 ? -4.802  -1.998  -8.464  1.00 40.34  ? 144  SER 1 C   1 
ATOM   1078 O O   . SER A 1 143 ? -5.015  -0.932  -9.042  1.00 39.14  ? 144  SER 1 O   1 
ATOM   1079 C CB  . SER A 1 143 ? -4.971  -3.802  -10.165 1.00 45.09  ? 144  SER 1 CB  1 
ATOM   1080 O OG  . SER A 1 143 ? -3.626  -4.181  -9.926  1.00 54.49  ? 144  SER 1 OG  1 
ATOM   1081 N N   . ILE A 1 144 ? -3.922  -2.133  -7.472  1.00 37.08  ? 145  ILE 1 N   1 
ATOM   1082 C CA  . ILE A 1 144 ? -3.125  -1.022  -6.964  1.00 35.92  ? 145  ILE 1 CA  1 
ATOM   1083 C C   . ILE A 1 144 ? -1.691  -1.050  -7.461  1.00 36.54  ? 145  ILE 1 C   1 
ATOM   1084 O O   . ILE A 1 144 ? -1.184  -0.079  -8.037  1.00 35.45  ? 145  ILE 1 O   1 
ATOM   1085 C CB  . ILE A 1 144 ? -3.018  -1.043  -5.386  1.00 39.87  ? 145  ILE 1 CB  1 
ATOM   1086 C CG1 . ILE A 1 144 ? -4.355  -0.749  -4.738  1.00 43.86  ? 145  ILE 1 CG1 1 
ATOM   1087 C CG2 . ILE A 1 144 ? -2.015  -0.027  -4.926  1.00 41.50  ? 145  ILE 1 CG2 1 
ATOM   1088 C CD1 . ILE A 1 144 ? -4.327  -0.919  -3.279  1.00 46.26  ? 145  ILE 1 CD1 1 
ATOM   1089 N N   . GLY A 1 145 ? -1.042  -2.185  -7.216  1.00 35.22  ? 146  GLY 1 N   1 
ATOM   1090 C CA  . GLY A 1 145 ? 0.363   -2.331  -7.547  1.00 35.85  ? 146  GLY 1 CA  1 
ATOM   1091 C C   . GLY A 1 145 ? 0.967   -3.528  -6.795  1.00 37.02  ? 146  GLY 1 C   1 
ATOM   1092 O O   . GLY A 1 145 ? 0.257   -4.492  -6.481  1.00 36.81  ? 146  GLY 1 O   1 
ATOM   1093 N N   . SER A 1 146 ? 2.248   -3.454  -6.457  1.00 35.43  ? 147  SER 1 N   1 
ATOM   1094 C CA  . SER A 1 146 ? 2.938   -4.599  -5.847  1.00 41.13  ? 147  SER 1 CA  1 
ATOM   1095 C C   . SER A 1 146 ? 4.087   -4.193  -4.946  1.00 42.16  ? 147  SER 1 C   1 
ATOM   1096 O O   . SER A 1 146 ? 4.526   -3.029  -4.956  1.00 38.84  ? 147  SER 1 O   1 
ATOM   1097 C CB  . SER A 1 146 ? 3.542   -5.500  -6.946  1.00 36.47  ? 147  SER 1 CB  1 
ATOM   1098 O OG  . SER A 1 146 ? 2.666   -5.642  -8.071  1.00 39.30  ? 147  SER 1 OG  1 
ATOM   1099 N N   . ILE A 1 147 ? 4.574   -5.180  -4.187  1.00 36.88  ? 148  ILE 1 N   1 
ATOM   1100 C CA  . ILE A 1 147 ? 5.723   -5.015  -3.289  1.00 38.42  ? 148  ILE 1 CA  1 
ATOM   1101 C C   . ILE A 1 147 ? 6.644   -6.191  -3.601  1.00 42.75  ? 148  ILE 1 C   1 
ATOM   1102 O O   . ILE A 1 147 ? 6.172   -7.306  -3.858  1.00 43.89  ? 148  ILE 1 O   1 
ATOM   1103 C CB  . ILE A 1 147 ? 5.360   -5.122  -1.781  1.00 33.68  ? 148  ILE 1 CB  1 
ATOM   1104 C CG1 . ILE A 1 147 ? 4.482   -3.921  -1.335  1.00 37.92  ? 148  ILE 1 CG1 1 
ATOM   1105 C CG2 . ILE A 1 147 ? 6.629   -5.253  -0.929  1.00 31.64  ? 148  ILE 1 CG2 1 
ATOM   1106 C CD1 . ILE A 1 147 ? 4.992   -2.610  -1.761  1.00 54.39  ? 148  ILE 1 CD1 1 
ATOM   1107 N N   . ARG A 1 148 ? 7.949   -5.961  -3.568  1.00 42.11  ? 149  ARG 1 N   1 
ATOM   1108 C CA  . ARG A 1 148 ? 8.893   -7.050  -3.805  1.00 45.33  ? 149  ARG 1 CA  1 
ATOM   1109 C C   . ARG A 1 148 ? 10.006  -6.992  -2.777  1.00 44.69  ? 149  ARG 1 C   1 
ATOM   1110 O O   . ARG A 1 148 ? 10.446  -5.918  -2.386  1.00 44.03  ? 149  ARG 1 O   1 
ATOM   1111 C CB  . ARG A 1 148 ? 9.484   -6.970  -5.214  1.00 43.50  ? 149  ARG 1 CB  1 
ATOM   1112 C CG  . ARG A 1 148 ? 10.495  -5.876  -5.382  1.00 46.10  ? 149  ARG 1 CG  1 
ATOM   1113 C CD  . ARG A 1 148 ? 10.960  -5.756  -6.844  1.00 52.12  ? 149  ARG 1 CD  1 
ATOM   1114 N NE  . ARG A 1 148 ? 11.904  -4.652  -6.977  1.00 52.29  ? 149  ARG 1 NE  1 
ATOM   1115 C CZ  . ARG A 1 148 ? 12.360  -4.156  -8.124  1.00 53.87  ? 149  ARG 1 CZ  1 
ATOM   1116 N NH1 . ARG A 1 148 ? 11.962  -4.657  -9.292  1.00 45.39  ? 149  ARG 1 NH1 1 
ATOM   1117 N NH2 . ARG A 1 148 ? 13.227  -3.149  -8.089  1.00 49.01  ? 149  ARG 1 NH2 1 
ATOM   1118 N N   . MET A 1 149 ? 10.440  -8.156  -2.311  1.00 45.31  ? 150  MET 1 N   1 
ATOM   1119 C CA  . MET A 1 149 ? 11.521  -8.198  -1.349  1.00 41.39  ? 150  MET 1 CA  1 
ATOM   1120 C C   . MET A 1 149 ? 12.778  -7.788  -2.113  1.00 41.28  ? 150  MET 1 C   1 
ATOM   1121 O O   . MET A 1 149 ? 12.855  -8.027  -3.326  1.00 38.87  ? 150  MET 1 O   1 
ATOM   1122 C CB  . MET A 1 149 ? 11.669  -9.610  -0.773  1.00 42.66  ? 150  MET 1 CB  1 
ATOM   1123 C CG  . MET A 1 149 ? 12.134  -10.637 -1.779  1.00 48.60  ? 150  MET 1 CG  1 
ATOM   1124 S SD  . MET A 1 149 ? 12.800  -12.089 -0.897  1.00 56.84  ? 150  MET 1 SD  1 
ATOM   1125 C CE  . MET A 1 149 ? 12.791  -13.270 -2.238  1.00 51.65  ? 150  MET 1 CE  1 
ATOM   1126 N N   . ARG A 1 150 ? 13.737  -7.165  -1.416  1.00 36.93  ? 151  ARG 1 N   1 
ATOM   1127 C CA  . ARG A 1 150 ? 14.987  -6.700  -2.033  1.00 43.14  ? 151  ARG 1 CA  1 
ATOM   1128 C C   . ARG A 1 150 ? 16.162  -7.222  -1.230  1.00 46.02  ? 151  ARG 1 C   1 
ATOM   1129 O O   . ARG A 1 150 ? 16.560  -6.606  -0.245  1.00 48.48  ? 151  ARG 1 O   1 
ATOM   1130 C CB  . ARG A 1 150 ? 15.072  -5.148  -2.060  1.00 40.65  ? 151  ARG 1 CB  1 
ATOM   1131 C CG  . ARG A 1 150 ? 16.210  -4.581  -2.975  1.00 42.23  ? 151  ARG 1 CG  1 
ATOM   1132 C CD  . ARG A 1 150 ? 16.323  -3.034  -2.883  1.00 41.94  ? 151  ARG 1 CD  1 
ATOM   1133 N NE  . ARG A 1 150 ? 16.622  -2.611  -1.504  1.00 45.68  ? 151  ARG 1 NE  1 
ATOM   1134 C CZ  . ARG A 1 150 ? 15.754  -2.042  -0.669  1.00 44.54  ? 151  ARG 1 CZ  1 
ATOM   1135 N NH1 . ARG A 1 150 ? 14.496  -1.792  -1.054  1.00 36.77  ? 151  ARG 1 NH1 1 
ATOM   1136 N NH2 . ARG A 1 150 ? 16.132  -1.773  0.576   1.00 44.40  ? 151  ARG 1 NH2 1 
ATOM   1137 N N   . PRO A 1 151 ? 16.692  -8.406  -1.595  1.00 49.90  ? 152  PRO 1 N   1 
ATOM   1138 C CA  . PRO A 1 151 ? 17.835  -8.903  -0.823  1.00 53.13  ? 152  PRO 1 CA  1 
ATOM   1139 C C   . PRO A 1 151 ? 19.055  -8.010  -1.064  1.00 53.85  ? 152  PRO 1 C   1 
ATOM   1140 O O   . PRO A 1 151 ? 19.268  -7.513  -2.168  1.00 52.51  ? 152  PRO 1 O   1 
ATOM   1141 C CB  . PRO A 1 151 ? 18.033  -10.322 -1.360  1.00 54.06  ? 152  PRO 1 CB  1 
ATOM   1142 C CG  . PRO A 1 151 ? 17.463  -10.255 -2.775  1.00 57.69  ? 152  PRO 1 CG  1 
ATOM   1143 C CD  . PRO A 1 151 ? 16.223  -9.409  -2.574  1.00 50.14  ? 152  PRO 1 CD  1 
ATOM   1144 N N   . TYR A 1 152 ? 19.849  -7.782  -0.030  1.00 54.99  ? 153  TYR 1 N   1 
ATOM   1145 C CA  . TYR A 1 152 ? 21.025  -6.952  -0.222  1.00 57.25  ? 153  TYR 1 CA  1 
ATOM   1146 C C   . TYR A 1 152 ? 22.232  -7.493  0.545   1.00 61.25  ? 153  TYR 1 C   1 
ATOM   1147 O O   . TYR A 1 152 ? 22.133  -8.533  1.226   1.00 61.73  ? 153  TYR 1 O   1 
ATOM   1148 C CB  . TYR A 1 152 ? 20.701  -5.492  0.164   1.00 53.55  ? 153  TYR 1 CB  1 
ATOM   1149 C CG  . TYR A 1 152 ? 20.380  -5.267  1.627   1.00 50.11  ? 153  TYR 1 CG  1 
ATOM   1150 C CD1 . TYR A 1 152 ? 21.331  -4.725  2.485   1.00 44.23  ? 153  TYR 1 CD1 1 
ATOM   1151 C CD2 . TYR A 1 152 ? 19.124  -5.591  2.154   1.00 48.83  ? 153  TYR 1 CD2 1 
ATOM   1152 C CE1 . TYR A 1 152 ? 21.050  -4.495  3.839   1.00 47.88  ? 153  TYR 1 CE1 1 
ATOM   1153 C CE2 . TYR A 1 152 ? 18.833  -5.368  3.509   1.00 48.90  ? 153  TYR 1 CE2 1 
ATOM   1154 C CZ  . TYR A 1 152 ? 19.801  -4.817  4.338   1.00 45.44  ? 153  TYR 1 CZ  1 
ATOM   1155 O OH  . TYR A 1 152 ? 19.527  -4.561  5.665   1.00 46.90  ? 153  TYR 1 OH  1 
ATOM   1156 N N   . ASN A 1 153 ? 23.377  -6.811  0.396   1.00 64.25  ? 154  ASN 1 N   1 
ATOM   1157 C CA  . ASN A 1 153 ? 24.622  -7.191  1.066   1.00 65.27  ? 154  ASN 1 CA  1 
ATOM   1158 C C   . ASN A 1 153 ? 25.017  -8.643  0.751   1.00 66.99  ? 154  ASN 1 C   1 
ATOM   1159 O O   . ASN A 1 153 ? 25.485  -9.379  1.624   1.00 69.06  ? 154  ASN 1 O   1 
ATOM   1160 C CB  . ASN A 1 153 ? 24.455  -6.990  2.578   1.00 69.10  ? 154  ASN 1 CB  1 
ATOM   1161 C CG  . ASN A 1 153 ? 25.680  -7.390  3.367   1.00 75.14  ? 154  ASN 1 CG  1 
ATOM   1162 O OD1 . ASN A 1 153 ? 26.748  -6.786  3.236   1.00 80.12  ? 154  ASN 1 OD1 1 
ATOM   1163 N ND2 . ASN A 1 153 ? 25.534  -8.421  4.199   1.00 77.61  ? 154  ASN 1 ND2 1 
ATOM   1164 N N   . GLY A 1 154 ? 24.814  -9.060  -0.495  1.00 65.92  ? 155  GLY 1 N   1 
ATOM   1165 C CA  . GLY A 1 154 ? 25.165  -10.417 -0.875  1.00 66.29  ? 155  GLY 1 CA  1 
ATOM   1166 C C   . GLY A 1 154 ? 24.034  -11.433 -0.946  1.00 65.61  ? 155  GLY 1 C   1 
ATOM   1167 O O   . GLY A 1 154 ? 24.098  -12.370 -1.751  1.00 65.30  ? 155  GLY 1 O   1 
ATOM   1168 N N   . SER A 1 155 ? 23.001  -11.269 -0.120  1.00 63.37  ? 156  SER 1 N   1 
ATOM   1169 C CA  . SER A 1 155 ? 21.880  -12.214 -0.122  1.00 60.86  ? 156  SER 1 CA  1 
ATOM   1170 C C   . SER A 1 155 ? 21.258  -12.265 -1.502  1.00 61.82  ? 156  SER 1 C   1 
ATOM   1171 O O   . SER A 1 155 ? 21.375  -11.314 -2.270  1.00 62.52  ? 156  SER 1 O   1 
ATOM   1172 C CB  . SER A 1 155 ? 20.815  -11.799 0.893   1.00 56.24  ? 156  SER 1 CB  1 
ATOM   1173 O OG  . SER A 1 155 ? 21.359  -11.638 2.191   1.00 54.71  ? 156  SER 1 OG  1 
ATOM   1174 N N   . SER A 1 156 ? 20.603  -13.377 -1.820  1.00 62.78  ? 157  SER 1 N   1 
ATOM   1175 C CA  . SER A 1 156 ? 19.963  -13.540 -3.117  1.00 63.80  ? 157  SER 1 CA  1 
ATOM   1176 C C   . SER A 1 156 ? 18.644  -14.325 -3.032  1.00 64.94  ? 157  SER 1 C   1 
ATOM   1177 O O   . SER A 1 156 ? 18.525  -15.312 -2.301  1.00 63.20  ? 157  SER 1 O   1 
ATOM   1178 C CB  . SER A 1 156 ? 20.911  -14.249 -4.093  1.00 69.88  ? 157  SER 1 CB  1 
ATOM   1179 O OG  . SER A 1 156 ? 20.353  -14.298 -5.402  1.00 73.99  ? 157  SER 1 OG  1 
ATOM   1180 N N   . ALA A 1 157 ? 17.663  -13.888 -3.810  1.00 62.90  ? 158  ALA 1 N   1 
ATOM   1181 C CA  . ALA A 1 157 ? 16.362  -14.530 -3.819  1.00 65.38  ? 158  ALA 1 CA  1 
ATOM   1182 C C   . ALA A 1 157 ? 16.450  -15.926 -4.431  1.00 65.72  ? 158  ALA 1 C   1 
ATOM   1183 O O   . ALA A 1 157 ? 15.719  -16.832 -4.045  1.00 65.35  ? 158  ALA 1 O   1 
ATOM   1184 C CB  . ALA A 1 157 ? 15.369  -13.681 -4.616  1.00 64.84  ? 158  ALA 1 CB  1 
ATOM   1185 N N   . GLY A 1 158 ? 17.348  -16.091 -5.389  1.00 66.70  ? 159  GLY 1 N   1 
ATOM   1186 C CA  . GLY A 1 158 ? 17.470  -17.379 -6.037  1.00 67.09  ? 159  GLY 1 CA  1 
ATOM   1187 C C   . GLY A 1 158 ? 16.260  -17.511 -6.938  1.00 66.96  ? 159  GLY 1 C   1 
ATOM   1188 O O   . GLY A 1 158 ? 16.079  -16.717 -7.864  1.00 68.07  ? 159  GLY 1 O   1 
ATOM   1189 N N   . SER A 1 159 ? 15.419  -18.503 -6.673  1.00 65.15  ? 160  SER 1 N   1 
ATOM   1190 C CA  . SER A 1 159 ? 14.225  -18.683 -7.488  1.00 61.77  ? 160  SER 1 CA  1 
ATOM   1191 C C   . SER A 1 159 ? 12.994  -18.577 -6.590  1.00 59.25  ? 160  SER 1 C   1 
ATOM   1192 O O   . SER A 1 159 ? 11.882  -18.922 -6.984  1.00 57.97  ? 160  SER 1 O   1 
ATOM   1193 C CB  . SER A 1 159 ? 14.271  -20.032 -8.223  1.00 64.12  ? 160  SER 1 CB  1 
ATOM   1194 O OG  . SER A 1 159 ? 14.399  -21.109 -7.320  1.00 68.16  ? 160  SER 1 OG  1 
ATOM   1195 N N   . VAL A 1 160 ? 13.215  -18.095 -5.370  1.00 57.69  ? 161  VAL 1 N   1 
ATOM   1196 C CA  . VAL A 1 160 ? 12.133  -17.892 -4.419  1.00 56.79  ? 161  VAL 1 CA  1 
ATOM   1197 C C   . VAL A 1 160 ? 11.336  -16.689 -4.923  1.00 56.98  ? 161  VAL 1 C   1 
ATOM   1198 O O   . VAL A 1 160 ? 11.916  -15.701 -5.374  1.00 55.91  ? 161  VAL 1 O   1 
ATOM   1199 C CB  . VAL A 1 160 ? 12.693  -17.586 -3.015  1.00 59.82  ? 161  VAL 1 CB  1 
ATOM   1200 C CG1 . VAL A 1 160 ? 11.553  -17.304 -2.026  1.00 54.87  ? 161  VAL 1 CG1 1 
ATOM   1201 C CG2 . VAL A 1 160 ? 13.531  -18.762 -2.538  1.00 61.27  ? 161  VAL 1 CG2 1 
ATOM   1202 N N   . GLN A 1 161 ? 10.010  -16.792 -4.875  1.00 55.74  ? 162  GLN 1 N   1 
ATOM   1203 C CA  . GLN A 1 161 ? 9.118   -15.726 -5.327  1.00 54.21  ? 162  GLN 1 CA  1 
ATOM   1204 C C   . GLN A 1 161 ? 9.460   -14.388 -4.645  1.00 51.43  ? 162  GLN 1 C   1 
ATOM   1205 O O   . GLN A 1 161 ? 9.593   -14.330 -3.416  1.00 51.74  ? 162  GLN 1 O   1 
ATOM   1206 C CB  . GLN A 1 161 ? 7.670   -16.125 -4.999  1.00 54.34  ? 162  GLN 1 CB  1 
ATOM   1207 C CG  . GLN A 1 161 ? 6.618   -15.205 -5.573  1.00 53.39  ? 162  GLN 1 CG  1 
ATOM   1208 C CD  . GLN A 1 161 ? 5.223   -15.629 -5.188  1.00 59.46  ? 162  GLN 1 CD  1 
ATOM   1209 O OE1 . GLN A 1 161 ? 4.930   -16.822 -5.103  1.00 57.70  ? 162  GLN 1 OE1 1 
ATOM   1210 N NE2 . GLN A 1 161 ? 4.346   -14.661 -4.970  1.00 51.82  ? 162  GLN 1 NE2 1 
ATOM   1211 N N   . THR A 1 162 ? 9.603   -13.324 -5.431  1.00 46.93  ? 163  THR 1 N   1 
ATOM   1212 C CA  . THR A 1 162 ? 9.943   -12.021 -4.854  1.00 48.18  ? 163  THR 1 CA  1 
ATOM   1213 C C   . THR A 1 162 ? 8.808   -10.988 -4.767  1.00 47.68  ? 163  THR 1 C   1 
ATOM   1214 O O   . THR A 1 162 ? 8.864   -10.073 -3.953  1.00 49.58  ? 163  THR 1 O   1 
ATOM   1215 C CB  . THR A 1 162 ? 11.055  -11.332 -5.644  1.00 41.61  ? 163  THR 1 CB  1 
ATOM   1216 O OG1 . THR A 1 162 ? 10.555  -10.980 -6.948  1.00 46.25  ? 163  THR 1 OG1 1 
ATOM   1217 C CG2 . THR A 1 162 ? 12.261  -12.278 -5.799  1.00 54.56  ? 163  THR 1 CG2 1 
ATOM   1218 N N   . THR A 1 163 ? 7.787   -11.146 -5.591  1.00 47.92  ? 164  THR 1 N   1 
ATOM   1219 C CA  . THR A 1 163 ? 6.716   -10.169 -5.648  1.00 50.33  ? 164  THR 1 CA  1 
ATOM   1220 C C   . THR A 1 163 ? 5.326   -10.609 -5.270  1.00 48.37  ? 164  THR 1 C   1 
ATOM   1221 O O   . THR A 1 163 ? 4.928   -11.745 -5.529  1.00 52.87  ? 164  THR 1 O   1 
ATOM   1222 C CB  . THR A 1 163 ? 6.656   -9.595  -7.057  1.00 49.94  ? 164  THR 1 CB  1 
ATOM   1223 O OG1 . THR A 1 163 ? 7.996   -9.300  -7.477  1.00 49.70  ? 164  THR 1 OG1 1 
ATOM   1224 C CG2 . THR A 1 163 ? 5.785   -8.306  -7.099  1.00 49.21  ? 164  THR 1 CG2 1 
ATOM   1225 N N   . VAL A 1 164 ? 4.599   -9.714  -4.608  1.00 41.79  ? 165  VAL 1 N   1 
ATOM   1226 C CA  . VAL A 1 164 ? 3.212   -9.980  -4.272  1.00 40.86  ? 165  VAL 1 CA  1 
ATOM   1227 C C   . VAL A 1 164 ? 2.449   -8.758  -4.759  1.00 42.53  ? 165  VAL 1 C   1 
ATOM   1228 O O   . VAL A 1 164 ? 3.033   -7.679  -4.905  1.00 40.33  ? 165  VAL 1 O   1 
ATOM   1229 C CB  . VAL A 1 164 ? 3.008   -10.243 -2.773  1.00 43.09  ? 165  VAL 1 CB  1 
ATOM   1230 C CG1 . VAL A 1 164 ? 3.795   -11.526 -2.378  1.00 43.02  ? 165  VAL 1 CG1 1 
ATOM   1231 C CG2 . VAL A 1 164 ? 3.464   -9.054  -1.945  1.00 46.42  ? 165  VAL 1 CG2 1 
ATOM   1232 N N   . ASN A 1 165 ? 1.161   -8.942  -5.038  1.00 37.89  ? 166  ASN 1 N   1 
ATOM   1233 C CA  . ASN A 1 165 ? 0.334   -7.895  -5.578  1.00 39.84  ? 166  ASN 1 CA  1 
ATOM   1234 C C   . ASN A 1 165 ? -0.768  -7.438  -4.661  1.00 38.70  ? 166  ASN 1 C   1 
ATOM   1235 O O   . ASN A 1 165 ? -1.077  -8.117  -3.682  1.00 39.89  ? 166  ASN 1 O   1 
ATOM   1236 C CB  . ASN A 1 165 ? -0.259  -8.373  -6.894  1.00 39.57  ? 166  ASN 1 CB  1 
ATOM   1237 C CG  . ASN A 1 165 ? 0.798   -8.887  -7.823  1.00 42.69  ? 166  ASN 1 CG  1 
ATOM   1238 O OD1 . ASN A 1 165 ? 1.785   -8.206  -8.067  1.00 40.73  ? 166  ASN 1 OD1 1 
ATOM   1239 N ND2 . ASN A 1 165 ? 0.615   -10.103 -8.330  1.00 42.24  ? 166  ASN 1 ND2 1 
ATOM   1240 N N   . PHE A 1 166 ? -1.338  -6.268  -4.960  1.00 39.27  ? 167  PHE 1 N   1 
ATOM   1241 C CA  . PHE A 1 166 ? -2.426  -5.756  -4.142  1.00 38.25  ? 167  PHE 1 CA  1 
ATOM   1242 C C   . PHE A 1 166 ? -3.588  -5.226  -4.898  1.00 34.26  ? 167  PHE 1 C   1 
ATOM   1243 O O   . PHE A 1 166 ? -3.437  -4.517  -5.874  1.00 36.16  ? 167  PHE 1 O   1 
ATOM   1244 C CB  . PHE A 1 166 ? -1.940  -4.648  -3.204  1.00 36.54  ? 167  PHE 1 CB  1 
ATOM   1245 C CG  . PHE A 1 166 ? -0.869  -5.091  -2.290  1.00 39.35  ? 167  PHE 1 CG  1 
ATOM   1246 C CD1 . PHE A 1 166 ? -1.190  -5.644  -1.059  1.00 34.52  ? 167  PHE 1 CD1 1 
ATOM   1247 C CD2 . PHE A 1 166 ? 0.465   -5.070  -2.707  1.00 41.40  ? 167  PHE 1 CD2 1 
ATOM   1248 C CE1 . PHE A 1 166 ? -0.200  -6.193  -0.238  1.00 33.32  ? 167  PHE 1 CE1 1 
ATOM   1249 C CE2 . PHE A 1 166 ? 1.470   -5.618  -1.888  1.00 37.77  ? 167  PHE 1 CE2 1 
ATOM   1250 C CZ  . PHE A 1 166 ? 1.121   -6.187  -0.651  1.00 36.07  ? 167  PHE 1 CZ  1 
ATOM   1251 N N   . SER A 1 167 ? -4.764  -5.522  -4.380  1.00 36.28  ? 168  SER 1 N   1 
ATOM   1252 C CA  . SER A 1 167 ? -5.981  -5.027  -4.950  1.00 37.29  ? 168  SER 1 CA  1 
ATOM   1253 C C   . SER A 1 167 ? -6.773  -4.311  -3.884  1.00 37.05  ? 168  SER 1 C   1 
ATOM   1254 O O   . SER A 1 167 ? -6.831  -4.733  -2.719  1.00 36.63  ? 168  SER 1 O   1 
ATOM   1255 C CB  . SER A 1 167 ? -6.797  -6.181  -5.541  1.00 43.98  ? 168  SER 1 CB  1 
ATOM   1256 O OG  . SER A 1 167 ? -6.108  -6.703  -6.666  1.00 47.72  ? 168  SER 1 OG  1 
ATOM   1257 N N   . LEU A 1 168 ? -7.387  -3.215  -4.286  1.00 37.28  ? 169  LEU 1 N   1 
ATOM   1258 C CA  . LEU A 1 168 ? -8.203  -2.436  -3.390  1.00 40.35  ? 169  LEU 1 CA  1 
ATOM   1259 C C   . LEU A 1 168 ? -9.619  -3.049  -3.352  1.00 42.17  ? 169  LEU 1 C   1 
ATOM   1260 O O   . LEU A 1 168 ? -10.255 -3.180  -4.396  1.00 45.20  ? 169  LEU 1 O   1 
ATOM   1261 C CB  . LEU A 1 168 ? -8.276  -1.007  -3.923  1.00 41.40  ? 169  LEU 1 CB  1 
ATOM   1262 C CG  . LEU A 1 168 ? -8.990  0.061   -3.084  1.00 41.87  ? 169  LEU 1 CG  1 
ATOM   1263 C CD1 . LEU A 1 168 ? -8.263  0.272   -1.736  1.00 40.68  ? 169  LEU 1 CD1 1 
ATOM   1264 C CD2 . LEU A 1 168 ? -8.975  1.355   -3.867  1.00 39.54  ? 169  LEU 1 CD2 1 
ATOM   1265 N N   . ASN A 1 169 ? -10.109 -3.408  -2.167  1.00 38.37  ? 170  ASN 1 N   1 
ATOM   1266 C CA  . ASN A 1 169 ? -11.460 -3.941  -2.064  1.00 39.86  ? 170  ASN 1 CA  1 
ATOM   1267 C C   . ASN A 1 169 ? -12.441 -2.813  -2.373  1.00 41.06  ? 170  ASN 1 C   1 
ATOM   1268 O O   . ASN A 1 169 ? -12.134 -1.652  -2.168  1.00 38.62  ? 170  ASN 1 O   1 
ATOM   1269 C CB  . ASN A 1 169 ? -11.727 -4.524  -0.661  1.00 39.18  ? 170  ASN 1 CB  1 
ATOM   1270 C CG  . ASN A 1 169 ? -11.634 -6.043  -0.637  1.00 43.52  ? 170  ASN 1 CG  1 
ATOM   1271 O OD1 . ASN A 1 169 ? -11.757 -6.694  -1.675  1.00 50.01  ? 170  ASN 1 OD1 1 
ATOM   1272 N ND2 . ASN A 1 169 ? -11.442 -6.615  0.545   1.00 40.61  ? 170  ASN 1 ND2 1 
ATOM   1273 N N   . PRO A 1 170 ? -13.641 -3.145  -2.892  1.00 44.25  ? 171  PRO 1 N   1 
ATOM   1274 C CA  . PRO A 1 170 ? -14.578 -2.060  -3.190  1.00 42.81  ? 171  PRO 1 CA  1 
ATOM   1275 C C   . PRO A 1 170 ? -14.970 -1.435  -1.871  1.00 43.14  ? 171  PRO 1 C   1 
ATOM   1276 O O   . PRO A 1 170 ? -14.841 -2.085  -0.844  1.00 41.52  ? 171  PRO 1 O   1 
ATOM   1277 C CB  . PRO A 1 170 ? -15.772 -2.762  -3.856  1.00 46.68  ? 171  PRO 1 CB  1 
ATOM   1278 C CG  . PRO A 1 170 ? -15.541 -4.239  -3.698  1.00 47.36  ? 171  PRO 1 CG  1 
ATOM   1279 C CD  . PRO A 1 170 ? -14.303 -4.465  -2.872  1.00 44.33  ? 171  PRO 1 CD  1 
ATOM   1280 N N   . PHE A 1 171 ? -15.395 -0.175  -1.919  1.00 40.87  ? 172  PHE 1 N   1 
ATOM   1281 C CA  . PHE A 1 171 ? -15.847 0.571   -0.749  1.00 42.69  ? 172  PHE 1 CA  1 
ATOM   1282 C C   . PHE A 1 171 ? -16.713 1.759   -1.141  1.00 41.29  ? 172  PHE 1 C   1 
ATOM   1283 O O   . PHE A 1 171 ? -16.805 2.136   -2.320  1.00 42.49  ? 172  PHE 1 O   1 
ATOM   1284 C CB  . PHE A 1 171 ? -14.669 1.077   0.114   1.00 34.14  ? 172  PHE 1 CB  1 
ATOM   1285 C CG  . PHE A 1 171 ? -13.776 2.094   -0.552  1.00 39.78  ? 172  PHE 1 CG  1 
ATOM   1286 C CD1 . PHE A 1 171 ? -14.230 3.367   -0.865  1.00 42.51  ? 172  PHE 1 CD1 1 
ATOM   1287 C CD2 . PHE A 1 171 ? -12.446 1.778   -0.831  1.00 42.94  ? 172  PHE 1 CD2 1 
ATOM   1288 C CE1 . PHE A 1 171 ? -13.378 4.318   -1.436  1.00 43.97  ? 172  PHE 1 CE1 1 
ATOM   1289 C CE2 . PHE A 1 171 ? -11.585 2.724   -1.399  1.00 43.09  ? 172  PHE 1 CE2 1 
ATOM   1290 C CZ  . PHE A 1 171 ? -12.047 3.991   -1.707  1.00 40.18  ? 172  PHE 1 CZ  1 
ATOM   1291 N N   . THR A 1 172 ? -17.329 2.368   -0.142  1.00 41.44  ? 173  THR 1 N   1 
ATOM   1292 C CA  . THR A 1 172 ? -18.154 3.540   -0.383  1.00 38.23  ? 173  THR 1 CA  1 
ATOM   1293 C C   . THR A 1 172 ? -17.741 4.698   0.483   1.00 44.18  ? 173  THR 1 C   1 
ATOM   1294 O O   . THR A 1 172 ? -17.258 4.543   1.640   1.00 41.76  ? 173  THR 1 O   1 
ATOM   1295 C CB  . THR A 1 172 ? -19.626 3.198   -0.126  1.00 43.11  ? 173  THR 1 CB  1 
ATOM   1296 O OG1 . THR A 1 172 ? -20.034 2.184   -1.068  1.00 50.77  ? 173  THR 1 OG1 1 
ATOM   1297 C CG2 . THR A 1 172 ? -20.508 4.441   -0.326  1.00 48.11  ? 173  THR 1 CG2 1 
ATOM   1298 N N   . LEU A 1 173 ? -17.881 5.885   -0.081  1.00 40.72  ? 174  LEU 1 N   1 
ATOM   1299 C CA  . LEU A 1 173 ? -17.569 7.070   0.667   1.00 42.89  ? 174  LEU 1 CA  1 
ATOM   1300 C C   . LEU A 1 173 ? -18.905 7.720   0.879   1.00 50.78  ? 174  LEU 1 C   1 
ATOM   1301 O O   . LEU A 1 173 ? -19.713 7.806   -0.062  1.00 47.40  ? 174  LEU 1 O   1 
ATOM   1302 C CB  . LEU A 1 173 ? -16.660 8.003   -0.112  1.00 41.60  ? 174  LEU 1 CB  1 
ATOM   1303 C CG  . LEU A 1 173 ? -15.322 7.405   -0.537  1.00 42.18  ? 174  LEU 1 CG  1 
ATOM   1304 C CD1 . LEU A 1 173 ? -14.525 8.486   -1.255  1.00 42.73  ? 174  LEU 1 CD1 1 
ATOM   1305 C CD2 . LEU A 1 173 ? -14.557 6.858   0.689   1.00 42.27  ? 174  LEU 1 CD2 1 
ATOM   1306 N N   . ASN A 1 174 ? -19.138 8.148   2.114   1.00 51.74  ? 175  ASN 1 N   1 
ATOM   1307 C CA  . ASN A 1 174 ? -20.387 8.794   2.494   1.00 63.53  ? 175  ASN 1 CA  1 
ATOM   1308 C C   . ASN A 1 174 ? -20.082 10.137  3.153   1.00 70.19  ? 175  ASN 1 C   1 
ATOM   1309 O O   . ASN A 1 174 ? -19.663 10.205  4.312   1.00 72.13  ? 175  ASN 1 O   1 
ATOM   1310 C CB  . ASN A 1 174 ? -21.172 7.915   3.479   1.00 60.86  ? 175  ASN 1 CB  1 
ATOM   1311 C CG  . ASN A 1 174 ? -21.394 6.500   2.969   1.00 66.37  ? 175  ASN 1 CG  1 
ATOM   1312 O OD1 . ASN A 1 174 ? -20.464 5.698   2.890   1.00 72.37  ? 175  ASN 1 OD1 1 
ATOM   1313 N ND2 . ASN A 1 174 ? -22.635 6.183   2.632   1.00 73.36  ? 175  ASN 1 ND2 1 
ATOM   1314 N N   . ASP A 1 175 ? -20.283 11.210  2.405   1.00 77.59  ? 176  ASP 1 N   1 
ATOM   1315 C CA  . ASP A 1 175 ? -20.055 12.555  2.918   1.00 82.42  ? 176  ASP 1 CA  1 
ATOM   1316 C C   . ASP A 1 175 ? -21.289 13.042  3.681   1.00 85.62  ? 176  ASP 1 C   1 
ATOM   1317 O O   . ASP A 1 175 ? -22.282 13.471  3.075   1.00 86.31  ? 176  ASP 1 O   1 
ATOM   1318 C CB  . ASP A 1 175 ? -19.740 13.498  1.752   1.00 85.95  ? 176  ASP 1 CB  1 
ATOM   1319 C CG  . ASP A 1 175 ? -19.970 14.959  2.096   1.00 91.93  ? 176  ASP 1 CG  1 
ATOM   1320 O OD1 . ASP A 1 175 ? -19.371 15.445  3.082   1.00 93.59  ? 176  ASP 1 OD1 1 
ATOM   1321 O OD2 . ASP A 1 175 ? -20.752 15.620  1.372   1.00 94.93  ? 176  ASP 1 OD2 1 
ATOM   1322 N N   . THR A 1 176 ? -21.227 12.967  5.008   1.00 88.23  ? 177  THR 1 N   1 
ATOM   1323 C CA  . THR A 1 176 ? -22.329 13.409  5.862   1.00 90.93  ? 177  THR 1 CA  1 
ATOM   1324 C C   . THR A 1 176 ? -22.924 14.730  5.347   1.00 92.31  ? 177  THR 1 C   1 
ATOM   1325 O O   . THR A 1 176 ? -24.123 14.742  4.977   1.00 92.43  ? 177  THR 1 O   1 
ATOM   1326 C CB  . THR A 1 176 ? -21.848 13.604  7.331   1.00 91.41  ? 177  THR 1 CB  1 
ATOM   1327 O OG1 . THR A 1 176 ? -21.415 12.345  7.862   1.00 90.78  ? 177  THR 1 OG1 1 
ATOM   1328 C CG2 . THR A 1 176 ? -22.977 14.159  8.209   1.00 90.66  ? 177  THR 1 CG2 1 
ATOM   1329 O OXT . THR A 1 176 ? -22.177 15.734  5.312   1.00 94.06  ? 177  THR 1 OXT 1 
HETATM 1330 C C1  . NAG B 2 .   ? 13.754  -9.794  16.360  1.00 80.69  ? 1    NAG A C1  1 
HETATM 1331 C C2  . NAG B 2 .   ? 13.961  -8.677  15.302  1.00 81.27  ? 1    NAG A C2  1 
HETATM 1332 C C3  . NAG B 2 .   ? 12.625  -8.325  14.596  1.00 78.50  ? 1    NAG A C3  1 
HETATM 1333 C C4  . NAG B 2 .   ? 11.887  -9.595  14.107  1.00 76.77  ? 1    NAG A C4  1 
HETATM 1334 C C5  . NAG B 2 .   ? 11.647  -10.520 15.339  1.00 78.08  ? 1    NAG A C5  1 
HETATM 1335 C C6  . NAG B 2 .   ? 10.937  -11.802 14.945  1.00 75.88  ? 1    NAG A C6  1 
HETATM 1336 C C7  . NAG B 2 .   ? 13.857  -6.850  17.039  1.00 88.38  ? 1    NAG A C7  1 
HETATM 1337 C C8  . NAG B 2 .   ? 14.527  -5.614  17.639  1.00 85.91  ? 1    NAG A C8  1 
HETATM 1338 N N2  . NAG B 2 .   ? 14.486  -7.466  15.992  1.00 83.10  ? 1    NAG A N2  1 
HETATM 1339 O O1  . NAG B 2 .   ? 14.956  -10.320 16.794  1.00 86.13  ? 1    NAG A O1  1 
HETATM 1340 O O3  . NAG B 2 .   ? 12.895  -7.483  13.487  1.00 72.14  ? 1    NAG A O3  1 
HETATM 1341 O O4  . NAG B 2 .   ? 10.617  -9.222  13.509  1.00 67.84  ? 1    NAG A O4  1 
HETATM 1342 O O5  . NAG B 2 .   ? 12.941  -10.889 15.888  1.00 80.41  ? 1    NAG A O5  1 
HETATM 1343 O O6  . NAG B 2 .   ? 11.826  -12.675 14.265  1.00 75.61  ? 1    NAG A O6  1 
HETATM 1344 O O7  . NAG B 2 .   ? 12.783  -7.229  17.533  1.00 92.54  ? 1    NAG A O7  1 
HETATM 1345 C C1  . NAG B 2 .   ? 10.509  -9.117  12.119  1.00 59.99  ? 2    NAG A C1  1 
HETATM 1346 C C2  . NAG B 2 .   ? 9.025   -9.194  11.747  1.00 52.72  ? 2    NAG A C2  1 
HETATM 1347 C C3  . NAG B 2 .   ? 8.861   -9.014  10.248  1.00 47.62  ? 2    NAG A C3  1 
HETATM 1348 C C4  . NAG B 2 .   ? 9.462   -7.663  9.840   1.00 46.79  ? 2    NAG A C4  1 
HETATM 1349 C C5  . NAG B 2 .   ? 10.962  -7.652  10.228  1.00 51.65  ? 2    NAG A C5  1 
HETATM 1350 C C6  . NAG B 2 .   ? 11.620  -6.316  9.872   1.00 44.93  ? 2    NAG A C6  1 
HETATM 1351 C C7  . NAG B 2 .   ? 7.718   -10.672 13.226  1.00 57.29  ? 2    NAG A C7  1 
HETATM 1352 C C8  . NAG B 2 .   ? 7.219   -12.095 13.488  1.00 58.80  ? 2    NAG A C8  1 
HETATM 1353 N N2  . NAG B 2 .   ? 8.481   -10.507 12.129  1.00 47.15  ? 2    NAG A N2  1 
HETATM 1354 O O3  . NAG B 2 .   ? 7.479   -9.029  9.944   1.00 41.06  ? 2    NAG A O3  1 
HETATM 1355 O O4  . NAG B 2 .   ? 9.324   -7.503  8.443   1.00 45.22  ? 2    NAG A O4  1 
HETATM 1356 O O5  . NAG B 2 .   ? 11.065  -7.837  11.688  1.00 49.51  ? 2    NAG A O5  1 
HETATM 1357 O O6  . NAG B 2 .   ? 11.145  -5.319  10.758  1.00 43.43  ? 2    NAG A O6  1 
HETATM 1358 O O7  . NAG B 2 .   ? 7.409   -9.749  14.012  1.00 57.28  ? 2    NAG A O7  1 
HETATM 1359 O O   . HOH C 3 .   ? -0.283  -18.046 3.185   1.00 64.68  ? 2001 HOH 1 O   1 
HETATM 1360 O O   . HOH C 3 .   ? -5.361  -10.084 5.979   1.00 73.66  ? 2002 HOH 1 O   1 
HETATM 1361 O O   . HOH C 3 .   ? -4.380  -16.654 1.831   1.00 70.17  ? 2003 HOH 1 O   1 
HETATM 1362 O O   . HOH C 3 .   ? 0.872   -12.088 1.775   1.00 44.50  ? 2004 HOH 1 O   1 
HETATM 1363 O O   . HOH C 3 .   ? -0.321  -17.565 -3.003  1.00 58.63  ? 2005 HOH 1 O   1 
HETATM 1364 O O   . HOH C 3 .   ? -4.949  -14.324 -0.646  1.00 60.22  ? 2006 HOH 1 O   1 
HETATM 1365 O O   . HOH C 3 .   ? -7.017  -12.869 -3.361  1.00 64.48  ? 2007 HOH 1 O   1 
HETATM 1366 O O   . HOH C 3 .   ? -3.045  -15.233 -3.217  1.00 65.07  ? 2008 HOH 1 O   1 
HETATM 1367 O O   . HOH C 3 .   ? -3.808  -12.071 1.156   1.00 48.94  ? 2009 HOH 1 O   1 
HETATM 1368 O O   . HOH C 3 .   ? -11.188 -9.612  0.920   1.00 50.94  ? 2010 HOH 1 O   1 
HETATM 1369 O O   . HOH C 3 .   ? -6.097  -10.596 1.102   1.00 43.93  ? 2011 HOH 1 O   1 
HETATM 1370 O O   . HOH C 3 .   ? -6.480  -9.621  -4.545  1.00 51.45  ? 2012 HOH 1 O   1 
HETATM 1371 O O   . HOH C 3 .   ? -6.754  -9.599  3.377   1.00 47.55  ? 2013 HOH 1 O   1 
HETATM 1372 O O   . HOH C 3 .   ? -8.976  -7.118  3.121   1.00 54.47  ? 2014 HOH 1 O   1 
HETATM 1373 O O   . HOH C 3 .   ? -8.861  -4.804  5.823   1.00 63.44  ? 2015 HOH 1 O   1 
HETATM 1374 O O   . HOH C 3 .   ? -16.884 -4.277  5.526   1.00 54.82  ? 2016 HOH 1 O   1 
HETATM 1375 O O   . HOH C 3 .   ? -13.270 -8.024  4.116   1.00 50.96  ? 2017 HOH 1 O   1 
HETATM 1376 O O   . HOH C 3 .   ? -20.196 0.212   1.477   1.00 56.35  ? 2018 HOH 1 O   1 
HETATM 1377 O O   . HOH C 3 .   ? -3.905  -12.989 4.709   1.00 46.02  ? 2019 HOH 1 O   1 
HETATM 1378 O O   . HOH C 3 .   ? -12.491 -0.942  2.392   1.00 37.47  ? 2020 HOH 1 O   1 
HETATM 1379 O O   . HOH C 3 .   ? -12.330 12.445  7.977   1.00 50.66  ? 2021 HOH 1 O   1 
HETATM 1380 O O   . HOH C 3 .   ? -20.904 16.635  8.320   1.00 100.42 ? 2022 HOH 1 O   1 
HETATM 1381 O O   . HOH C 3 .   ? 4.909   -3.249  -16.933 1.00 82.26  ? 2023 HOH 1 O   1 
HETATM 1382 O O   . HOH C 3 .   ? -15.408 21.344  8.780   1.00 70.96  ? 2024 HOH 1 O   1 
HETATM 1383 O O   . HOH C 3 .   ? -18.225 23.667  1.292   1.00 91.76  ? 2025 HOH 1 O   1 
HETATM 1384 O O   . HOH C 3 .   ? -8.420  6.523   -13.993 1.00 55.19  ? 2026 HOH 1 O   1 
HETATM 1385 O O   . HOH C 3 .   ? -7.163  8.874   -13.351 1.00 47.59  ? 2027 HOH 1 O   1 
HETATM 1386 O O   . HOH C 3 .   ? -9.449  24.325  -2.817  1.00 78.50  ? 2028 HOH 1 O   1 
HETATM 1387 O O   . HOH C 3 .   ? -8.221  17.227  3.344   1.00 52.08  ? 2029 HOH 1 O   1 
HETATM 1388 O O   . HOH C 3 .   ? -6.729  3.936   5.492   1.00 35.34  ? 2030 HOH 1 O   1 
HETATM 1389 O O   . HOH C 3 .   ? 0.905   5.465   13.838  1.00 62.49  ? 2031 HOH 1 O   1 
HETATM 1390 O O   . HOH C 3 .   ? -6.007  3.580   11.878  1.00 44.81  ? 2032 HOH 1 O   1 
HETATM 1391 O O   . HOH C 3 .   ? -6.021  -1.792  9.709   1.00 66.18  ? 2033 HOH 1 O   1 
HETATM 1392 O O   . HOH C 3 .   ? -0.439  7.880   -16.681 1.00 77.31  ? 2034 HOH 1 O   1 
HETATM 1393 O O   . HOH C 3 .   ? -8.444  -0.809  10.978  1.00 43.45  ? 2035 HOH 1 O   1 
HETATM 1394 O O   . HOH C 3 .   ? 10.803  0.923   8.104   1.00 60.62  ? 2036 HOH 1 O   1 
HETATM 1395 O O   . HOH C 3 .   ? -6.582  -6.559  4.454   1.00 44.59  ? 2037 HOH 1 O   1 
HETATM 1396 O O   . HOH C 3 .   ? 0.895   -1.717  12.648  1.00 43.62  ? 2038 HOH 1 O   1 
HETATM 1397 O O   . HOH C 3 .   ? -4.512  -7.275  6.564   1.00 41.08  ? 2039 HOH 1 O   1 
HETATM 1398 O O   . HOH C 3 .   ? -2.088  -11.390 6.949   1.00 74.08  ? 2040 HOH 1 O   1 
HETATM 1399 O O   . HOH C 3 .   ? 0.958   -15.842 5.661   1.00 85.18  ? 2041 HOH 1 O   1 
HETATM 1400 O O   . HOH C 3 .   ? 0.696   -10.738 10.648  1.00 39.59  ? 2042 HOH 1 O   1 
HETATM 1401 O O   . HOH C 3 .   ? 3.540   -14.014 14.034  1.00 64.50  ? 2043 HOH 1 O   1 
HETATM 1402 O O   . HOH C 3 .   ? 6.367   -15.661 12.684  1.00 66.63  ? 2044 HOH 1 O   1 
HETATM 1403 O O   . HOH C 3 .   ? 8.567   -22.511 4.815   1.00 70.51  ? 2045 HOH 1 O   1 
HETATM 1404 O O   . HOH C 3 .   ? 15.513  -3.203  -6.020  1.00 54.70  ? 2046 HOH 1 O   1 
HETATM 1405 O O   . HOH C 3 .   ? 5.948   -1.530  -14.428 1.00 80.02  ? 2047 HOH 1 O   1 
HETATM 1406 O O   . HOH C 3 .   ? 5.338   3.434   -7.670  1.00 41.02  ? 2048 HOH 1 O   1 
HETATM 1407 O O   . HOH C 3 .   ? 1.692   2.246   -14.659 1.00 64.70  ? 2049 HOH 1 O   1 
HETATM 1408 O O   . HOH C 3 .   ? 3.783   0.852   -12.758 1.00 48.07  ? 2050 HOH 1 O   1 
HETATM 1409 O O   . HOH C 3 .   ? -3.085  11.721  -15.012 1.00 57.66  ? 2051 HOH 1 O   1 
HETATM 1410 O O   . HOH C 3 .   ? -5.483  16.146  -11.624 1.00 54.98  ? 2052 HOH 1 O   1 
HETATM 1411 O O   . HOH C 3 .   ? 6.267   18.309  1.984   1.00 75.09  ? 2053 HOH 1 O   1 
HETATM 1412 O O   . HOH C 3 .   ? 0.618   8.467   -2.420  1.00 33.14  ? 2054 HOH 1 O   1 
HETATM 1413 O O   . HOH C 3 .   ? -7.287  4.557   -12.260 1.00 51.95  ? 2055 HOH 1 O   1 
HETATM 1414 O O   . HOH C 3 .   ? -9.507  2.789   -11.715 1.00 53.48  ? 2056 HOH 1 O   1 
HETATM 1415 O O   . HOH C 3 .   ? -8.627  10.781  -11.357 1.00 54.54  ? 2057 HOH 1 O   1 
HETATM 1416 O O   . HOH C 3 .   ? -16.309 8.089   -8.165  1.00 57.54  ? 2058 HOH 1 O   1 
HETATM 1417 O O   . HOH C 3 .   ? 7.661   -3.110  11.032  1.00 49.27  ? 2059 HOH 1 O   1 
HETATM 1418 O O   . HOH C 3 .   ? -4.816  -4.844  9.075   1.00 49.15  ? 2060 HOH 1 O   1 
HETATM 1419 O O   . HOH C 3 .   ? 4.373   7.082   11.241  1.00 65.61  ? 2061 HOH 1 O   1 
HETATM 1420 O O   . HOH C 3 .   ? 11.775  1.960   13.331  1.00 81.94  ? 2062 HOH 1 O   1 
HETATM 1421 O O   . HOH C 3 .   ? 8.205   8.950   0.463   1.00 57.86  ? 2063 HOH 1 O   1 
HETATM 1422 O O   . HOH C 3 .   ? 6.266   12.993  -4.486  1.00 53.51  ? 2064 HOH 1 O   1 
HETATM 1423 O O   . HOH C 3 .   ? 7.699   10.520  -8.635  1.00 53.02  ? 2065 HOH 1 O   1 
HETATM 1424 O O   . HOH C 3 .   ? 1.088   8.319   -13.948 1.00 42.83  ? 2066 HOH 1 O   1 
HETATM 1425 O O   . HOH C 3 .   ? 6.927   7.606   -12.751 1.00 55.01  ? 2067 HOH 1 O   1 
HETATM 1426 O O   . HOH C 3 .   ? 4.610   9.407   -13.181 1.00 68.53  ? 2068 HOH 1 O   1 
HETATM 1427 O O   . HOH C 3 .   ? 10.557  3.072   -14.295 1.00 58.25  ? 2069 HOH 1 O   1 
HETATM 1428 O O   . HOH C 3 .   ? 10.499  7.138   -12.729 1.00 61.57  ? 2070 HOH 1 O   1 
HETATM 1429 O O   . HOH C 3 .   ? 7.576   4.798   -13.912 1.00 49.60  ? 2071 HOH 1 O   1 
HETATM 1430 O O   . HOH C 3 .   ? 8.719   -4.436  -13.647 1.00 62.83  ? 2072 HOH 1 O   1 
HETATM 1431 O O   . HOH C 3 .   ? 10.693  0.850   -12.404 1.00 58.24  ? 2073 HOH 1 O   1 
HETATM 1432 O O   . HOH C 3 .   ? 13.300  4.799   -4.112  1.00 68.24  ? 2074 HOH 1 O   1 
HETATM 1433 O O   . HOH C 3 .   ? 8.132   6.120   -8.876  1.00 40.71  ? 2075 HOH 1 O   1 
HETATM 1434 O O   . HOH C 3 .   ? 10.868  5.826   -1.798  1.00 65.59  ? 2076 HOH 1 O   1 
HETATM 1435 O O   . HOH C 3 .   ? 17.299  1.777   -3.089  1.00 79.25  ? 2077 HOH 1 O   1 
HETATM 1436 O O   . HOH C 3 .   ? 13.889  2.937   2.118   1.00 50.61  ? 2078 HOH 1 O   1 
HETATM 1437 O O   . HOH C 3 .   ? 9.007   0.707   5.514   1.00 38.27  ? 2079 HOH 1 O   1 
HETATM 1438 O O   . HOH C 3 .   ? 18.711  -12.027 14.589  1.00 70.89  ? 2080 HOH 1 O   1 
HETATM 1439 O O   . HOH C 3 .   ? 24.104  -13.658 15.000  1.00 70.90  ? 2081 HOH 1 O   1 
HETATM 1440 O O   . HOH C 3 .   ? 2.103   0.865   5.016   1.00 54.93  ? 2082 HOH 1 O   1 
HETATM 1441 O O   . HOH C 3 .   ? -2.975  11.802  4.955   1.00 49.16  ? 2083 HOH 1 O   1 
HETATM 1442 O O   . HOH C 3 .   ? -2.600  10.776  10.076  1.00 69.41  ? 2084 HOH 1 O   1 
HETATM 1443 O O   . HOH C 3 .   ? 0.781   10.232  7.384   1.00 55.71  ? 2085 HOH 1 O   1 
HETATM 1444 O O   . HOH C 3 .   ? -0.369  8.328   10.245  1.00 85.57  ? 2086 HOH 1 O   1 
HETATM 1445 O O   . HOH C 3 .   ? 0.227   7.196   7.043   1.00 48.97  ? 2087 HOH 1 O   1 
HETATM 1446 O O   . HOH C 3 .   ? -15.083 13.746  -15.378 1.00 73.81  ? 2088 HOH 1 O   1 
HETATM 1447 O O   . HOH C 3 .   ? -24.080 9.363   -7.840  1.00 52.11  ? 2089 HOH 1 O   1 
HETATM 1448 O O   . HOH C 3 .   ? -18.024 12.280  -0.261  1.00 100.42 ? 2090 HOH 1 O   1 
HETATM 1449 O O   . HOH C 3 .   ? -22.499 7.150   -6.192  1.00 70.29  ? 2091 HOH 1 O   1 
HETATM 1450 O O   . HOH C 3 .   ? -19.321 8.354   -7.103  1.00 95.21  ? 2092 HOH 1 O   1 
HETATM 1451 O O   . HOH C 3 .   ? -18.214 -0.357  -4.258  1.00 45.06  ? 2093 HOH 1 O   1 
HETATM 1452 O O   . HOH C 3 .   ? -11.567 -1.104  -11.633 1.00 51.75  ? 2094 HOH 1 O   1 
HETATM 1453 O O   . HOH C 3 .   ? -15.996 -4.563  -7.266  1.00 58.28  ? 2095 HOH 1 O   1 
HETATM 1454 O O   . HOH C 3 .   ? -13.674 -4.461  -10.925 1.00 60.95  ? 2096 HOH 1 O   1 
HETATM 1455 O O   . HOH C 3 .   ? -11.171 2.271   -9.549  1.00 51.33  ? 2097 HOH 1 O   1 
HETATM 1456 O O   . HOH C 3 .   ? -1.506  -5.341  -8.713  1.00 53.05  ? 2098 HOH 1 O   1 
HETATM 1457 O O   . HOH C 3 .   ? -4.969  -0.591  -11.872 1.00 53.02  ? 2099 HOH 1 O   1 
HETATM 1458 O O   . HOH C 3 .   ? -7.946  -3.256  -11.982 1.00 52.81  ? 2100 HOH 1 O   1 
HETATM 1459 O O   . HOH C 3 .   ? 2.918   -4.164  -10.251 1.00 69.71  ? 2101 HOH 1 O   1 
HETATM 1460 O O   . HOH C 3 .   ? 19.049  -2.441  0.997   1.00 73.91  ? 2102 HOH 1 O   1 
HETATM 1461 O O   . HOH C 3 .   ? 22.416  -14.326 2.771   1.00 68.23  ? 2103 HOH 1 O   1 
HETATM 1462 O O   . HOH C 3 .   ? 21.506  -15.625 -0.167  1.00 63.13  ? 2104 HOH 1 O   1 
HETATM 1463 O O   . HOH C 3 .   ? 19.890  -12.646 -8.171  1.00 77.79  ? 2105 HOH 1 O   1 
HETATM 1464 O O   . HOH C 3 .   ? 18.125  -11.451 -5.514  1.00 64.21  ? 2106 HOH 1 O   1 
HETATM 1465 O O   . HOH C 3 .   ? 8.777   -19.422 -3.912  1.00 56.37  ? 2107 HOH 1 O   1 
HETATM 1466 O O   . HOH C 3 .   ? 8.611   -13.343 -8.838  1.00 43.08  ? 2108 HOH 1 O   1 
HETATM 1467 O O   . HOH C 3 .   ? 8.095   -8.145  -10.041 1.00 55.74  ? 2109 HOH 1 O   1 
HETATM 1468 O O   . HOH C 3 .   ? -4.388  -8.463  -5.632  1.00 39.05  ? 2110 HOH 1 O   1 
HETATM 1469 O O   . HOH C 3 .   ? -10.873 -1.039  0.175   1.00 38.19  ? 2111 HOH 1 O   1 
HETATM 1470 O O   . HOH C 3 .   ? -19.035 16.001  5.711   1.00 62.18  ? 2112 HOH 1 O   1 
HETATM 1471 O O   . HOH C 3 .   ? -23.016 10.378  1.767   1.00 83.08  ? 2113 HOH 1 O   1 
HETATM 1472 O O   . HOH C 3 .   ? 12.874  -7.268  20.381  1.00 78.95  ? 2114 HOH 1 O   1 
HETATM 1473 O O   . HOH C 3 .   ? 15.026  -5.617  12.492  1.00 63.04  ? 2115 HOH 1 O   1 
HETATM 1474 O O   . HOH C 3 .   ? 16.557  -11.640 18.482  1.00 66.48  ? 2116 HOH 1 O   1 
# 
loop_
_pdbx_poly_seq_scheme.asym_id 
_pdbx_poly_seq_scheme.entity_id 
_pdbx_poly_seq_scheme.seq_id 
_pdbx_poly_seq_scheme.mon_id 
_pdbx_poly_seq_scheme.ndb_seq_num 
_pdbx_poly_seq_scheme.pdb_seq_num 
_pdbx_poly_seq_scheme.auth_seq_num 
_pdbx_poly_seq_scheme.pdb_mon_id 
_pdbx_poly_seq_scheme.auth_mon_id 
_pdbx_poly_seq_scheme.pdb_strand_id 
_pdbx_poly_seq_scheme.pdb_ins_code 
_pdbx_poly_seq_scheme.hetero 
A 1 1   VAL 1   1   1   VAL VAL 1 . n 
A 1 2   VAL 2   2   2   VAL VAL 1 . n 
A 1 3   SER 3   3   3   SER SER 1 . n 
A 1 4   PHE 4   4   4   PHE PHE 1 . n 
A 1 5   ILE 5   5   5   ILE ILE 1 . n 
A 1 6   GLY 6   6   6   GLY GLY 1 . n 
A 1 7   SER 7   7   7   SER SER 1 . n 
A 1 8   THR 8   8   8   THR THR 1 . n 
A 1 9   GLU 9   9   9   GLU GLU 1 . n 
A 1 10  ASN 10  10  10  ASN ASN 1 . n 
A 1 11  ASP 11  11  11  ASP ASP 1 . n 
A 1 12  VAL 12  12  12  VAL VAL 1 . n 
A 1 13  GLY 13  13  13  GLY GLY 1 . n 
A 1 14  PRO 14  14  14  PRO PRO 1 . n 
A 1 15  SER 15  15  15  SER SER 1 . n 
A 1 16  GLN 16  16  16  GLN GLN 1 . n 
A 1 17  GLY 17  17  17  GLY GLY 1 . n 
A 1 18  SER 18  18  18  SER SER 1 . n 
A 1 19  TYR 19  19  19  TYR TYR 1 . n 
A 1 20  SER 20  20  20  SER SER 1 . n 
A 1 21  SER 21  21  21  SER SER 1 . n 
A 1 22  THR 22  22  22  THR THR 1 . n 
A 1 23  HIS 23  23  23  HIS HIS 1 . n 
A 1 24  ALA 24  24  24  ALA ALA 1 . n 
A 1 25  MET 25  25  25  MET MET 1 . n 
A 1 26  ASP 26  26  26  ASP ASP 1 . n 
A 1 27  ASN 27  27  27  ASN ASN 1 . n 
A 1 28  LEU 28  28  28  LEU LEU 1 . n 
A 1 29  PRO 29  29  29  PRO PRO 1 . n 
A 1 30  PHE 30  30  30  PHE PHE 1 . n 
A 1 31  VAL 31  31  31  VAL VAL 1 . n 
A 1 32  TYR 32  32  32  TYR TYR 1 . n 
A 1 33  ASN 33  33  33  ASN ASN 1 . n 
A 1 34  THR 34  34  34  THR THR 1 . n 
A 1 35  GLY 35  35  35  GLY GLY 1 . n 
A 1 36  TYR 36  36  36  TYR TYR 1 . n 
A 1 37  ASN 37  37  37  ASN ASN 1 . n 
A 1 38  ILE 38  38  38  ILE ILE 1 . n 
A 1 39  GLY 39  39  39  GLY GLY 1 . n 
A 1 40  TYR 40  40  40  TYR TYR 1 . n 
A 1 41  GLN 41  41  41  GLN GLN 1 . n 
A 1 42  ASN 42  42  42  ASN ASN 1 . n 
A 1 43  ALA 43  43  43  ALA ALA 1 . n 
A 1 44  ASN 44  44  44  ASN ASN 1 . n 
A 1 45  VAL 45  45  45  VAL VAL 1 . n 
A 1 46  TRP 46  46  46  TRP TRP 1 . n 
A 1 47  ARG 47  47  47  ARG ARG 1 . n 
A 1 48  ILE 48  48  48  ILE ILE 1 . n 
A 1 49  GLY 49  49  49  GLY GLY 1 . n 
A 1 50  GLY 50  50  50  GLY GLY 1 . n 
A 1 51  GLY 51  51  51  GLY GLY 1 . n 
A 1 52  PHE 52  52  52  PHE PHE 1 . n 
A 1 53  CYS 53  53  53  CYS CYS 1 . n 
A 1 54  VAL 54  54  54  VAL VAL 1 . n 
A 1 55  GLY 55  55  55  GLY GLY 1 . n 
A 1 56  LEU 56  56  56  LEU LEU 1 . n 
A 1 57  ASP 57  57  57  ASP ASP 1 . n 
A 1 58  GLY 58  58  58  GLY GLY 1 . n 
A 1 59  LYS 59  59  59  LYS LYS 1 . n 
A 1 60  VAL 60  60  60  VAL VAL 1 . n 
A 1 61  ASP 61  61  61  ASP ASP 1 . n 
A 1 62  LEU 62  62  62  LEU LEU 1 . n 
A 1 63  PRO 63  63  63  PRO PRO 1 . n 
A 1 64  VAL 64  64  64  VAL VAL 1 . n 
A 1 65  VAL 65  65  65  VAL VAL 1 . n 
A 1 66  GLY 66  66  66  GLY GLY 1 . n 
A 1 67  SER 67  67  67  SER SER 1 . n 
A 1 68  LEU 68  68  68  LEU LEU 1 . n 
A 1 69  ASP 69  69  69  ASP ASP 1 . n 
A 1 70  GLY 70  70  70  GLY GLY 1 . n 
A 1 71  GLN 71  71  71  GLN GLN 1 . n 
A 1 72  SER 72  72  72  SER SER 1 . n 
A 1 73  ILE 73  73  73  ILE ILE 1 . n 
A 1 74  TYR 74  74  74  TYR TYR 1 . n 
A 1 75  GLY 75  75  75  GLY GLY 1 . n 
A 1 76  LEU 76  76  76  LEU LEU 1 . n 
A 1 77  THR 77  77  77  THR THR 1 . n 
A 1 78  GLU 78  78  78  GLU GLU 1 . n 
A 1 79  GLU 79  79  79  GLU GLU 1 . n 
A 1 80  VAL 80  80  80  VAL VAL 1 . n 
A 1 81  GLY 81  81  81  GLY GLY 1 . n 
A 1 82  LEU 82  82  82  LEU LEU 1 . n 
A 1 83  LEU 83  83  83  LEU LEU 1 . n 
A 1 84  ILE 84  84  84  ILE ILE 1 . n 
A 1 85  TRP 85  85  85  TRP TRP 1 . n 
A 1 86  MET 86  86  86  MET MET 1 . n 
A 1 87  GLY 87  87  87  GLY GLY 1 . n 
A 1 88  ASP 88  88  88  ASP ASP 1 . n 
A 1 89  THR 89  89  89  THR THR 1 . n 
A 1 90  ASN 90  90  90  ASN ASN 1 . n 
A 1 91  TYR 91  91  91  TYR TYR 1 . n 
A 1 92  SER 92  92  92  SER SER 1 . n 
A 1 93  ARG 93  93  93  ARG ARG 1 . n 
A 1 94  GLY 94  94  94  GLY GLY 1 . n 
A 1 95  THR 95  95  95  THR THR 1 . n 
A 1 96  ALA 96  96  96  ALA ALA 1 . n 
A 1 97  MET 97  97  97  MET MET 1 . n 
A 1 98  SER 98  98  98  SER SER 1 . n 
A 1 99  GLY 99  99  99  GLY GLY 1 . n 
A 1 100 ASN 100 100 100 ASN ASN 1 . n 
A 1 101 SER 101 101 101 SER SER 1 . n 
A 1 102 TRP 102 102 102 TRP TRP 1 . n 
A 1 103 GLU 103 103 103 GLU GLU 1 . n 
A 1 104 ASN 104 104 104 ASN ASN 1 . n 
A 1 105 VAL 105 105 105 VAL VAL 1 . n 
A 1 106 PHE 106 106 106 PHE PHE 1 . n 
A 1 107 SER 107 107 107 SER SER 1 . n 
A 1 108 GLY 108 108 108 GLY GLY 1 . n 
A 1 109 TRP 109 109 109 TRP TRP 1 . n 
A 1 110 SER 110 110 110 SER SER 1 . n 
A 1 111 VAL 111 111 111 VAL VAL 1 . n 
A 1 112 GLY 112 112 112 GLY GLY 1 . n 
A 1 113 ASN 113 114 114 ASN ASN 1 . n 
A 1 114 TYR 114 115 115 TYR TYR 1 . n 
A 1 115 LEU 115 116 116 LEU LEU 1 . n 
A 1 116 SER 116 117 117 SER SER 1 . n 
A 1 117 THR 117 118 118 THR THR 1 . n 
A 1 118 GLN 118 119 119 GLN GLN 1 . n 
A 1 119 GLY 119 120 120 GLY GLY 1 . n 
A 1 120 LEU 120 121 121 LEU LEU 1 . n 
A 1 121 SER 121 122 122 SER SER 1 . n 
A 1 122 VAL 122 123 123 VAL VAL 1 . n 
A 1 123 HIS 123 124 124 HIS HIS 1 . n 
A 1 124 VAL 124 125 125 VAL VAL 1 . n 
A 1 125 ARG 125 126 126 ARG ARG 1 . n 
A 1 126 PRO 126 127 127 PRO PRO 1 . n 
A 1 127 VAL 127 128 128 VAL VAL 1 . n 
A 1 128 ILE 128 129 129 ILE ILE 1 . n 
A 1 129 LEU 129 130 130 LEU LEU 1 . n 
A 1 130 LYS 130 131 131 LYS LYS 1 . n 
A 1 131 ARG 131 132 132 ARG ARG 1 . n 
A 1 132 ASN 132 133 133 ASN ASN 1 . n 
A 1 133 SER 133 134 134 SER SER 1 . n 
A 1 134 SER 134 135 135 SER SER 1 . n 
A 1 135 ALA 135 136 136 ALA ALA 1 . n 
A 1 136 GLN 136 137 137 GLN GLN 1 . n 
A 1 137 TYR 137 138 138 TYR TYR 1 . n 
A 1 138 SER 138 139 139 SER SER 1 . n 
A 1 139 VAL 139 140 140 VAL VAL 1 . n 
A 1 140 GLN 140 141 141 GLN GLN 1 . n 
A 1 141 LYS 141 142 142 LYS LYS 1 . n 
A 1 142 THR 142 143 143 THR THR 1 . n 
A 1 143 SER 143 144 144 SER SER 1 . n 
A 1 144 ILE 144 145 145 ILE ILE 1 . n 
A 1 145 GLY 145 146 146 GLY GLY 1 . n 
A 1 146 SER 146 147 147 SER SER 1 . n 
A 1 147 ILE 147 148 148 ILE ILE 1 . n 
A 1 148 ARG 148 149 149 ARG ARG 1 . n 
A 1 149 MET 149 150 150 MET MET 1 . n 
A 1 150 ARG 150 151 151 ARG ARG 1 . n 
A 1 151 PRO 151 152 152 PRO PRO 1 . n 
A 1 152 TYR 152 153 153 TYR TYR 1 . n 
A 1 153 ASN 153 154 154 ASN ASN 1 . n 
A 1 154 GLY 154 155 155 GLY GLY 1 . n 
A 1 155 SER 155 156 156 SER SER 1 . n 
A 1 156 SER 156 157 157 SER SER 1 . n 
A 1 157 ALA 157 158 158 ALA ALA 1 . n 
A 1 158 GLY 158 159 159 GLY GLY 1 . n 
A 1 159 SER 159 160 160 SER SER 1 . n 
A 1 160 VAL 160 161 161 VAL VAL 1 . n 
A 1 161 GLN 161 162 162 GLN GLN 1 . n 
A 1 162 THR 162 163 163 THR THR 1 . n 
A 1 163 THR 163 164 164 THR THR 1 . n 
A 1 164 VAL 164 165 165 VAL VAL 1 . n 
A 1 165 ASN 165 166 166 ASN ASN 1 . n 
A 1 166 PHE 166 167 167 PHE PHE 1 . n 
A 1 167 SER 167 168 168 SER SER 1 . n 
A 1 168 LEU 168 169 169 LEU LEU 1 . n 
A 1 169 ASN 169 170 170 ASN ASN 1 . n 
A 1 170 PRO 170 171 171 PRO PRO 1 . n 
A 1 171 PHE 171 172 172 PHE PHE 1 . n 
A 1 172 THR 172 173 173 THR THR 1 . n 
A 1 173 LEU 173 174 174 LEU LEU 1 . n 
A 1 174 ASN 174 175 175 ASN ASN 1 . n 
A 1 175 ASP 175 176 176 ASP ASP 1 . n 
A 1 176 THR 176 177 177 THR THR 1 . n 
# 
loop_
_pdbx_nonpoly_scheme.asym_id 
_pdbx_nonpoly_scheme.entity_id 
_pdbx_nonpoly_scheme.mon_id 
_pdbx_nonpoly_scheme.ndb_seq_num 
_pdbx_nonpoly_scheme.pdb_seq_num 
_pdbx_nonpoly_scheme.auth_seq_num 
_pdbx_nonpoly_scheme.pdb_mon_id 
_pdbx_nonpoly_scheme.auth_mon_id 
_pdbx_nonpoly_scheme.pdb_strand_id 
_pdbx_nonpoly_scheme.pdb_ins_code 
C 3 HOH 1   2001 2001 HOH HOH 1 . 
C 3 HOH 2   2002 2002 HOH HOH 1 . 
C 3 HOH 3   2003 2003 HOH HOH 1 . 
C 3 HOH 4   2004 2004 HOH HOH 1 . 
C 3 HOH 5   2005 2005 HOH HOH 1 . 
C 3 HOH 6   2006 2006 HOH HOH 1 . 
C 3 HOH 7   2007 2007 HOH HOH 1 . 
C 3 HOH 8   2008 2008 HOH HOH 1 . 
C 3 HOH 9   2009 2009 HOH HOH 1 . 
C 3 HOH 10  2010 2010 HOH HOH 1 . 
C 3 HOH 11  2011 2011 HOH HOH 1 . 
C 3 HOH 12  2012 2012 HOH HOH 1 . 
C 3 HOH 13  2013 2013 HOH HOH 1 . 
C 3 HOH 14  2014 2014 HOH HOH 1 . 
C 3 HOH 15  2015 2015 HOH HOH 1 . 
C 3 HOH 16  2016 2016 HOH HOH 1 . 
C 3 HOH 17  2017 2017 HOH HOH 1 . 
C 3 HOH 18  2018 2018 HOH HOH 1 . 
C 3 HOH 19  2019 2019 HOH HOH 1 . 
C 3 HOH 20  2020 2020 HOH HOH 1 . 
C 3 HOH 21  2021 2021 HOH HOH 1 . 
C 3 HOH 22  2022 2022 HOH HOH 1 . 
C 3 HOH 23  2023 2023 HOH HOH 1 . 
C 3 HOH 24  2024 2024 HOH HOH 1 . 
C 3 HOH 25  2025 2025 HOH HOH 1 . 
C 3 HOH 26  2026 2026 HOH HOH 1 . 
C 3 HOH 27  2027 2027 HOH HOH 1 . 
C 3 HOH 28  2028 2028 HOH HOH 1 . 
C 3 HOH 29  2029 2029 HOH HOH 1 . 
C 3 HOH 30  2030 2030 HOH HOH 1 . 
C 3 HOH 31  2031 2031 HOH HOH 1 . 
C 3 HOH 32  2032 2032 HOH HOH 1 . 
C 3 HOH 33  2033 2033 HOH HOH 1 . 
C 3 HOH 34  2034 2034 HOH HOH 1 . 
C 3 HOH 35  2035 2035 HOH HOH 1 . 
C 3 HOH 36  2036 2036 HOH HOH 1 . 
C 3 HOH 37  2037 2037 HOH HOH 1 . 
C 3 HOH 38  2038 2038 HOH HOH 1 . 
C 3 HOH 39  2039 2039 HOH HOH 1 . 
C 3 HOH 40  2040 2040 HOH HOH 1 . 
C 3 HOH 41  2041 2041 HOH HOH 1 . 
C 3 HOH 42  2042 2042 HOH HOH 1 . 
C 3 HOH 43  2043 2043 HOH HOH 1 . 
C 3 HOH 44  2044 2044 HOH HOH 1 . 
C 3 HOH 45  2045 2045 HOH HOH 1 . 
C 3 HOH 46  2046 2046 HOH HOH 1 . 
C 3 HOH 47  2047 2047 HOH HOH 1 . 
C 3 HOH 48  2048 2048 HOH HOH 1 . 
C 3 HOH 49  2049 2049 HOH HOH 1 . 
C 3 HOH 50  2050 2050 HOH HOH 1 . 
C 3 HOH 51  2051 2051 HOH HOH 1 . 
C 3 HOH 52  2052 2052 HOH HOH 1 . 
C 3 HOH 53  2053 2053 HOH HOH 1 . 
C 3 HOH 54  2054 2054 HOH HOH 1 . 
C 3 HOH 55  2055 2055 HOH HOH 1 . 
C 3 HOH 56  2056 2056 HOH HOH 1 . 
C 3 HOH 57  2057 2057 HOH HOH 1 . 
C 3 HOH 58  2058 2058 HOH HOH 1 . 
C 3 HOH 59  2059 2059 HOH HOH 1 . 
C 3 HOH 60  2060 2060 HOH HOH 1 . 
C 3 HOH 61  2061 2061 HOH HOH 1 . 
C 3 HOH 62  2062 2062 HOH HOH 1 . 
C 3 HOH 63  2063 2063 HOH HOH 1 . 
C 3 HOH 64  2064 2064 HOH HOH 1 . 
C 3 HOH 65  2065 2065 HOH HOH 1 . 
C 3 HOH 66  2066 2066 HOH HOH 1 . 
C 3 HOH 67  2067 2067 HOH HOH 1 . 
C 3 HOH 68  2068 2068 HOH HOH 1 . 
C 3 HOH 69  2069 2069 HOH HOH 1 . 
C 3 HOH 70  2070 2070 HOH HOH 1 . 
C 3 HOH 71  2071 2071 HOH HOH 1 . 
C 3 HOH 72  2072 2072 HOH HOH 1 . 
C 3 HOH 73  2073 2073 HOH HOH 1 . 
C 3 HOH 74  2074 2074 HOH HOH 1 . 
C 3 HOH 75  2075 2075 HOH HOH 1 . 
C 3 HOH 76  2076 2076 HOH HOH 1 . 
C 3 HOH 77  2077 2077 HOH HOH 1 . 
C 3 HOH 78  2078 2078 HOH HOH 1 . 
C 3 HOH 79  2079 2079 HOH HOH 1 . 
C 3 HOH 80  2080 2080 HOH HOH 1 . 
C 3 HOH 81  2081 2081 HOH HOH 1 . 
C 3 HOH 82  2082 2082 HOH HOH 1 . 
C 3 HOH 83  2083 2083 HOH HOH 1 . 
C 3 HOH 84  2084 2084 HOH HOH 1 . 
C 3 HOH 85  2085 2085 HOH HOH 1 . 
C 3 HOH 86  2086 2086 HOH HOH 1 . 
C 3 HOH 87  2087 2087 HOH HOH 1 . 
C 3 HOH 88  2088 2088 HOH HOH 1 . 
C 3 HOH 89  2089 2089 HOH HOH 1 . 
C 3 HOH 90  2090 2090 HOH HOH 1 . 
C 3 HOH 91  2091 2091 HOH HOH 1 . 
C 3 HOH 92  2092 2092 HOH HOH 1 . 
C 3 HOH 93  2093 2093 HOH HOH 1 . 
C 3 HOH 94  2094 2094 HOH HOH 1 . 
C 3 HOH 95  2095 2095 HOH HOH 1 . 
C 3 HOH 96  2096 2096 HOH HOH 1 . 
C 3 HOH 97  2097 2097 HOH HOH 1 . 
C 3 HOH 98  2098 2098 HOH HOH 1 . 
C 3 HOH 99  2099 2099 HOH HOH 1 . 
C 3 HOH 100 2100 2100 HOH HOH 1 . 
C 3 HOH 101 2101 2101 HOH HOH 1 . 
C 3 HOH 102 2102 2102 HOH HOH 1 . 
C 3 HOH 103 2103 2103 HOH HOH 1 . 
C 3 HOH 104 2104 2104 HOH HOH 1 . 
C 3 HOH 105 2105 2105 HOH HOH 1 . 
C 3 HOH 106 2106 2106 HOH HOH 1 . 
C 3 HOH 107 2107 2107 HOH HOH 1 . 
C 3 HOH 108 2108 2108 HOH HOH 1 . 
C 3 HOH 109 2109 2109 HOH HOH 1 . 
C 3 HOH 110 2110 2110 HOH HOH 1 . 
C 3 HOH 111 2111 2111 HOH HOH 1 . 
C 3 HOH 112 2112 2112 HOH HOH 1 . 
C 3 HOH 113 2113 2113 HOH HOH 1 . 
C 3 HOH 114 2114 2114 HOH HOH 1 . 
C 3 HOH 115 2115 2115 HOH HOH 1 . 
C 3 HOH 116 2116 2116 HOH HOH 1 . 
# 
_pdbx_struct_assembly.id                   1 
_pdbx_struct_assembly.details              author_and_software_defined_assembly 
_pdbx_struct_assembly.method_details       PQS 
_pdbx_struct_assembly.oligomeric_details   monomeric 
_pdbx_struct_assembly.oligomeric_count     1 
# 
_pdbx_struct_assembly_gen.assembly_id       1 
_pdbx_struct_assembly_gen.oper_expression   1 
_pdbx_struct_assembly_gen.asym_id_list      A,B,C 
# 
_pdbx_struct_oper_list.id                   1 
_pdbx_struct_oper_list.type                 'identity operation' 
_pdbx_struct_oper_list.name                 1_555 
_pdbx_struct_oper_list.symmetry_operation   x,y,z 
_pdbx_struct_oper_list.matrix[1][1]         1.0000000000 
_pdbx_struct_oper_list.matrix[1][2]         0.0000000000 
_pdbx_struct_oper_list.matrix[1][3]         0.0000000000 
_pdbx_struct_oper_list.vector[1]            0.0000000000 
_pdbx_struct_oper_list.matrix[2][1]         0.0000000000 
_pdbx_struct_oper_list.matrix[2][2]         1.0000000000 
_pdbx_struct_oper_list.matrix[2][3]         0.0000000000 
_pdbx_struct_oper_list.vector[2]            0.0000000000 
_pdbx_struct_oper_list.matrix[3][1]         0.0000000000 
_pdbx_struct_oper_list.matrix[3][2]         0.0000000000 
_pdbx_struct_oper_list.matrix[3][3]         1.0000000000 
_pdbx_struct_oper_list.vector[3]            0.0000000000 
# 
loop_
_pdbx_audit_revision_history.ordinal 
_pdbx_audit_revision_history.data_content_type 
_pdbx_audit_revision_history.major_revision 
_pdbx_audit_revision_history.minor_revision 
_pdbx_audit_revision_history.revision_date 
1 'Structure model' 1 0 2006-05-24 
2 'Structure model' 1 1 2011-05-08 
3 'Structure model' 1 2 2011-07-13 
4 'Structure model' 1 3 2019-05-08 
5 'Structure model' 1 4 2019-07-24 
6 'Structure model' 2 0 2020-07-29 
7 'Structure model' 2 1 2023-12-13 
# 
loop_
_pdbx_audit_revision_details.ordinal 
_pdbx_audit_revision_details.revision_ordinal 
_pdbx_audit_revision_details.data_content_type 
_pdbx_audit_revision_details.provider 
_pdbx_audit_revision_details.type 
_pdbx_audit_revision_details.description 
_pdbx_audit_revision_details.details 
1 1 'Structure model' repository 'Initial release' ?                          ? 
2 6 'Structure model' repository Remediation       'Carbohydrate remediation' ? 
# 
loop_
_pdbx_audit_revision_group.ordinal 
_pdbx_audit_revision_group.revision_ordinal 
_pdbx_audit_revision_group.data_content_type 
_pdbx_audit_revision_group.group 
1  2 'Structure model' 'Version format compliance' 
2  3 'Structure model' 'Version format compliance' 
3  4 'Structure model' 'Data collection'           
4  4 'Structure model' 'Experimental preparation'  
5  4 'Structure model' Other                       
6  5 'Structure model' 'Data collection'           
7  6 'Structure model' 'Atomic model'              
8  6 'Structure model' 'Data collection'           
9  6 'Structure model' 'Derived calculations'      
10 6 'Structure model' 'Non-polymer description'   
11 6 'Structure model' Other                       
12 6 'Structure model' 'Structure summary'         
13 7 'Structure model' 'Data collection'           
14 7 'Structure model' 'Database references'       
15 7 'Structure model' 'Refinement description'    
16 7 'Structure model' 'Structure summary'         
# 
loop_
_pdbx_audit_revision_category.ordinal 
_pdbx_audit_revision_category.revision_ordinal 
_pdbx_audit_revision_category.data_content_type 
_pdbx_audit_revision_category.category 
1  4 'Structure model' database_PDB_rev              
2  4 'Structure model' database_PDB_rev_record       
3  4 'Structure model' exptl_crystal_grow            
4  4 'Structure model' pdbx_database_proc            
5  4 'Structure model' pdbx_database_status          
6  5 'Structure model' diffrn_source                 
7  6 'Structure model' atom_site                     
8  6 'Structure model' chem_comp                     
9  6 'Structure model' entity                        
10 6 'Structure model' pdbx_branch_scheme            
11 6 'Structure model' pdbx_chem_comp_identifier     
12 6 'Structure model' pdbx_database_status          
13 6 'Structure model' pdbx_entity_branch            
14 6 'Structure model' pdbx_entity_branch_descriptor 
15 6 'Structure model' pdbx_entity_branch_link       
16 6 'Structure model' pdbx_entity_branch_list       
17 6 'Structure model' pdbx_entity_nonpoly           
18 6 'Structure model' pdbx_nonpoly_scheme           
19 6 'Structure model' struct_conn                   
20 6 'Structure model' struct_site                   
21 6 'Structure model' struct_site_gen               
22 7 'Structure model' chem_comp                     
23 7 'Structure model' chem_comp_atom                
24 7 'Structure model' chem_comp_bond                
25 7 'Structure model' database_2                    
26 7 'Structure model' pdbx_initial_refinement_model 
# 
loop_
_pdbx_audit_revision_item.ordinal 
_pdbx_audit_revision_item.revision_ordinal 
_pdbx_audit_revision_item.data_content_type 
_pdbx_audit_revision_item.item 
1  4 'Structure model' '_exptl_crystal_grow.method'                  
2  4 'Structure model' '_pdbx_database_status.recvd_author_approval' 
3  5 'Structure model' '_diffrn_source.pdbx_synchrotron_site'        
4  6 'Structure model' '_atom_site.B_iso_or_equiv'                   
5  6 'Structure model' '_atom_site.Cartn_x'                          
6  6 'Structure model' '_atom_site.Cartn_y'                          
7  6 'Structure model' '_atom_site.Cartn_z'                          
8  6 'Structure model' '_atom_site.auth_asym_id'                     
9  6 'Structure model' '_atom_site.auth_atom_id'                     
10 6 'Structure model' '_atom_site.auth_comp_id'                     
11 6 'Structure model' '_atom_site.auth_seq_id'                      
12 6 'Structure model' '_atom_site.label_atom_id'                    
13 6 'Structure model' '_atom_site.label_comp_id'                    
14 6 'Structure model' '_chem_comp.formula'                          
15 6 'Structure model' '_chem_comp.formula_weight'                   
16 6 'Structure model' '_chem_comp.id'                               
17 6 'Structure model' '_chem_comp.mon_nstd_flag'                    
18 6 'Structure model' '_chem_comp.name'                             
19 6 'Structure model' '_chem_comp.type'                             
20 6 'Structure model' '_entity.formula_weight'                      
21 6 'Structure model' '_entity.pdbx_description'                    
22 6 'Structure model' '_entity.type'                                
23 6 'Structure model' '_pdbx_database_status.status_code_sf'        
24 7 'Structure model' '_chem_comp.pdbx_synonyms'                    
25 7 'Structure model' '_database_2.pdbx_DOI'                        
26 7 'Structure model' '_database_2.pdbx_database_accession'         
# 
loop_
_software.name 
_software.classification 
_software.version 
_software.citation_id 
_software.pdbx_ordinal 
CNS       refinement       1.1 ? 1 
DENZO     'data reduction' .   ? 2 
SCALEPACK 'data scaling'   .   ? 3 
PHASER    phasing          .   ? 4 
# 
_pdbx_database_remark.id     700 
_pdbx_database_remark.text   
;
SHEET
THE SHEET STRUCTURE OF THIS MOLECULE IS BIFURCATED. IN
ORDER TO REPRESENT THIS FEATURE IN THE SHEET RECORDS BELOW,
TWO SHEETS ARE DEFINED.
;
# 
_pdbx_entry_details.entry_id                 2BS7 
_pdbx_entry_details.compound_details         ? 
_pdbx_entry_details.source_details           ? 
_pdbx_entry_details.nonpolymer_details       ? 
_pdbx_entry_details.sequence_details         'THR176 NOT VISIBLE IN THE ELECTRON DENSITY' 
_pdbx_entry_details.has_ligand_of_interest   ? 
# 
_pdbx_validate_close_contact.id               1 
_pdbx_validate_close_contact.PDB_model_num    1 
_pdbx_validate_close_contact.auth_atom_id_1   SG 
_pdbx_validate_close_contact.auth_asym_id_1   1 
_pdbx_validate_close_contact.auth_comp_id_1   CYS 
_pdbx_validate_close_contact.auth_seq_id_1    53 
_pdbx_validate_close_contact.PDB_ins_code_1   ? 
_pdbx_validate_close_contact.label_alt_id_1   ? 
_pdbx_validate_close_contact.auth_atom_id_2   OG 
_pdbx_validate_close_contact.auth_asym_id_2   1 
_pdbx_validate_close_contact.auth_comp_id_2   SER 
_pdbx_validate_close_contact.auth_seq_id_2    110 
_pdbx_validate_close_contact.PDB_ins_code_2   ? 
_pdbx_validate_close_contact.label_alt_id_2   ? 
_pdbx_validate_close_contact.dist             2.12 
# 
loop_
_pdbx_validate_torsion.id 
_pdbx_validate_torsion.PDB_model_num 
_pdbx_validate_torsion.auth_comp_id 
_pdbx_validate_torsion.auth_asym_id 
_pdbx_validate_torsion.auth_seq_id 
_pdbx_validate_torsion.PDB_ins_code 
_pdbx_validate_torsion.label_alt_id 
_pdbx_validate_torsion.phi 
_pdbx_validate_torsion.psi 
1 1 MET 1 25  ? ? 76.74 30.13  
2 1 ALA 1 136 ? ? 69.34 -19.88 
# 
_pdbx_unobs_or_zero_occ_atoms.id               1 
_pdbx_unobs_or_zero_occ_atoms.PDB_model_num    1 
_pdbx_unobs_or_zero_occ_atoms.polymer_flag     Y 
_pdbx_unobs_or_zero_occ_atoms.occupancy_flag   1 
_pdbx_unobs_or_zero_occ_atoms.auth_asym_id     1 
_pdbx_unobs_or_zero_occ_atoms.auth_comp_id     SER 
_pdbx_unobs_or_zero_occ_atoms.auth_seq_id      134 
_pdbx_unobs_or_zero_occ_atoms.PDB_ins_code     ? 
_pdbx_unobs_or_zero_occ_atoms.auth_atom_id     OG 
_pdbx_unobs_or_zero_occ_atoms.label_alt_id     ? 
_pdbx_unobs_or_zero_occ_atoms.label_asym_id    A 
_pdbx_unobs_or_zero_occ_atoms.label_comp_id    SER 
_pdbx_unobs_or_zero_occ_atoms.label_seq_id     133 
_pdbx_unobs_or_zero_occ_atoms.label_atom_id    OG 
# 
loop_
_chem_comp_atom.comp_id 
_chem_comp_atom.atom_id 
_chem_comp_atom.type_symbol 
_chem_comp_atom.pdbx_aromatic_flag 
_chem_comp_atom.pdbx_stereo_config 
_chem_comp_atom.pdbx_ordinal 
ALA N    N N N 1   
ALA CA   C N S 2   
ALA C    C N N 3   
ALA O    O N N 4   
ALA CB   C N N 5   
ALA OXT  O N N 6   
ALA H    H N N 7   
ALA H2   H N N 8   
ALA HA   H N N 9   
ALA HB1  H N N 10  
ALA HB2  H N N 11  
ALA HB3  H N N 12  
ALA HXT  H N N 13  
ARG N    N N N 14  
ARG CA   C N S 15  
ARG C    C N N 16  
ARG O    O N N 17  
ARG CB   C N N 18  
ARG CG   C N N 19  
ARG CD   C N N 20  
ARG NE   N N N 21  
ARG CZ   C N N 22  
ARG NH1  N N N 23  
ARG NH2  N N N 24  
ARG OXT  O N N 25  
ARG H    H N N 26  
ARG H2   H N N 27  
ARG HA   H N N 28  
ARG HB2  H N N 29  
ARG HB3  H N N 30  
ARG HG2  H N N 31  
ARG HG3  H N N 32  
ARG HD2  H N N 33  
ARG HD3  H N N 34  
ARG HE   H N N 35  
ARG HH11 H N N 36  
ARG HH12 H N N 37  
ARG HH21 H N N 38  
ARG HH22 H N N 39  
ARG HXT  H N N 40  
ASN N    N N N 41  
ASN CA   C N S 42  
ASN C    C N N 43  
ASN O    O N N 44  
ASN CB   C N N 45  
ASN CG   C N N 46  
ASN OD1  O N N 47  
ASN ND2  N N N 48  
ASN OXT  O N N 49  
ASN H    H N N 50  
ASN H2   H N N 51  
ASN HA   H N N 52  
ASN HB2  H N N 53  
ASN HB3  H N N 54  
ASN HD21 H N N 55  
ASN HD22 H N N 56  
ASN HXT  H N N 57  
ASP N    N N N 58  
ASP CA   C N S 59  
ASP C    C N N 60  
ASP O    O N N 61  
ASP CB   C N N 62  
ASP CG   C N N 63  
ASP OD1  O N N 64  
ASP OD2  O N N 65  
ASP OXT  O N N 66  
ASP H    H N N 67  
ASP H2   H N N 68  
ASP HA   H N N 69  
ASP HB2  H N N 70  
ASP HB3  H N N 71  
ASP HD2  H N N 72  
ASP HXT  H N N 73  
CYS N    N N N 74  
CYS CA   C N R 75  
CYS C    C N N 76  
CYS O    O N N 77  
CYS CB   C N N 78  
CYS SG   S N N 79  
CYS OXT  O N N 80  
CYS H    H N N 81  
CYS H2   H N N 82  
CYS HA   H N N 83  
CYS HB2  H N N 84  
CYS HB3  H N N 85  
CYS HG   H N N 86  
CYS HXT  H N N 87  
GLN N    N N N 88  
GLN CA   C N S 89  
GLN C    C N N 90  
GLN O    O N N 91  
GLN CB   C N N 92  
GLN CG   C N N 93  
GLN CD   C N N 94  
GLN OE1  O N N 95  
GLN NE2  N N N 96  
GLN OXT  O N N 97  
GLN H    H N N 98  
GLN H2   H N N 99  
GLN HA   H N N 100 
GLN HB2  H N N 101 
GLN HB3  H N N 102 
GLN HG2  H N N 103 
GLN HG3  H N N 104 
GLN HE21 H N N 105 
GLN HE22 H N N 106 
GLN HXT  H N N 107 
GLU N    N N N 108 
GLU CA   C N S 109 
GLU C    C N N 110 
GLU O    O N N 111 
GLU CB   C N N 112 
GLU CG   C N N 113 
GLU CD   C N N 114 
GLU OE1  O N N 115 
GLU OE2  O N N 116 
GLU OXT  O N N 117 
GLU H    H N N 118 
GLU H2   H N N 119 
GLU HA   H N N 120 
GLU HB2  H N N 121 
GLU HB3  H N N 122 
GLU HG2  H N N 123 
GLU HG3  H N N 124 
GLU HE2  H N N 125 
GLU HXT  H N N 126 
GLY N    N N N 127 
GLY CA   C N N 128 
GLY C    C N N 129 
GLY O    O N N 130 
GLY OXT  O N N 131 
GLY H    H N N 132 
GLY H2   H N N 133 
GLY HA2  H N N 134 
GLY HA3  H N N 135 
GLY HXT  H N N 136 
HIS N    N N N 137 
HIS CA   C N S 138 
HIS C    C N N 139 
HIS O    O N N 140 
HIS CB   C N N 141 
HIS CG   C Y N 142 
HIS ND1  N Y N 143 
HIS CD2  C Y N 144 
HIS CE1  C Y N 145 
HIS NE2  N Y N 146 
HIS OXT  O N N 147 
HIS H    H N N 148 
HIS H2   H N N 149 
HIS HA   H N N 150 
HIS HB2  H N N 151 
HIS HB3  H N N 152 
HIS HD1  H N N 153 
HIS HD2  H N N 154 
HIS HE1  H N N 155 
HIS HE2  H N N 156 
HIS HXT  H N N 157 
HOH O    O N N 158 
HOH H1   H N N 159 
HOH H2   H N N 160 
ILE N    N N N 161 
ILE CA   C N S 162 
ILE C    C N N 163 
ILE O    O N N 164 
ILE CB   C N S 165 
ILE CG1  C N N 166 
ILE CG2  C N N 167 
ILE CD1  C N N 168 
ILE OXT  O N N 169 
ILE H    H N N 170 
ILE H2   H N N 171 
ILE HA   H N N 172 
ILE HB   H N N 173 
ILE HG12 H N N 174 
ILE HG13 H N N 175 
ILE HG21 H N N 176 
ILE HG22 H N N 177 
ILE HG23 H N N 178 
ILE HD11 H N N 179 
ILE HD12 H N N 180 
ILE HD13 H N N 181 
ILE HXT  H N N 182 
LEU N    N N N 183 
LEU CA   C N S 184 
LEU C    C N N 185 
LEU O    O N N 186 
LEU CB   C N N 187 
LEU CG   C N N 188 
LEU CD1  C N N 189 
LEU CD2  C N N 190 
LEU OXT  O N N 191 
LEU H    H N N 192 
LEU H2   H N N 193 
LEU HA   H N N 194 
LEU HB2  H N N 195 
LEU HB3  H N N 196 
LEU HG   H N N 197 
LEU HD11 H N N 198 
LEU HD12 H N N 199 
LEU HD13 H N N 200 
LEU HD21 H N N 201 
LEU HD22 H N N 202 
LEU HD23 H N N 203 
LEU HXT  H N N 204 
LYS N    N N N 205 
LYS CA   C N S 206 
LYS C    C N N 207 
LYS O    O N N 208 
LYS CB   C N N 209 
LYS CG   C N N 210 
LYS CD   C N N 211 
LYS CE   C N N 212 
LYS NZ   N N N 213 
LYS OXT  O N N 214 
LYS H    H N N 215 
LYS H2   H N N 216 
LYS HA   H N N 217 
LYS HB2  H N N 218 
LYS HB3  H N N 219 
LYS HG2  H N N 220 
LYS HG3  H N N 221 
LYS HD2  H N N 222 
LYS HD3  H N N 223 
LYS HE2  H N N 224 
LYS HE3  H N N 225 
LYS HZ1  H N N 226 
LYS HZ2  H N N 227 
LYS HZ3  H N N 228 
LYS HXT  H N N 229 
MET N    N N N 230 
MET CA   C N S 231 
MET C    C N N 232 
MET O    O N N 233 
MET CB   C N N 234 
MET CG   C N N 235 
MET SD   S N N 236 
MET CE   C N N 237 
MET OXT  O N N 238 
MET H    H N N 239 
MET H2   H N N 240 
MET HA   H N N 241 
MET HB2  H N N 242 
MET HB3  H N N 243 
MET HG2  H N N 244 
MET HG3  H N N 245 
MET HE1  H N N 246 
MET HE2  H N N 247 
MET HE3  H N N 248 
MET HXT  H N N 249 
NAG C1   C N R 250 
NAG C2   C N R 251 
NAG C3   C N R 252 
NAG C4   C N S 253 
NAG C5   C N R 254 
NAG C6   C N N 255 
NAG C7   C N N 256 
NAG C8   C N N 257 
NAG N2   N N N 258 
NAG O1   O N N 259 
NAG O3   O N N 260 
NAG O4   O N N 261 
NAG O5   O N N 262 
NAG O6   O N N 263 
NAG O7   O N N 264 
NAG H1   H N N 265 
NAG H2   H N N 266 
NAG H3   H N N 267 
NAG H4   H N N 268 
NAG H5   H N N 269 
NAG H61  H N N 270 
NAG H62  H N N 271 
NAG H81  H N N 272 
NAG H82  H N N 273 
NAG H83  H N N 274 
NAG HN2  H N N 275 
NAG HO1  H N N 276 
NAG HO3  H N N 277 
NAG HO4  H N N 278 
NAG HO6  H N N 279 
PHE N    N N N 280 
PHE CA   C N S 281 
PHE C    C N N 282 
PHE O    O N N 283 
PHE CB   C N N 284 
PHE CG   C Y N 285 
PHE CD1  C Y N 286 
PHE CD2  C Y N 287 
PHE CE1  C Y N 288 
PHE CE2  C Y N 289 
PHE CZ   C Y N 290 
PHE OXT  O N N 291 
PHE H    H N N 292 
PHE H2   H N N 293 
PHE HA   H N N 294 
PHE HB2  H N N 295 
PHE HB3  H N N 296 
PHE HD1  H N N 297 
PHE HD2  H N N 298 
PHE HE1  H N N 299 
PHE HE2  H N N 300 
PHE HZ   H N N 301 
PHE HXT  H N N 302 
PRO N    N N N 303 
PRO CA   C N S 304 
PRO C    C N N 305 
PRO O    O N N 306 
PRO CB   C N N 307 
PRO CG   C N N 308 
PRO CD   C N N 309 
PRO OXT  O N N 310 
PRO H    H N N 311 
PRO HA   H N N 312 
PRO HB2  H N N 313 
PRO HB3  H N N 314 
PRO HG2  H N N 315 
PRO HG3  H N N 316 
PRO HD2  H N N 317 
PRO HD3  H N N 318 
PRO HXT  H N N 319 
SER N    N N N 320 
SER CA   C N S 321 
SER C    C N N 322 
SER O    O N N 323 
SER CB   C N N 324 
SER OG   O N N 325 
SER OXT  O N N 326 
SER H    H N N 327 
SER H2   H N N 328 
SER HA   H N N 329 
SER HB2  H N N 330 
SER HB3  H N N 331 
SER HG   H N N 332 
SER HXT  H N N 333 
THR N    N N N 334 
THR CA   C N S 335 
THR C    C N N 336 
THR O    O N N 337 
THR CB   C N R 338 
THR OG1  O N N 339 
THR CG2  C N N 340 
THR OXT  O N N 341 
THR H    H N N 342 
THR H2   H N N 343 
THR HA   H N N 344 
THR HB   H N N 345 
THR HG1  H N N 346 
THR HG21 H N N 347 
THR HG22 H N N 348 
THR HG23 H N N 349 
THR HXT  H N N 350 
TRP N    N N N 351 
TRP CA   C N S 352 
TRP C    C N N 353 
TRP O    O N N 354 
TRP CB   C N N 355 
TRP CG   C Y N 356 
TRP CD1  C Y N 357 
TRP CD2  C Y N 358 
TRP NE1  N Y N 359 
TRP CE2  C Y N 360 
TRP CE3  C Y N 361 
TRP CZ2  C Y N 362 
TRP CZ3  C Y N 363 
TRP CH2  C Y N 364 
TRP OXT  O N N 365 
TRP H    H N N 366 
TRP H2   H N N 367 
TRP HA   H N N 368 
TRP HB2  H N N 369 
TRP HB3  H N N 370 
TRP HD1  H N N 371 
TRP HE1  H N N 372 
TRP HE3  H N N 373 
TRP HZ2  H N N 374 
TRP HZ3  H N N 375 
TRP HH2  H N N 376 
TRP HXT  H N N 377 
TYR N    N N N 378 
TYR CA   C N S 379 
TYR C    C N N 380 
TYR O    O N N 381 
TYR CB   C N N 382 
TYR CG   C Y N 383 
TYR CD1  C Y N 384 
TYR CD2  C Y N 385 
TYR CE1  C Y N 386 
TYR CE2  C Y N 387 
TYR CZ   C Y N 388 
TYR OH   O N N 389 
TYR OXT  O N N 390 
TYR H    H N N 391 
TYR H2   H N N 392 
TYR HA   H N N 393 
TYR HB2  H N N 394 
TYR HB3  H N N 395 
TYR HD1  H N N 396 
TYR HD2  H N N 397 
TYR HE1  H N N 398 
TYR HE2  H N N 399 
TYR HH   H N N 400 
TYR HXT  H N N 401 
VAL N    N N N 402 
VAL CA   C N S 403 
VAL C    C N N 404 
VAL O    O N N 405 
VAL CB   C N N 406 
VAL CG1  C N N 407 
VAL CG2  C N N 408 
VAL OXT  O N N 409 
VAL H    H N N 410 
VAL H2   H N N 411 
VAL HA   H N N 412 
VAL HB   H N N 413 
VAL HG11 H N N 414 
VAL HG12 H N N 415 
VAL HG13 H N N 416 
VAL HG21 H N N 417 
VAL HG22 H N N 418 
VAL HG23 H N N 419 
VAL HXT  H N N 420 
# 
loop_
_chem_comp_bond.comp_id 
_chem_comp_bond.atom_id_1 
_chem_comp_bond.atom_id_2 
_chem_comp_bond.value_order 
_chem_comp_bond.pdbx_aromatic_flag 
_chem_comp_bond.pdbx_stereo_config 
_chem_comp_bond.pdbx_ordinal 
ALA N   CA   sing N N 1   
ALA N   H    sing N N 2   
ALA N   H2   sing N N 3   
ALA CA  C    sing N N 4   
ALA CA  CB   sing N N 5   
ALA CA  HA   sing N N 6   
ALA C   O    doub N N 7   
ALA C   OXT  sing N N 8   
ALA CB  HB1  sing N N 9   
ALA CB  HB2  sing N N 10  
ALA CB  HB3  sing N N 11  
ALA OXT HXT  sing N N 12  
ARG N   CA   sing N N 13  
ARG N   H    sing N N 14  
ARG N   H2   sing N N 15  
ARG CA  C    sing N N 16  
ARG CA  CB   sing N N 17  
ARG CA  HA   sing N N 18  
ARG C   O    doub N N 19  
ARG C   OXT  sing N N 20  
ARG CB  CG   sing N N 21  
ARG CB  HB2  sing N N 22  
ARG CB  HB3  sing N N 23  
ARG CG  CD   sing N N 24  
ARG CG  HG2  sing N N 25  
ARG CG  HG3  sing N N 26  
ARG CD  NE   sing N N 27  
ARG CD  HD2  sing N N 28  
ARG CD  HD3  sing N N 29  
ARG NE  CZ   sing N N 30  
ARG NE  HE   sing N N 31  
ARG CZ  NH1  sing N N 32  
ARG CZ  NH2  doub N N 33  
ARG NH1 HH11 sing N N 34  
ARG NH1 HH12 sing N N 35  
ARG NH2 HH21 sing N N 36  
ARG NH2 HH22 sing N N 37  
ARG OXT HXT  sing N N 38  
ASN N   CA   sing N N 39  
ASN N   H    sing N N 40  
ASN N   H2   sing N N 41  
ASN CA  C    sing N N 42  
ASN CA  CB   sing N N 43  
ASN CA  HA   sing N N 44  
ASN C   O    doub N N 45  
ASN C   OXT  sing N N 46  
ASN CB  CG   sing N N 47  
ASN CB  HB2  sing N N 48  
ASN CB  HB3  sing N N 49  
ASN CG  OD1  doub N N 50  
ASN CG  ND2  sing N N 51  
ASN ND2 HD21 sing N N 52  
ASN ND2 HD22 sing N N 53  
ASN OXT HXT  sing N N 54  
ASP N   CA   sing N N 55  
ASP N   H    sing N N 56  
ASP N   H2   sing N N 57  
ASP CA  C    sing N N 58  
ASP CA  CB   sing N N 59  
ASP CA  HA   sing N N 60  
ASP C   O    doub N N 61  
ASP C   OXT  sing N N 62  
ASP CB  CG   sing N N 63  
ASP CB  HB2  sing N N 64  
ASP CB  HB3  sing N N 65  
ASP CG  OD1  doub N N 66  
ASP CG  OD2  sing N N 67  
ASP OD2 HD2  sing N N 68  
ASP OXT HXT  sing N N 69  
CYS N   CA   sing N N 70  
CYS N   H    sing N N 71  
CYS N   H2   sing N N 72  
CYS CA  C    sing N N 73  
CYS CA  CB   sing N N 74  
CYS CA  HA   sing N N 75  
CYS C   O    doub N N 76  
CYS C   OXT  sing N N 77  
CYS CB  SG   sing N N 78  
CYS CB  HB2  sing N N 79  
CYS CB  HB3  sing N N 80  
CYS SG  HG   sing N N 81  
CYS OXT HXT  sing N N 82  
GLN N   CA   sing N N 83  
GLN N   H    sing N N 84  
GLN N   H2   sing N N 85  
GLN CA  C    sing N N 86  
GLN CA  CB   sing N N 87  
GLN CA  HA   sing N N 88  
GLN C   O    doub N N 89  
GLN C   OXT  sing N N 90  
GLN CB  CG   sing N N 91  
GLN CB  HB2  sing N N 92  
GLN CB  HB3  sing N N 93  
GLN CG  CD   sing N N 94  
GLN CG  HG2  sing N N 95  
GLN CG  HG3  sing N N 96  
GLN CD  OE1  doub N N 97  
GLN CD  NE2  sing N N 98  
GLN NE2 HE21 sing N N 99  
GLN NE2 HE22 sing N N 100 
GLN OXT HXT  sing N N 101 
GLU N   CA   sing N N 102 
GLU N   H    sing N N 103 
GLU N   H2   sing N N 104 
GLU CA  C    sing N N 105 
GLU CA  CB   sing N N 106 
GLU CA  HA   sing N N 107 
GLU C   O    doub N N 108 
GLU C   OXT  sing N N 109 
GLU CB  CG   sing N N 110 
GLU CB  HB2  sing N N 111 
GLU CB  HB3  sing N N 112 
GLU CG  CD   sing N N 113 
GLU CG  HG2  sing N N 114 
GLU CG  HG3  sing N N 115 
GLU CD  OE1  doub N N 116 
GLU CD  OE2  sing N N 117 
GLU OE2 HE2  sing N N 118 
GLU OXT HXT  sing N N 119 
GLY N   CA   sing N N 120 
GLY N   H    sing N N 121 
GLY N   H2   sing N N 122 
GLY CA  C    sing N N 123 
GLY CA  HA2  sing N N 124 
GLY CA  HA3  sing N N 125 
GLY C   O    doub N N 126 
GLY C   OXT  sing N N 127 
GLY OXT HXT  sing N N 128 
HIS N   CA   sing N N 129 
HIS N   H    sing N N 130 
HIS N   H2   sing N N 131 
HIS CA  C    sing N N 132 
HIS CA  CB   sing N N 133 
HIS CA  HA   sing N N 134 
HIS C   O    doub N N 135 
HIS C   OXT  sing N N 136 
HIS CB  CG   sing N N 137 
HIS CB  HB2  sing N N 138 
HIS CB  HB3  sing N N 139 
HIS CG  ND1  sing Y N 140 
HIS CG  CD2  doub Y N 141 
HIS ND1 CE1  doub Y N 142 
HIS ND1 HD1  sing N N 143 
HIS CD2 NE2  sing Y N 144 
HIS CD2 HD2  sing N N 145 
HIS CE1 NE2  sing Y N 146 
HIS CE1 HE1  sing N N 147 
HIS NE2 HE2  sing N N 148 
HIS OXT HXT  sing N N 149 
HOH O   H1   sing N N 150 
HOH O   H2   sing N N 151 
ILE N   CA   sing N N 152 
ILE N   H    sing N N 153 
ILE N   H2   sing N N 154 
ILE CA  C    sing N N 155 
ILE CA  CB   sing N N 156 
ILE CA  HA   sing N N 157 
ILE C   O    doub N N 158 
ILE C   OXT  sing N N 159 
ILE CB  CG1  sing N N 160 
ILE CB  CG2  sing N N 161 
ILE CB  HB   sing N N 162 
ILE CG1 CD1  sing N N 163 
ILE CG1 HG12 sing N N 164 
ILE CG1 HG13 sing N N 165 
ILE CG2 HG21 sing N N 166 
ILE CG2 HG22 sing N N 167 
ILE CG2 HG23 sing N N 168 
ILE CD1 HD11 sing N N 169 
ILE CD1 HD12 sing N N 170 
ILE CD1 HD13 sing N N 171 
ILE OXT HXT  sing N N 172 
LEU N   CA   sing N N 173 
LEU N   H    sing N N 174 
LEU N   H2   sing N N 175 
LEU CA  C    sing N N 176 
LEU CA  CB   sing N N 177 
LEU CA  HA   sing N N 178 
LEU C   O    doub N N 179 
LEU C   OXT  sing N N 180 
LEU CB  CG   sing N N 181 
LEU CB  HB2  sing N N 182 
LEU CB  HB3  sing N N 183 
LEU CG  CD1  sing N N 184 
LEU CG  CD2  sing N N 185 
LEU CG  HG   sing N N 186 
LEU CD1 HD11 sing N N 187 
LEU CD1 HD12 sing N N 188 
LEU CD1 HD13 sing N N 189 
LEU CD2 HD21 sing N N 190 
LEU CD2 HD22 sing N N 191 
LEU CD2 HD23 sing N N 192 
LEU OXT HXT  sing N N 193 
LYS N   CA   sing N N 194 
LYS N   H    sing N N 195 
LYS N   H2   sing N N 196 
LYS CA  C    sing N N 197 
LYS CA  CB   sing N N 198 
LYS CA  HA   sing N N 199 
LYS C   O    doub N N 200 
LYS C   OXT  sing N N 201 
LYS CB  CG   sing N N 202 
LYS CB  HB2  sing N N 203 
LYS CB  HB3  sing N N 204 
LYS CG  CD   sing N N 205 
LYS CG  HG2  sing N N 206 
LYS CG  HG3  sing N N 207 
LYS CD  CE   sing N N 208 
LYS CD  HD2  sing N N 209 
LYS CD  HD3  sing N N 210 
LYS CE  NZ   sing N N 211 
LYS CE  HE2  sing N N 212 
LYS CE  HE3  sing N N 213 
LYS NZ  HZ1  sing N N 214 
LYS NZ  HZ2  sing N N 215 
LYS NZ  HZ3  sing N N 216 
LYS OXT HXT  sing N N 217 
MET N   CA   sing N N 218 
MET N   H    sing N N 219 
MET N   H2   sing N N 220 
MET CA  C    sing N N 221 
MET CA  CB   sing N N 222 
MET CA  HA   sing N N 223 
MET C   O    doub N N 224 
MET C   OXT  sing N N 225 
MET CB  CG   sing N N 226 
MET CB  HB2  sing N N 227 
MET CB  HB3  sing N N 228 
MET CG  SD   sing N N 229 
MET CG  HG2  sing N N 230 
MET CG  HG3  sing N N 231 
MET SD  CE   sing N N 232 
MET CE  HE1  sing N N 233 
MET CE  HE2  sing N N 234 
MET CE  HE3  sing N N 235 
MET OXT HXT  sing N N 236 
NAG C1  C2   sing N N 237 
NAG C1  O1   sing N N 238 
NAG C1  O5   sing N N 239 
NAG C1  H1   sing N N 240 
NAG C2  C3   sing N N 241 
NAG C2  N2   sing N N 242 
NAG C2  H2   sing N N 243 
NAG C3  C4   sing N N 244 
NAG C3  O3   sing N N 245 
NAG C3  H3   sing N N 246 
NAG C4  C5   sing N N 247 
NAG C4  O4   sing N N 248 
NAG C4  H4   sing N N 249 
NAG C5  C6   sing N N 250 
NAG C5  O5   sing N N 251 
NAG C5  H5   sing N N 252 
NAG C6  O6   sing N N 253 
NAG C6  H61  sing N N 254 
NAG C6  H62  sing N N 255 
NAG C7  C8   sing N N 256 
NAG C7  N2   sing N N 257 
NAG C7  O7   doub N N 258 
NAG C8  H81  sing N N 259 
NAG C8  H82  sing N N 260 
NAG C8  H83  sing N N 261 
NAG N2  HN2  sing N N 262 
NAG O1  HO1  sing N N 263 
NAG O3  HO3  sing N N 264 
NAG O4  HO4  sing N N 265 
NAG O6  HO6  sing N N 266 
PHE N   CA   sing N N 267 
PHE N   H    sing N N 268 
PHE N   H2   sing N N 269 
PHE CA  C    sing N N 270 
PHE CA  CB   sing N N 271 
PHE CA  HA   sing N N 272 
PHE C   O    doub N N 273 
PHE C   OXT  sing N N 274 
PHE CB  CG   sing N N 275 
PHE CB  HB2  sing N N 276 
PHE CB  HB3  sing N N 277 
PHE CG  CD1  doub Y N 278 
PHE CG  CD2  sing Y N 279 
PHE CD1 CE1  sing Y N 280 
PHE CD1 HD1  sing N N 281 
PHE CD2 CE2  doub Y N 282 
PHE CD2 HD2  sing N N 283 
PHE CE1 CZ   doub Y N 284 
PHE CE1 HE1  sing N N 285 
PHE CE2 CZ   sing Y N 286 
PHE CE2 HE2  sing N N 287 
PHE CZ  HZ   sing N N 288 
PHE OXT HXT  sing N N 289 
PRO N   CA   sing N N 290 
PRO N   CD   sing N N 291 
PRO N   H    sing N N 292 
PRO CA  C    sing N N 293 
PRO CA  CB   sing N N 294 
PRO CA  HA   sing N N 295 
PRO C   O    doub N N 296 
PRO C   OXT  sing N N 297 
PRO CB  CG   sing N N 298 
PRO CB  HB2  sing N N 299 
PRO CB  HB3  sing N N 300 
PRO CG  CD   sing N N 301 
PRO CG  HG2  sing N N 302 
PRO CG  HG3  sing N N 303 
PRO CD  HD2  sing N N 304 
PRO CD  HD3  sing N N 305 
PRO OXT HXT  sing N N 306 
SER N   CA   sing N N 307 
SER N   H    sing N N 308 
SER N   H2   sing N N 309 
SER CA  C    sing N N 310 
SER CA  CB   sing N N 311 
SER CA  HA   sing N N 312 
SER C   O    doub N N 313 
SER C   OXT  sing N N 314 
SER CB  OG   sing N N 315 
SER CB  HB2  sing N N 316 
SER CB  HB3  sing N N 317 
SER OG  HG   sing N N 318 
SER OXT HXT  sing N N 319 
THR N   CA   sing N N 320 
THR N   H    sing N N 321 
THR N   H2   sing N N 322 
THR CA  C    sing N N 323 
THR CA  CB   sing N N 324 
THR CA  HA   sing N N 325 
THR C   O    doub N N 326 
THR C   OXT  sing N N 327 
THR CB  OG1  sing N N 328 
THR CB  CG2  sing N N 329 
THR CB  HB   sing N N 330 
THR OG1 HG1  sing N N 331 
THR CG2 HG21 sing N N 332 
THR CG2 HG22 sing N N 333 
THR CG2 HG23 sing N N 334 
THR OXT HXT  sing N N 335 
TRP N   CA   sing N N 336 
TRP N   H    sing N N 337 
TRP N   H2   sing N N 338 
TRP CA  C    sing N N 339 
TRP CA  CB   sing N N 340 
TRP CA  HA   sing N N 341 
TRP C   O    doub N N 342 
TRP C   OXT  sing N N 343 
TRP CB  CG   sing N N 344 
TRP CB  HB2  sing N N 345 
TRP CB  HB3  sing N N 346 
TRP CG  CD1  doub Y N 347 
TRP CG  CD2  sing Y N 348 
TRP CD1 NE1  sing Y N 349 
TRP CD1 HD1  sing N N 350 
TRP CD2 CE2  doub Y N 351 
TRP CD2 CE3  sing Y N 352 
TRP NE1 CE2  sing Y N 353 
TRP NE1 HE1  sing N N 354 
TRP CE2 CZ2  sing Y N 355 
TRP CE3 CZ3  doub Y N 356 
TRP CE3 HE3  sing N N 357 
TRP CZ2 CH2  doub Y N 358 
TRP CZ2 HZ2  sing N N 359 
TRP CZ3 CH2  sing Y N 360 
TRP CZ3 HZ3  sing N N 361 
TRP CH2 HH2  sing N N 362 
TRP OXT HXT  sing N N 363 
TYR N   CA   sing N N 364 
TYR N   H    sing N N 365 
TYR N   H2   sing N N 366 
TYR CA  C    sing N N 367 
TYR CA  CB   sing N N 368 
TYR CA  HA   sing N N 369 
TYR C   O    doub N N 370 
TYR C   OXT  sing N N 371 
TYR CB  CG   sing N N 372 
TYR CB  HB2  sing N N 373 
TYR CB  HB3  sing N N 374 
TYR CG  CD1  doub Y N 375 
TYR CG  CD2  sing Y N 376 
TYR CD1 CE1  sing Y N 377 
TYR CD1 HD1  sing N N 378 
TYR CD2 CE2  doub Y N 379 
TYR CD2 HD2  sing N N 380 
TYR CE1 CZ   doub Y N 381 
TYR CE1 HE1  sing N N 382 
TYR CE2 CZ   sing Y N 383 
TYR CE2 HE2  sing N N 384 
TYR CZ  OH   sing N N 385 
TYR OH  HH   sing N N 386 
TYR OXT HXT  sing N N 387 
VAL N   CA   sing N N 388 
VAL N   H    sing N N 389 
VAL N   H2   sing N N 390 
VAL CA  C    sing N N 391 
VAL CA  CB   sing N N 392 
VAL CA  HA   sing N N 393 
VAL C   O    doub N N 394 
VAL C   OXT  sing N N 395 
VAL CB  CG1  sing N N 396 
VAL CB  CG2  sing N N 397 
VAL CB  HB   sing N N 398 
VAL CG1 HG11 sing N N 399 
VAL CG1 HG12 sing N N 400 
VAL CG1 HG13 sing N N 401 
VAL CG2 HG21 sing N N 402 
VAL CG2 HG22 sing N N 403 
VAL CG2 HG23 sing N N 404 
VAL OXT HXT  sing N N 405 
# 
loop_
_pdbx_branch_scheme.asym_id 
_pdbx_branch_scheme.entity_id 
_pdbx_branch_scheme.mon_id 
_pdbx_branch_scheme.num 
_pdbx_branch_scheme.pdb_asym_id 
_pdbx_branch_scheme.pdb_mon_id 
_pdbx_branch_scheme.pdb_seq_num 
_pdbx_branch_scheme.auth_asym_id 
_pdbx_branch_scheme.auth_mon_id 
_pdbx_branch_scheme.auth_seq_num 
_pdbx_branch_scheme.hetero 
B 2 NAG 1 A NAG 1 1 CBS 1178 n 
B 2 NAG 2 A NAG 2 1 CBS 1178 n 
# 
loop_
_pdbx_chem_comp_identifier.comp_id 
_pdbx_chem_comp_identifier.type 
_pdbx_chem_comp_identifier.program 
_pdbx_chem_comp_identifier.program_version 
_pdbx_chem_comp_identifier.identifier 
NAG 'CONDENSED IUPAC CARBOHYDRATE SYMBOL' GMML     1.0 DGlcpNAcb                      
NAG 'COMMON NAME'                         GMML     1.0 N-acetyl-b-D-glucopyranosamine 
NAG 'IUPAC CARBOHYDRATE SYMBOL'           PDB-CARE 1.0 b-D-GlcpNAc                    
NAG 'SNFG CARBOHYDRATE SYMBOL'            GMML     1.0 GlcNAc                         
# 
_pdbx_entity_branch.entity_id   2 
_pdbx_entity_branch.type        oligosaccharide 
# 
loop_
_pdbx_entity_branch_descriptor.ordinal 
_pdbx_entity_branch_descriptor.entity_id 
_pdbx_entity_branch_descriptor.descriptor 
_pdbx_entity_branch_descriptor.type 
_pdbx_entity_branch_descriptor.program 
_pdbx_entity_branch_descriptor.program_version 
1 2 DGlcpNAcb1-4DGlcpNAcb1-ROH                            'Glycam Condensed Sequence' GMML       1.0   
2 2 'WURCS=2.0/1,2,1/[a2122h-1b_1-5_2*NCC/3=O]/1-1/a4-b1' WURCS                       PDB2Glycan 1.1.0 
3 2 '[][b-D-GlcpNAc]{[(4+1)][b-D-GlcpNAc]{}}'             LINUCS                      PDB-CARE   ?     
# 
_pdbx_entity_branch_link.link_id                    1 
_pdbx_entity_branch_link.entity_id                  2 
_pdbx_entity_branch_link.entity_branch_list_num_1   2 
_pdbx_entity_branch_link.comp_id_1                  NAG 
_pdbx_entity_branch_link.atom_id_1                  C1 
_pdbx_entity_branch_link.leaving_atom_id_1          O1 
_pdbx_entity_branch_link.entity_branch_list_num_2   1 
_pdbx_entity_branch_link.comp_id_2                  NAG 
_pdbx_entity_branch_link.atom_id_2                  O4 
_pdbx_entity_branch_link.leaving_atom_id_2          HO4 
_pdbx_entity_branch_link.value_order                sing 
_pdbx_entity_branch_link.details                    ? 
# 
loop_
_pdbx_entity_branch_list.entity_id 
_pdbx_entity_branch_list.comp_id 
_pdbx_entity_branch_list.num 
_pdbx_entity_branch_list.hetero 
2 NAG 1 n 
2 NAG 2 n 
# 
_pdbx_entity_nonpoly.entity_id   3 
_pdbx_entity_nonpoly.name        water 
_pdbx_entity_nonpoly.comp_id     HOH 
# 
_pdbx_initial_refinement_model.id               1 
_pdbx_initial_refinement_model.entity_id_list   ? 
_pdbx_initial_refinement_model.type             'experimental model' 
_pdbx_initial_refinement_model.source_name      PDB 
_pdbx_initial_refinement_model.accession_code   1O9W 
_pdbx_initial_refinement_model.details          'PDB ENTRY 1O9W' 
# 
